data_1V5O
#
_entry.id   1V5O
#
_cell.length_a   1.000
_cell.length_b   1.000
_cell.length_c   1.000
_cell.angle_alpha   90.00
_cell.angle_beta   90.00
_cell.angle_gamma   90.00
#
_symmetry.space_group_name_H-M   'P 1'
#
_entity_poly.entity_id   1
_entity_poly.type   'polypeptide(L)'
_entity_poly.pdbx_seq_one_letter_code
;GSSGSSGMLITVYCVRRDLTEVTFSLQVNPDFELSNFRVLCELESGVPAEEAQIVYMEQLLTDDHCSLGSYGLKDGDMVV
LLQKDNVGLRTPGRTPSGPSSG
;
_entity_poly.pdbx_strand_id   A
#
# COMPACT_ATOMS: atom_id res chain seq x y z
N GLY A 1 -26.48 2.44 -5.02
CA GLY A 1 -26.28 1.86 -3.70
C GLY A 1 -25.87 2.93 -2.69
N SER A 2 -24.65 2.78 -2.19
CA SER A 2 -24.12 3.73 -1.22
C SER A 2 -22.72 4.18 -1.65
N SER A 3 -22.33 5.36 -1.16
CA SER A 3 -21.03 5.91 -1.48
C SER A 3 -20.21 6.08 -0.21
N GLY A 4 -20.76 6.84 0.72
CA GLY A 4 -20.09 7.09 1.98
C GLY A 4 -20.46 8.47 2.54
N SER A 5 -19.44 9.25 2.83
CA SER A 5 -19.64 10.59 3.38
C SER A 5 -18.30 11.33 3.46
N SER A 6 -17.37 10.71 4.18
CA SER A 6 -16.05 11.29 4.36
C SER A 6 -15.00 10.46 3.61
N GLY A 7 -14.01 11.15 3.07
CA GLY A 7 -12.95 10.49 2.33
C GLY A 7 -11.92 11.50 1.83
N MET A 8 -10.79 10.97 1.39
CA MET A 8 -9.71 11.81 0.88
C MET A 8 -9.10 11.21 -0.38
N LEU A 9 -8.79 12.09 -1.32
CA LEU A 9 -8.20 11.66 -2.57
C LEU A 9 -6.71 11.35 -2.35
N ILE A 10 -6.32 10.16 -2.80
CA ILE A 10 -4.93 9.74 -2.65
C ILE A 10 -4.39 9.32 -4.02
N THR A 11 -3.51 10.17 -4.55
CA THR A 11 -2.91 9.90 -5.85
C THR A 11 -1.67 9.02 -5.69
N VAL A 12 -1.62 7.98 -6.52
CA VAL A 12 -0.50 7.05 -6.48
C VAL A 12 0.27 7.13 -7.80
N TYR A 13 1.58 7.00 -7.69
CA TYR A 13 2.45 7.06 -8.87
C TYR A 13 3.43 5.89 -8.89
N CYS A 14 3.13 4.92 -9.74
CA CYS A 14 3.99 3.75 -9.85
C CYS A 14 5.23 4.13 -10.65
N VAL A 15 6.32 3.44 -10.38
CA VAL A 15 7.57 3.70 -11.06
C VAL A 15 8.04 2.42 -11.77
N ARG A 16 8.95 1.72 -11.11
CA ARG A 16 9.48 0.48 -11.66
C ARG A 16 8.38 -0.29 -12.38
N ARG A 17 7.71 -1.16 -11.62
CA ARG A 17 6.64 -1.97 -12.17
C ARG A 17 7.18 -2.88 -13.27
N ASP A 18 8.50 -2.98 -13.33
CA ASP A 18 9.14 -3.82 -14.33
C ASP A 18 9.01 -3.16 -15.71
N LEU A 19 9.15 -1.83 -15.71
CA LEU A 19 9.04 -1.08 -16.94
C LEU A 19 7.57 -0.92 -17.31
N THR A 20 6.95 0.10 -16.73
CA THR A 20 5.55 0.37 -16.99
C THR A 20 5.18 1.77 -16.49
N GLU A 21 5.30 1.96 -15.19
CA GLU A 21 4.98 3.23 -14.58
C GLU A 21 3.53 3.61 -14.88
N VAL A 22 2.73 3.67 -13.82
CA VAL A 22 1.33 4.02 -13.96
C VAL A 22 0.96 5.04 -12.88
N THR A 23 -0.03 5.87 -13.22
CA THR A 23 -0.49 6.89 -12.30
C THR A 23 -2.01 6.87 -12.19
N PHE A 24 -2.49 6.61 -10.98
CA PHE A 24 -3.91 6.56 -10.72
C PHE A 24 -4.26 7.16 -9.36
N SER A 25 -5.53 7.48 -9.19
CA SER A 25 -6.00 8.05 -7.94
C SER A 25 -6.82 7.02 -7.16
N LEU A 26 -7.00 7.31 -5.88
CA LEU A 26 -7.77 6.42 -5.03
C LEU A 26 -8.49 7.24 -3.95
N GLN A 27 -9.64 6.75 -3.55
CA GLN A 27 -10.42 7.42 -2.53
C GLN A 27 -10.55 6.54 -1.28
N VAL A 28 -9.81 6.94 -0.24
CA VAL A 28 -9.82 6.20 1.01
C VAL A 28 -10.11 7.18 2.16
N ASN A 29 -10.00 6.65 3.37
CA ASN A 29 -10.24 7.45 4.55
C ASN A 29 -8.92 7.68 5.29
N PRO A 30 -8.92 8.70 6.19
CA PRO A 30 -7.74 9.03 6.96
C PRO A 30 -7.50 8.00 8.07
N ASP A 31 -8.54 7.25 8.36
CA ASP A 31 -8.46 6.23 9.39
C ASP A 31 -8.33 4.85 8.74
N PHE A 32 -7.69 4.84 7.57
CA PHE A 32 -7.50 3.61 6.83
C PHE A 32 -6.03 3.16 6.91
N GLU A 33 -5.83 1.99 7.50
CA GLU A 33 -4.50 1.44 7.64
C GLU A 33 -3.77 1.49 6.29
N LEU A 34 -2.44 1.61 6.39
CA LEU A 34 -1.61 1.68 5.19
C LEU A 34 -1.82 0.40 4.37
N SER A 35 -1.78 -0.72 5.06
CA SER A 35 -1.95 -2.01 4.41
C SER A 35 -3.19 -1.98 3.51
N ASN A 36 -4.23 -1.31 4.02
CA ASN A 36 -5.47 -1.21 3.28
C ASN A 36 -5.22 -0.42 1.98
N PHE A 37 -4.54 0.70 2.14
CA PHE A 37 -4.23 1.55 1.00
C PHE A 37 -3.40 0.80 -0.04
N ARG A 38 -2.69 -0.21 0.43
CA ARG A 38 -1.86 -1.01 -0.45
C ARG A 38 -2.73 -1.95 -1.28
N VAL A 39 -3.62 -2.65 -0.59
CA VAL A 39 -4.52 -3.58 -1.26
C VAL A 39 -5.25 -2.87 -2.39
N LEU A 40 -5.55 -1.60 -2.15
CA LEU A 40 -6.24 -0.79 -3.13
C LEU A 40 -5.32 -0.55 -4.33
N CYS A 41 -4.13 -0.04 -4.03
CA CYS A 41 -3.16 0.23 -5.07
C CYS A 41 -2.77 -1.08 -5.74
N GLU A 42 -3.01 -2.17 -5.01
CA GLU A 42 -2.70 -3.50 -5.52
C GLU A 42 -3.83 -4.01 -6.41
N LEU A 43 -4.98 -3.36 -6.28
CA LEU A 43 -6.14 -3.74 -7.07
C LEU A 43 -6.19 -2.90 -8.34
N GLU A 44 -5.68 -1.69 -8.23
CA GLU A 44 -5.65 -0.77 -9.36
C GLU A 44 -4.42 -1.05 -10.24
N SER A 45 -3.25 -0.78 -9.66
CA SER A 45 -2.01 -1.00 -10.38
C SER A 45 -1.78 -2.50 -10.60
N GLY A 46 -1.91 -3.25 -9.52
CA GLY A 46 -1.72 -4.69 -9.58
C GLY A 46 -0.56 -5.13 -8.68
N VAL A 47 0.34 -4.19 -8.43
CA VAL A 47 1.49 -4.47 -7.60
C VAL A 47 1.04 -5.16 -6.31
N PRO A 48 1.85 -6.15 -5.87
CA PRO A 48 1.54 -6.89 -4.65
C PRO A 48 1.83 -6.06 -3.41
N ALA A 49 0.84 -5.97 -2.54
CA ALA A 49 0.98 -5.20 -1.31
C ALA A 49 2.35 -5.47 -0.71
N GLU A 50 2.79 -6.73 -0.82
CA GLU A 50 4.07 -7.13 -0.29
C GLU A 50 5.20 -6.36 -0.99
N GLU A 51 5.10 -6.30 -2.31
CA GLU A 51 6.09 -5.59 -3.10
C GLU A 51 5.60 -4.20 -3.47
N ALA A 52 4.65 -3.71 -2.67
CA ALA A 52 4.08 -2.39 -2.91
C ALA A 52 4.63 -1.41 -1.87
N GLN A 53 5.31 -0.39 -2.36
CA GLN A 53 5.89 0.62 -1.49
C GLN A 53 5.09 1.91 -1.58
N ILE A 54 5.20 2.71 -0.52
CA ILE A 54 4.50 3.98 -0.46
C ILE A 54 5.45 5.06 0.04
N VAL A 55 5.73 6.02 -0.83
CA VAL A 55 6.62 7.11 -0.48
C VAL A 55 5.80 8.37 -0.21
N TYR A 56 6.15 9.04 0.87
CA TYR A 56 5.44 10.26 1.26
C TYR A 56 6.37 11.21 2.03
N MET A 57 6.15 12.50 1.82
CA MET A 57 6.95 13.50 2.49
C MET A 57 8.43 13.36 2.12
N GLU A 58 8.66 12.64 1.04
CA GLU A 58 10.03 12.42 0.57
C GLU A 58 10.63 11.20 1.26
N GLN A 59 9.96 10.75 2.31
CA GLN A 59 10.42 9.60 3.05
C GLN A 59 9.55 8.37 2.75
N LEU A 60 10.22 7.25 2.54
CA LEU A 60 9.51 6.01 2.22
C LEU A 60 8.79 5.51 3.48
N LEU A 61 7.52 5.15 3.29
CA LEU A 61 6.71 4.66 4.39
C LEU A 61 7.00 3.17 4.60
N THR A 62 7.59 2.88 5.75
CA THR A 62 7.92 1.50 6.09
C THR A 62 7.09 1.03 7.29
N ASP A 63 5.77 1.12 7.13
CA ASP A 63 4.86 0.71 8.18
C ASP A 63 3.48 0.45 7.58
N ASP A 64 3.07 -0.80 7.61
CA ASP A 64 1.78 -1.19 7.06
C ASP A 64 0.72 -1.09 8.18
N HIS A 65 1.20 -1.06 9.40
CA HIS A 65 0.32 -0.96 10.56
C HIS A 65 -0.17 0.47 10.71
N CYS A 66 0.68 1.40 10.31
CA CYS A 66 0.34 2.82 10.39
C CYS A 66 -0.80 3.09 9.42
N SER A 67 -1.50 4.19 9.68
CA SER A 67 -2.62 4.58 8.83
C SER A 67 -2.22 5.74 7.93
N LEU A 68 -3.18 6.23 7.17
CA LEU A 68 -2.94 7.34 6.27
C LEU A 68 -3.02 8.66 7.05
N GLY A 69 -4.17 8.87 7.67
CA GLY A 69 -4.39 10.08 8.46
C GLY A 69 -3.27 10.28 9.47
N SER A 70 -2.77 9.17 9.99
CA SER A 70 -1.71 9.21 10.97
C SER A 70 -0.46 9.85 10.37
N TYR A 71 -0.03 9.30 9.24
CA TYR A 71 1.13 9.80 8.55
C TYR A 71 0.98 11.29 8.22
N GLY A 72 -0.23 11.66 7.82
CA GLY A 72 -0.53 13.04 7.48
C GLY A 72 -1.02 13.15 6.03
N LEU A 73 -1.86 12.20 5.66
CA LEU A 73 -2.41 12.19 4.31
C LEU A 73 -3.75 12.91 4.30
N LYS A 74 -3.90 13.81 3.35
CA LYS A 74 -5.13 14.57 3.22
C LYS A 74 -5.68 14.42 1.80
N ASP A 75 -6.88 14.93 1.60
CA ASP A 75 -7.53 14.85 0.31
C ASP A 75 -6.79 15.76 -0.68
N GLY A 76 -6.25 15.14 -1.73
CA GLY A 76 -5.52 15.88 -2.74
C GLY A 76 -4.01 15.68 -2.58
N ASP A 77 -3.66 14.56 -1.97
CA ASP A 77 -2.26 14.24 -1.75
C ASP A 77 -1.79 13.22 -2.81
N MET A 78 -0.48 13.17 -2.99
CA MET A 78 0.09 12.25 -3.96
C MET A 78 1.21 11.42 -3.33
N VAL A 79 1.29 10.17 -3.76
CA VAL A 79 2.31 9.27 -3.26
C VAL A 79 2.92 8.49 -4.42
N VAL A 80 4.13 8.00 -4.19
CA VAL A 80 4.84 7.23 -5.20
C VAL A 80 4.82 5.75 -4.82
N LEU A 81 4.54 4.92 -5.82
CA LEU A 81 4.48 3.49 -5.60
C LEU A 81 5.72 2.84 -6.22
N LEU A 82 6.46 2.12 -5.39
CA LEU A 82 7.66 1.44 -5.84
C LEU A 82 7.46 -0.07 -5.74
N GLN A 83 7.65 -0.73 -6.88
CA GLN A 83 7.50 -2.18 -6.93
C GLN A 83 8.84 -2.86 -6.71
N LYS A 84 8.82 -3.83 -5.80
CA LYS A 84 10.03 -4.57 -5.47
C LYS A 84 10.00 -5.92 -6.19
N ASP A 85 11.03 -6.72 -5.93
CA ASP A 85 11.14 -8.03 -6.54
C ASP A 85 11.25 -9.09 -5.46
N ASN A 86 10.25 -9.96 -5.40
CA ASN A 86 10.24 -11.02 -4.41
C ASN A 86 9.51 -12.24 -4.99
N VAL A 87 9.48 -12.29 -6.32
CA VAL A 87 8.84 -13.39 -7.00
C VAL A 87 9.73 -14.63 -6.93
N GLY A 88 10.96 -14.42 -6.48
CA GLY A 88 11.91 -15.51 -6.35
C GLY A 88 11.76 -16.50 -7.50
N LEU A 89 12.29 -16.10 -8.66
CA LEU A 89 12.23 -16.94 -9.83
C LEU A 89 13.58 -17.63 -10.03
N ARG A 90 13.88 -18.55 -9.13
CA ARG A 90 15.14 -19.28 -9.20
C ARG A 90 14.91 -20.75 -8.82
N THR A 91 14.45 -21.52 -9.80
CA THR A 91 14.19 -22.94 -9.58
C THR A 91 13.09 -23.12 -8.54
N PRO A 92 12.25 -24.16 -8.77
CA PRO A 92 11.15 -24.46 -7.86
C PRO A 92 11.67 -25.12 -6.58
N GLY A 93 12.02 -24.27 -5.62
CA GLY A 93 12.53 -24.74 -4.35
C GLY A 93 11.38 -25.21 -3.45
N ARG A 94 11.34 -26.51 -3.21
CA ARG A 94 10.32 -27.10 -2.38
C ARG A 94 10.54 -28.60 -2.23
N THR A 95 11.16 -28.97 -1.10
CA THR A 95 11.45 -30.37 -0.83
C THR A 95 11.33 -30.65 0.67
N PRO A 96 10.72 -31.82 0.99
CA PRO A 96 10.54 -32.22 2.37
C PRO A 96 11.86 -32.69 2.99
N SER A 97 11.78 -33.12 4.24
CA SER A 97 12.95 -33.60 4.95
C SER A 97 13.12 -35.11 4.73
N GLY A 98 14.27 -35.61 5.14
CA GLY A 98 14.56 -37.03 5.01
C GLY A 98 16.07 -37.28 5.00
N PRO A 99 16.66 -37.24 6.24
CA PRO A 99 18.09 -37.46 6.39
C PRO A 99 18.43 -38.95 6.23
N SER A 100 17.74 -39.76 7.01
CA SER A 100 17.96 -41.20 6.97
C SER A 100 17.59 -41.75 5.59
N SER A 101 18.23 -42.85 5.23
CA SER A 101 17.98 -43.49 3.96
C SER A 101 18.32 -42.52 2.82
N GLY A 102 19.39 -42.86 2.09
CA GLY A 102 19.83 -42.03 0.99
C GLY A 102 20.39 -42.89 -0.14
N GLY A 1 -20.43 0.76 1.84
CA GLY A 1 -19.11 0.44 1.32
C GLY A 1 -18.61 1.53 0.38
N SER A 2 -18.61 1.21 -0.91
CA SER A 2 -18.16 2.15 -1.93
C SER A 2 -19.26 3.17 -2.22
N SER A 3 -19.31 4.20 -1.39
CA SER A 3 -20.31 5.25 -1.56
C SER A 3 -19.63 6.62 -1.59
N GLY A 4 -18.86 6.89 -0.54
CA GLY A 4 -18.17 8.16 -0.44
C GLY A 4 -18.55 8.89 0.85
N SER A 5 -18.95 10.14 0.68
CA SER A 5 -19.34 10.97 1.81
C SER A 5 -18.11 11.44 2.58
N SER A 6 -17.42 10.48 3.17
CA SER A 6 -16.22 10.78 3.93
C SER A 6 -15.03 10.02 3.36
N GLY A 7 -13.99 10.76 3.03
CA GLY A 7 -12.79 10.16 2.48
C GLY A 7 -11.85 11.23 1.90
N MET A 8 -10.73 10.77 1.39
CA MET A 8 -9.75 11.67 0.80
C MET A 8 -9.19 11.11 -0.51
N LEU A 9 -8.79 12.01 -1.39
CA LEU A 9 -8.25 11.62 -2.68
C LEU A 9 -6.76 11.29 -2.51
N ILE A 10 -6.39 10.12 -2.98
CA ILE A 10 -5.01 9.68 -2.90
C ILE A 10 -4.51 9.28 -4.28
N THR A 11 -3.62 10.12 -4.82
CA THR A 11 -3.06 9.88 -6.13
C THR A 11 -1.81 9.00 -6.04
N VAL A 12 -1.88 7.85 -6.67
CA VAL A 12 -0.76 6.92 -6.66
C VAL A 12 0.06 7.10 -7.94
N TYR A 13 1.37 6.97 -7.79
CA TYR A 13 2.28 7.12 -8.92
C TYR A 13 3.25 5.95 -9.00
N CYS A 14 2.99 5.07 -9.96
CA CYS A 14 3.83 3.90 -10.16
C CYS A 14 5.05 4.32 -10.98
N VAL A 15 6.14 3.60 -10.77
CA VAL A 15 7.39 3.89 -11.47
C VAL A 15 7.69 2.74 -12.44
N ARG A 16 8.88 2.18 -12.28
CA ARG A 16 9.31 1.08 -13.12
C ARG A 16 8.12 0.16 -13.43
N ARG A 17 7.70 -0.60 -12.43
CA ARG A 17 6.59 -1.51 -12.59
C ARG A 17 6.83 -2.44 -13.77
N ASP A 18 8.10 -2.54 -14.16
CA ASP A 18 8.48 -3.39 -15.27
C ASP A 18 8.21 -2.67 -16.59
N LEU A 19 8.38 -1.36 -16.55
CA LEU A 19 8.15 -0.54 -17.73
C LEU A 19 6.64 -0.31 -17.91
N THR A 20 6.14 0.66 -17.16
CA THR A 20 4.73 0.99 -17.21
C THR A 20 4.47 2.36 -16.60
N GLU A 21 4.88 2.49 -15.34
CA GLU A 21 4.70 3.74 -14.62
C GLU A 21 3.28 4.28 -14.84
N VAL A 22 2.34 3.70 -14.13
CA VAL A 22 0.95 4.12 -14.23
C VAL A 22 0.62 5.07 -13.08
N THR A 23 -0.28 6.01 -13.37
CA THR A 23 -0.69 6.99 -12.38
C THR A 23 -2.22 7.05 -12.30
N PHE A 24 -2.73 6.70 -11.12
CA PHE A 24 -4.16 6.72 -10.90
C PHE A 24 -4.50 7.36 -9.56
N SER A 25 -5.79 7.49 -9.30
CA SER A 25 -6.26 8.09 -8.07
C SER A 25 -7.05 7.06 -7.26
N LEU A 26 -7.17 7.32 -5.96
CA LEU A 26 -7.90 6.44 -5.08
C LEU A 26 -8.58 7.26 -3.98
N GLN A 27 -9.75 6.78 -3.57
CA GLN A 27 -10.50 7.46 -2.54
C GLN A 27 -10.60 6.58 -1.28
N VAL A 28 -9.85 6.99 -0.26
CA VAL A 28 -9.84 6.25 0.99
C VAL A 28 -10.01 7.23 2.16
N ASN A 29 -10.20 6.66 3.34
CA ASN A 29 -10.37 7.48 4.53
C ASN A 29 -9.00 7.70 5.19
N PRO A 30 -8.98 8.69 6.12
CA PRO A 30 -7.75 9.03 6.82
C PRO A 30 -7.43 7.97 7.88
N ASP A 31 -8.45 7.20 8.25
CA ASP A 31 -8.28 6.15 9.24
C ASP A 31 -7.83 4.86 8.55
N PHE A 32 -8.21 4.74 7.29
CA PHE A 32 -7.84 3.57 6.51
C PHE A 32 -6.36 3.23 6.69
N GLU A 33 -6.13 2.06 7.27
CA GLU A 33 -4.76 1.61 7.51
C GLU A 33 -3.96 1.66 6.21
N LEU A 34 -2.64 1.76 6.37
CA LEU A 34 -1.76 1.81 5.22
C LEU A 34 -1.87 0.51 4.43
N SER A 35 -1.91 -0.59 5.18
CA SER A 35 -2.02 -1.90 4.57
C SER A 35 -3.21 -1.95 3.62
N ASN A 36 -4.27 -1.24 4.02
CA ASN A 36 -5.48 -1.19 3.22
C ASN A 36 -5.19 -0.48 1.91
N PHE A 37 -4.49 0.64 2.02
CA PHE A 37 -4.14 1.43 0.84
C PHE A 37 -3.25 0.64 -0.10
N ARG A 38 -2.55 -0.34 0.47
CA ARG A 38 -1.65 -1.17 -0.31
C ARG A 38 -2.44 -2.25 -1.06
N VAL A 39 -3.62 -2.55 -0.54
CA VAL A 39 -4.47 -3.55 -1.15
C VAL A 39 -5.25 -2.92 -2.30
N LEU A 40 -5.61 -1.65 -2.10
CA LEU A 40 -6.35 -0.92 -3.11
C LEU A 40 -5.42 -0.56 -4.27
N CYS A 41 -4.24 -0.08 -3.91
CA CYS A 41 -3.25 0.31 -4.90
C CYS A 41 -2.74 -0.96 -5.58
N GLU A 42 -3.00 -2.09 -4.94
CA GLU A 42 -2.58 -3.37 -5.47
C GLU A 42 -3.60 -3.89 -6.48
N LEU A 43 -4.81 -3.40 -6.36
CA LEU A 43 -5.89 -3.80 -7.26
C LEU A 43 -5.88 -2.89 -8.49
N GLU A 44 -5.56 -1.63 -8.25
CA GLU A 44 -5.52 -0.65 -9.34
C GLU A 44 -4.29 -0.89 -10.21
N SER A 45 -3.13 -0.67 -9.60
CA SER A 45 -1.86 -0.84 -10.31
C SER A 45 -1.65 -2.33 -10.62
N GLY A 46 -1.82 -3.14 -9.59
CA GLY A 46 -1.64 -4.57 -9.73
C GLY A 46 -0.47 -5.07 -8.87
N VAL A 47 0.37 -4.12 -8.47
CA VAL A 47 1.52 -4.45 -7.65
C VAL A 47 1.05 -5.11 -6.35
N PRO A 48 1.86 -6.10 -5.89
CA PRO A 48 1.55 -6.82 -4.67
C PRO A 48 1.83 -5.97 -3.44
N ALA A 49 0.81 -5.77 -2.63
CA ALA A 49 0.93 -4.98 -1.42
C ALA A 49 2.28 -5.27 -0.76
N GLU A 50 2.73 -6.51 -0.94
CA GLU A 50 4.00 -6.93 -0.37
C GLU A 50 5.15 -6.20 -1.04
N GLU A 51 5.15 -6.25 -2.38
CA GLU A 51 6.19 -5.60 -3.15
C GLU A 51 5.77 -4.18 -3.52
N ALA A 52 4.69 -3.74 -2.90
CA ALA A 52 4.15 -2.41 -3.15
C ALA A 52 4.51 -1.50 -1.96
N GLN A 53 5.29 -0.48 -2.26
CA GLN A 53 5.70 0.48 -1.24
C GLN A 53 5.06 1.84 -1.48
N ILE A 54 5.05 2.66 -0.44
CA ILE A 54 4.47 3.98 -0.52
C ILE A 54 5.42 4.99 0.11
N VAL A 55 5.67 6.06 -0.63
CA VAL A 55 6.57 7.11 -0.15
C VAL A 55 5.78 8.40 0.05
N TYR A 56 6.17 9.15 1.07
CA TYR A 56 5.49 10.40 1.38
C TYR A 56 6.46 11.39 2.02
N MET A 57 6.37 12.64 1.59
CA MET A 57 7.23 13.69 2.11
C MET A 57 8.64 13.56 1.56
N GLU A 58 9.22 12.39 1.76
CA GLU A 58 10.57 12.12 1.30
C GLU A 58 11.03 10.74 1.76
N GLN A 59 10.58 10.36 2.94
CA GLN A 59 10.93 9.07 3.50
C GLN A 59 9.96 7.99 3.02
N LEU A 60 10.48 6.78 2.87
CA LEU A 60 9.67 5.67 2.43
C LEU A 60 8.94 5.06 3.63
N LEU A 61 7.62 5.14 3.59
CA LEU A 61 6.80 4.60 4.66
C LEU A 61 7.00 3.09 4.75
N THR A 62 7.39 2.64 5.92
CA THR A 62 7.61 1.22 6.15
C THR A 62 6.74 0.71 7.30
N ASP A 63 5.56 1.31 7.41
CA ASP A 63 4.63 0.93 8.45
C ASP A 63 3.25 0.68 7.83
N ASP A 64 2.75 -0.53 8.05
CA ASP A 64 1.45 -0.90 7.51
C ASP A 64 0.38 -0.71 8.60
N HIS A 65 0.81 -0.91 9.84
CA HIS A 65 -0.09 -0.76 10.96
C HIS A 65 -0.42 0.72 11.17
N CYS A 66 0.29 1.56 10.43
CA CYS A 66 0.08 2.99 10.52
C CYS A 66 -1.03 3.38 9.55
N SER A 67 -1.78 4.40 9.95
CA SER A 67 -2.89 4.87 9.13
C SER A 67 -2.41 6.04 8.24
N LEU A 68 -3.23 6.36 7.26
CA LEU A 68 -2.91 7.44 6.34
C LEU A 68 -3.01 8.77 7.07
N GLY A 69 -4.05 8.89 7.89
CA GLY A 69 -4.28 10.11 8.65
C GLY A 69 -3.10 10.37 9.60
N SER A 70 -2.59 9.30 10.17
CA SER A 70 -1.47 9.40 11.09
C SER A 70 -0.28 10.07 10.41
N TYR A 71 0.18 9.44 9.34
CA TYR A 71 1.31 9.98 8.60
C TYR A 71 1.11 11.45 8.27
N GLY A 72 -0.13 11.80 7.95
CA GLY A 72 -0.47 13.17 7.62
C GLY A 72 -0.92 13.29 6.16
N LEU A 73 -1.71 12.32 5.74
CA LEU A 73 -2.22 12.31 4.38
C LEU A 73 -3.54 13.07 4.32
N LYS A 74 -3.65 13.92 3.32
CA LYS A 74 -4.85 14.72 3.15
C LYS A 74 -5.38 14.52 1.73
N ASP A 75 -6.63 14.92 1.53
CA ASP A 75 -7.28 14.79 0.23
C ASP A 75 -6.55 15.69 -0.77
N GLY A 76 -6.25 15.11 -1.93
CA GLY A 76 -5.57 15.85 -2.98
C GLY A 76 -4.06 15.67 -2.88
N ASP A 77 -3.66 14.69 -2.07
CA ASP A 77 -2.26 14.40 -1.88
C ASP A 77 -1.78 13.43 -2.96
N MET A 78 -0.48 13.20 -2.99
CA MET A 78 0.10 12.29 -3.96
C MET A 78 1.12 11.36 -3.29
N VAL A 79 1.21 10.16 -3.84
CA VAL A 79 2.13 9.17 -3.32
C VAL A 79 2.78 8.41 -4.48
N VAL A 80 3.97 7.88 -4.21
CA VAL A 80 4.70 7.13 -5.22
C VAL A 80 4.68 5.64 -4.86
N LEU A 81 4.58 4.82 -5.90
CA LEU A 81 4.55 3.38 -5.71
C LEU A 81 5.91 2.79 -6.12
N LEU A 82 6.29 1.74 -5.41
CA LEU A 82 7.56 1.07 -5.70
C LEU A 82 7.33 -0.43 -5.76
N GLN A 83 7.63 -1.00 -6.92
CA GLN A 83 7.46 -2.43 -7.13
C GLN A 83 8.78 -3.16 -6.87
N LYS A 84 8.86 -3.76 -5.69
CA LYS A 84 10.06 -4.49 -5.31
C LYS A 84 10.15 -5.78 -6.14
N ASP A 85 11.25 -6.49 -5.94
CA ASP A 85 11.47 -7.74 -6.66
C ASP A 85 12.11 -8.76 -5.72
N ASN A 86 11.39 -9.84 -5.50
CA ASN A 86 11.87 -10.90 -4.62
C ASN A 86 12.28 -12.11 -5.47
N VAL A 87 11.86 -12.08 -6.72
CA VAL A 87 12.19 -13.16 -7.64
C VAL A 87 11.59 -14.47 -7.11
N GLY A 88 10.70 -15.04 -7.91
CA GLY A 88 10.05 -16.29 -7.54
C GLY A 88 8.53 -16.12 -7.51
N LEU A 89 7.87 -16.84 -8.41
CA LEU A 89 6.42 -16.78 -8.50
C LEU A 89 5.83 -18.03 -7.84
N ARG A 90 5.49 -17.87 -6.56
CA ARG A 90 4.91 -18.96 -5.80
C ARG A 90 3.50 -18.59 -5.32
N THR A 91 2.77 -19.60 -4.90
CA THR A 91 1.42 -19.41 -4.43
C THR A 91 1.43 -18.81 -3.01
N PRO A 92 0.41 -17.96 -2.73
CA PRO A 92 0.30 -17.32 -1.44
C PRO A 92 -0.19 -18.31 -0.38
N GLY A 93 0.22 -18.06 0.86
CA GLY A 93 -0.17 -18.92 1.96
C GLY A 93 -1.66 -18.77 2.27
N ARG A 94 -2.08 -19.44 3.33
CA ARG A 94 -3.47 -19.40 3.74
C ARG A 94 -3.65 -20.04 5.11
N THR A 95 -4.72 -19.65 5.79
CA THR A 95 -5.01 -20.19 7.11
C THR A 95 -6.44 -20.74 7.16
N PRO A 96 -6.66 -21.65 8.14
CA PRO A 96 -7.97 -22.26 8.31
C PRO A 96 -8.96 -21.28 8.95
N SER A 97 -8.60 -20.82 10.14
CA SER A 97 -9.45 -19.89 10.87
C SER A 97 -10.75 -20.57 11.28
N GLY A 98 -11.42 -19.95 12.24
CA GLY A 98 -12.68 -20.48 12.75
C GLY A 98 -13.12 -19.75 14.01
N PRO A 99 -13.90 -18.66 13.81
CA PRO A 99 -14.39 -17.87 14.92
C PRO A 99 -15.53 -18.58 15.63
N SER A 100 -16.52 -19.00 14.85
CA SER A 100 -17.67 -19.71 15.41
C SER A 100 -18.10 -19.05 16.72
N SER A 101 -18.99 -18.09 16.60
CA SER A 101 -19.49 -17.38 17.76
C SER A 101 -20.94 -17.79 18.05
N GLY A 102 -21.79 -17.57 17.05
CA GLY A 102 -23.20 -17.91 17.18
C GLY A 102 -23.90 -16.96 18.15
N GLY A 1 -24.55 5.34 -7.83
CA GLY A 1 -24.04 6.10 -8.96
C GLY A 1 -23.20 7.29 -8.49
N SER A 2 -21.94 7.00 -8.18
CA SER A 2 -21.03 8.02 -7.72
C SER A 2 -21.52 8.62 -6.40
N SER A 3 -20.68 8.52 -5.39
CA SER A 3 -21.02 9.04 -4.08
C SER A 3 -19.75 9.46 -3.33
N GLY A 4 -19.97 10.11 -2.20
CA GLY A 4 -18.84 10.57 -1.38
C GLY A 4 -19.32 11.53 -0.29
N SER A 5 -18.54 11.59 0.78
CA SER A 5 -18.86 12.46 1.89
C SER A 5 -17.63 12.68 2.77
N SER A 6 -17.08 11.57 3.24
CA SER A 6 -15.90 11.62 4.09
C SER A 6 -14.81 10.73 3.51
N GLY A 7 -13.81 11.37 2.93
CA GLY A 7 -12.70 10.65 2.32
C GLY A 7 -11.64 11.62 1.79
N MET A 8 -10.52 11.05 1.38
CA MET A 8 -9.42 11.85 0.85
C MET A 8 -8.91 11.26 -0.46
N LEU A 9 -8.52 12.16 -1.36
CA LEU A 9 -8.00 11.75 -2.66
C LEU A 9 -6.53 11.34 -2.51
N ILE A 10 -6.27 10.07 -2.82
CA ILE A 10 -4.92 9.55 -2.73
C ILE A 10 -4.43 9.17 -4.13
N THR A 11 -3.49 9.96 -4.63
CA THR A 11 -2.93 9.72 -5.94
C THR A 11 -1.68 8.86 -5.84
N VAL A 12 -1.67 7.78 -6.61
CA VAL A 12 -0.53 6.87 -6.62
C VAL A 12 0.29 7.10 -7.89
N TYR A 13 1.60 6.97 -7.74
CA TYR A 13 2.51 7.16 -8.86
C TYR A 13 3.49 5.99 -8.97
N CYS A 14 3.11 5.02 -9.80
CA CYS A 14 3.95 3.85 -10.00
C CYS A 14 5.17 4.27 -10.81
N VAL A 15 6.26 3.54 -10.60
CA VAL A 15 7.50 3.82 -11.31
C VAL A 15 7.83 2.65 -12.24
N ARG A 16 8.97 2.02 -11.96
CA ARG A 16 9.40 0.89 -12.76
C ARG A 16 8.22 0.02 -13.15
N ARG A 17 7.73 -0.74 -12.19
CA ARG A 17 6.60 -1.61 -12.43
C ARG A 17 6.85 -2.49 -13.66
N ASP A 18 8.11 -2.63 -14.00
CA ASP A 18 8.50 -3.42 -15.15
C ASP A 18 8.12 -2.69 -16.43
N LEU A 19 8.41 -1.40 -16.44
CA LEU A 19 8.10 -0.58 -17.60
C LEU A 19 6.58 -0.36 -17.68
N THR A 20 6.12 0.64 -16.95
CA THR A 20 4.71 0.96 -16.93
C THR A 20 4.47 2.35 -16.35
N GLU A 21 4.97 2.54 -15.13
CA GLU A 21 4.83 3.81 -14.45
C GLU A 21 3.40 4.34 -14.61
N VAL A 22 2.46 3.61 -14.01
CA VAL A 22 1.07 4.00 -14.08
C VAL A 22 0.76 4.99 -12.96
N THR A 23 -0.22 5.84 -13.21
CA THR A 23 -0.62 6.84 -12.23
C THR A 23 -2.14 6.90 -12.12
N PHE A 24 -2.63 6.53 -10.95
CA PHE A 24 -4.07 6.55 -10.70
C PHE A 24 -4.38 7.15 -9.33
N SER A 25 -5.67 7.35 -9.09
CA SER A 25 -6.12 7.92 -7.83
C SER A 25 -7.00 6.91 -7.08
N LEU A 26 -7.15 7.16 -5.79
CA LEU A 26 -7.97 6.30 -4.96
C LEU A 26 -8.61 7.12 -3.85
N GLN A 27 -9.83 6.73 -3.50
CA GLN A 27 -10.57 7.41 -2.45
C GLN A 27 -10.60 6.58 -1.18
N VAL A 28 -9.84 7.03 -0.18
CA VAL A 28 -9.77 6.33 1.09
C VAL A 28 -10.04 7.32 2.22
N ASN A 29 -9.82 6.85 3.44
CA ASN A 29 -10.04 7.68 4.61
C ASN A 29 -8.73 7.80 5.40
N PRO A 30 -8.71 8.79 6.33
CA PRO A 30 -7.53 9.01 7.15
C PRO A 30 -7.41 7.94 8.23
N ASP A 31 -8.51 7.24 8.47
CA ASP A 31 -8.54 6.18 9.47
C ASP A 31 -8.41 4.83 8.78
N PHE A 32 -7.85 4.86 7.57
CA PHE A 32 -7.68 3.65 6.80
C PHE A 32 -6.23 3.15 6.89
N GLU A 33 -6.09 1.93 7.40
CA GLU A 33 -4.78 1.33 7.54
C GLU A 33 -3.99 1.44 6.23
N LEU A 34 -2.67 1.53 6.37
CA LEU A 34 -1.81 1.64 5.21
C LEU A 34 -1.94 0.39 4.35
N SER A 35 -1.96 -0.76 5.03
CA SER A 35 -2.08 -2.03 4.34
C SER A 35 -3.30 -2.02 3.42
N ASN A 36 -4.35 -1.36 3.89
CA ASN A 36 -5.58 -1.26 3.12
C ASN A 36 -5.31 -0.47 1.83
N PHE A 37 -4.55 0.61 1.98
CA PHE A 37 -4.21 1.45 0.85
C PHE A 37 -3.34 0.69 -0.15
N ARG A 38 -2.60 -0.27 0.36
CA ARG A 38 -1.73 -1.08 -0.48
C ARG A 38 -2.53 -2.17 -1.19
N VAL A 39 -3.65 -2.54 -0.57
CA VAL A 39 -4.51 -3.56 -1.13
C VAL A 39 -5.35 -2.95 -2.26
N LEU A 40 -5.59 -1.65 -2.14
CA LEU A 40 -6.38 -0.95 -3.13
C LEU A 40 -5.48 -0.57 -4.31
N CYS A 41 -4.29 -0.09 -3.99
CA CYS A 41 -3.34 0.31 -5.00
C CYS A 41 -2.79 -0.95 -5.67
N GLU A 42 -3.07 -2.09 -5.04
CA GLU A 42 -2.61 -3.36 -5.56
C GLU A 42 -3.65 -3.93 -6.55
N LEU A 43 -4.88 -3.46 -6.40
CA LEU A 43 -5.95 -3.92 -7.27
C LEU A 43 -5.94 -3.08 -8.56
N GLU A 44 -5.60 -1.81 -8.41
CA GLU A 44 -5.56 -0.90 -9.55
C GLU A 44 -4.25 -1.10 -10.32
N SER A 45 -3.14 -0.90 -9.62
CA SER A 45 -1.83 -1.04 -10.23
C SER A 45 -1.56 -2.52 -10.52
N GLY A 46 -1.78 -3.33 -9.50
CA GLY A 46 -1.55 -4.77 -9.63
C GLY A 46 -0.42 -5.23 -8.72
N VAL A 47 0.46 -4.29 -8.40
CA VAL A 47 1.60 -4.59 -7.54
C VAL A 47 1.09 -5.14 -6.21
N PRO A 48 1.86 -6.12 -5.66
CA PRO A 48 1.50 -6.74 -4.40
C PRO A 48 1.80 -5.80 -3.23
N ALA A 49 0.75 -5.52 -2.45
CA ALA A 49 0.90 -4.65 -1.30
C ALA A 49 2.22 -4.95 -0.59
N GLU A 50 2.57 -6.23 -0.58
CA GLU A 50 3.80 -6.65 0.05
C GLU A 50 5.01 -6.01 -0.63
N GLU A 51 5.02 -6.11 -1.95
CA GLU A 51 6.11 -5.55 -2.73
C GLU A 51 5.76 -4.13 -3.18
N ALA A 52 4.70 -3.60 -2.58
CA ALA A 52 4.26 -2.25 -2.90
C ALA A 52 4.77 -1.28 -1.83
N GLN A 53 5.35 -0.18 -2.30
CA GLN A 53 5.89 0.82 -1.41
C GLN A 53 5.07 2.11 -1.51
N ILE A 54 5.15 2.92 -0.46
CA ILE A 54 4.42 4.18 -0.42
C ILE A 54 5.34 5.27 0.11
N VAL A 55 5.74 6.16 -0.79
CA VAL A 55 6.61 7.26 -0.41
C VAL A 55 5.80 8.55 -0.33
N TYR A 56 6.03 9.29 0.75
CA TYR A 56 5.34 10.55 0.96
C TYR A 56 6.32 11.69 1.23
N MET A 57 6.07 12.80 0.56
CA MET A 57 6.92 13.97 0.71
C MET A 57 8.31 13.71 0.11
N GLU A 58 9.08 12.90 0.81
CA GLU A 58 10.43 12.57 0.37
C GLU A 58 11.02 11.47 1.25
N GLN A 59 10.14 10.57 1.69
CA GLN A 59 10.58 9.47 2.53
C GLN A 59 9.85 8.18 2.13
N LEU A 60 10.37 7.07 2.64
CA LEU A 60 9.78 5.78 2.33
C LEU A 60 9.01 5.28 3.56
N LEU A 61 7.70 5.22 3.42
CA LEU A 61 6.85 4.75 4.50
C LEU A 61 7.01 3.24 4.66
N THR A 62 7.65 2.86 5.75
CA THR A 62 7.88 1.45 6.03
C THR A 62 7.02 1.00 7.21
N ASP A 63 5.71 1.13 7.04
CA ASP A 63 4.78 0.75 8.09
C ASP A 63 3.40 0.51 7.46
N ASP A 64 2.94 -0.73 7.59
CA ASP A 64 1.64 -1.11 7.05
C ASP A 64 0.58 -0.96 8.13
N HIS A 65 0.87 -1.52 9.29
CA HIS A 65 -0.04 -1.45 10.42
C HIS A 65 -0.49 -0.01 10.63
N CYS A 66 0.36 0.91 10.20
CA CYS A 66 0.07 2.33 10.34
C CYS A 66 -1.07 2.67 9.38
N SER A 67 -1.67 3.84 9.61
CA SER A 67 -2.76 4.30 8.79
C SER A 67 -2.32 5.51 7.95
N LEU A 68 -3.21 5.96 7.09
CA LEU A 68 -2.93 7.09 6.23
C LEU A 68 -3.01 8.38 7.07
N GLY A 69 -4.21 8.66 7.56
CA GLY A 69 -4.43 9.84 8.37
C GLY A 69 -3.37 9.96 9.46
N SER A 70 -2.80 8.82 9.82
CA SER A 70 -1.77 8.79 10.86
C SER A 70 -0.51 9.47 10.34
N TYR A 71 -0.11 9.09 9.13
CA TYR A 71 1.08 9.66 8.53
C TYR A 71 0.89 11.16 8.23
N GLY A 72 -0.35 11.50 7.88
CA GLY A 72 -0.67 12.88 7.57
C GLY A 72 -1.14 13.02 6.12
N LEU A 73 -1.92 12.04 5.69
CA LEU A 73 -2.44 12.05 4.33
C LEU A 73 -3.79 12.76 4.31
N LYS A 74 -3.85 13.84 3.54
CA LYS A 74 -5.08 14.61 3.42
C LYS A 74 -5.54 14.61 1.97
N ASP A 75 -6.81 14.93 1.78
CA ASP A 75 -7.38 14.97 0.45
C ASP A 75 -6.55 15.90 -0.43
N GLY A 76 -6.21 15.41 -1.60
CA GLY A 76 -5.42 16.18 -2.55
C GLY A 76 -3.92 15.93 -2.35
N ASP A 77 -3.62 14.75 -1.82
CA ASP A 77 -2.24 14.38 -1.58
C ASP A 77 -1.73 13.53 -2.75
N MET A 78 -0.45 13.18 -2.66
CA MET A 78 0.16 12.37 -3.71
C MET A 78 1.25 11.46 -3.12
N VAL A 79 1.22 10.20 -3.55
CA VAL A 79 2.19 9.24 -3.07
C VAL A 79 2.82 8.52 -4.28
N VAL A 80 3.97 7.93 -4.04
CA VAL A 80 4.68 7.21 -5.09
C VAL A 80 4.70 5.72 -4.75
N LEU A 81 4.64 4.91 -5.80
CA LEU A 81 4.65 3.47 -5.63
C LEU A 81 5.97 2.91 -6.16
N LEU A 82 6.65 2.16 -5.30
CA LEU A 82 7.92 1.56 -5.67
C LEU A 82 7.82 0.04 -5.57
N GLN A 83 7.86 -0.60 -6.73
CA GLN A 83 7.78 -2.05 -6.78
C GLN A 83 9.17 -2.68 -6.61
N LYS A 84 9.31 -3.45 -5.55
CA LYS A 84 10.57 -4.11 -5.26
C LYS A 84 10.78 -5.24 -6.27
N ASP A 85 12.05 -5.59 -6.46
CA ASP A 85 12.41 -6.65 -7.39
C ASP A 85 11.90 -6.29 -8.78
N ASN A 86 12.50 -6.92 -9.78
CA ASN A 86 12.11 -6.68 -11.16
C ASN A 86 11.56 -7.98 -11.76
N VAL A 87 11.55 -9.02 -10.95
CA VAL A 87 11.05 -10.31 -11.39
C VAL A 87 10.06 -10.84 -10.36
N GLY A 88 10.49 -11.85 -9.63
CA GLY A 88 9.64 -12.46 -8.61
C GLY A 88 10.16 -13.85 -8.24
N LEU A 89 9.28 -14.83 -8.41
CA LEU A 89 9.63 -16.21 -8.10
C LEU A 89 10.15 -16.29 -6.66
N ARG A 90 9.22 -16.52 -5.74
CA ARG A 90 9.56 -16.62 -4.34
C ARG A 90 8.95 -17.87 -3.72
N THR A 91 9.64 -18.41 -2.73
CA THR A 91 9.17 -19.61 -2.05
C THR A 91 7.82 -19.36 -1.38
N PRO A 92 7.06 -20.46 -1.17
CA PRO A 92 5.76 -20.37 -0.55
C PRO A 92 5.88 -20.13 0.97
N GLY A 93 6.60 -19.07 1.30
CA GLY A 93 6.80 -18.71 2.69
C GLY A 93 5.49 -18.74 3.47
N ARG A 94 5.43 -19.58 4.47
CA ARG A 94 4.24 -19.70 5.30
C ARG A 94 4.60 -19.60 6.78
N THR A 95 3.58 -19.45 7.60
CA THR A 95 3.77 -19.34 9.04
C THR A 95 2.65 -20.07 9.79
N PRO A 96 3.07 -20.92 10.76
CA PRO A 96 2.11 -21.67 11.55
C PRO A 96 1.43 -20.78 12.58
N SER A 97 0.21 -21.15 12.93
CA SER A 97 -0.57 -20.39 13.90
C SER A 97 -0.33 -20.96 15.31
N GLY A 98 -0.75 -20.18 16.30
CA GLY A 98 -0.59 -20.59 17.68
C GLY A 98 -1.58 -21.71 18.04
N PRO A 99 -1.01 -22.91 18.32
CA PRO A 99 -1.82 -24.06 18.67
C PRO A 99 -2.35 -23.94 20.10
N SER A 100 -3.38 -24.72 20.39
CA SER A 100 -3.98 -24.72 21.70
C SER A 100 -4.00 -26.12 22.29
N SER A 101 -4.28 -26.20 23.58
CA SER A 101 -4.32 -27.48 24.26
C SER A 101 -5.39 -27.45 25.36
N GLY A 102 -5.86 -28.64 25.72
CA GLY A 102 -6.88 -28.77 26.74
C GLY A 102 -7.90 -29.84 26.37
N GLY A 1 -13.27 -1.77 -0.18
CA GLY A 1 -13.49 -0.47 0.43
C GLY A 1 -14.61 0.29 -0.28
N SER A 2 -14.57 1.61 -0.14
CA SER A 2 -15.57 2.46 -0.76
C SER A 2 -16.95 2.17 -0.16
N SER A 3 -17.26 2.94 0.87
CA SER A 3 -18.54 2.79 1.55
C SER A 3 -18.65 3.80 2.70
N GLY A 4 -17.67 3.74 3.59
CA GLY A 4 -17.65 4.63 4.73
C GLY A 4 -17.89 6.08 4.31
N SER A 5 -18.22 6.91 5.29
CA SER A 5 -18.49 8.31 5.02
C SER A 5 -17.17 9.08 4.91
N SER A 6 -17.22 10.18 4.17
CA SER A 6 -16.04 11.01 3.98
C SER A 6 -14.91 10.18 3.36
N GLY A 7 -13.91 10.88 2.85
CA GLY A 7 -12.78 10.22 2.24
C GLY A 7 -11.80 11.25 1.66
N MET A 8 -10.65 10.74 1.21
CA MET A 8 -9.63 11.59 0.63
C MET A 8 -9.04 10.97 -0.63
N LEU A 9 -8.78 11.82 -1.60
CA LEU A 9 -8.21 11.37 -2.86
C LEU A 9 -6.71 11.17 -2.70
N ILE A 10 -6.27 9.94 -2.96
CA ILE A 10 -4.87 9.61 -2.84
C ILE A 10 -4.31 9.27 -4.23
N THR A 11 -3.48 10.17 -4.73
CA THR A 11 -2.87 10.00 -6.04
C THR A 11 -1.65 9.09 -5.94
N VAL A 12 -1.68 8.01 -6.71
CA VAL A 12 -0.58 7.06 -6.72
C VAL A 12 0.25 7.26 -7.98
N TYR A 13 1.50 6.83 -7.90
CA TYR A 13 2.41 6.95 -9.03
C TYR A 13 3.39 5.77 -9.08
N CYS A 14 3.05 4.80 -9.92
CA CYS A 14 3.89 3.63 -10.06
C CYS A 14 5.08 3.99 -10.94
N VAL A 15 6.18 3.28 -10.71
CA VAL A 15 7.39 3.52 -11.47
C VAL A 15 7.85 2.22 -12.12
N ARG A 16 8.81 1.58 -11.47
CA ARG A 16 9.35 0.33 -11.97
C ARG A 16 8.24 -0.52 -12.59
N ARG A 17 7.64 -1.34 -11.75
CA ARG A 17 6.56 -2.21 -12.20
C ARG A 17 7.07 -3.18 -13.26
N ASP A 18 8.39 -3.25 -13.38
CA ASP A 18 9.01 -4.14 -14.35
C ASP A 18 8.95 -3.49 -15.74
N LEU A 19 9.03 -2.16 -15.73
CA LEU A 19 8.98 -1.42 -16.98
C LEU A 19 7.52 -1.24 -17.42
N THR A 20 6.94 -0.13 -16.98
CA THR A 20 5.56 0.17 -17.32
C THR A 20 5.20 1.59 -16.86
N GLU A 21 5.24 1.78 -15.55
CA GLU A 21 4.92 3.07 -14.96
C GLU A 21 3.46 3.43 -15.26
N VAL A 22 2.69 3.58 -14.19
CA VAL A 22 1.29 3.93 -14.32
C VAL A 22 0.94 4.99 -13.27
N THR A 23 -0.01 5.85 -13.65
CA THR A 23 -0.44 6.91 -12.76
C THR A 23 -1.96 6.83 -12.54
N PHE A 24 -2.33 6.73 -11.26
CA PHE A 24 -3.73 6.64 -10.91
C PHE A 24 -3.96 7.18 -9.49
N SER A 25 -5.23 7.30 -9.14
CA SER A 25 -5.60 7.80 -7.82
C SER A 25 -6.52 6.79 -7.12
N LEU A 26 -6.71 7.02 -5.83
CA LEU A 26 -7.57 6.15 -5.04
C LEU A 26 -8.34 6.98 -4.02
N GLN A 27 -9.43 6.40 -3.52
CA GLN A 27 -10.25 7.08 -2.54
C GLN A 27 -10.33 6.26 -1.25
N VAL A 28 -9.69 6.78 -0.21
CA VAL A 28 -9.67 6.11 1.07
C VAL A 28 -9.95 7.13 2.18
N ASN A 29 -9.78 6.68 3.41
CA ASN A 29 -10.00 7.54 4.56
C ASN A 29 -8.68 7.71 5.32
N PRO A 30 -8.67 8.74 6.22
CA PRO A 30 -7.48 9.01 7.02
C PRO A 30 -7.33 7.98 8.15
N ASP A 31 -8.44 7.34 8.46
CA ASP A 31 -8.44 6.33 9.51
C ASP A 31 -8.30 4.94 8.88
N PHE A 32 -7.70 4.92 7.71
CA PHE A 32 -7.48 3.67 7.00
C PHE A 32 -6.03 3.23 7.07
N GLU A 33 -5.83 2.02 7.57
CA GLU A 33 -4.49 1.48 7.71
C GLU A 33 -3.75 1.56 6.37
N LEU A 34 -2.43 1.65 6.46
CA LEU A 34 -1.60 1.75 5.27
C LEU A 34 -1.72 0.45 4.47
N SER A 35 -1.67 -0.67 5.20
CA SER A 35 -1.77 -1.97 4.58
C SER A 35 -3.04 -2.05 3.74
N ASN A 36 -4.06 -1.34 4.19
CA ASN A 36 -5.34 -1.33 3.47
C ASN A 36 -5.16 -0.60 2.14
N PHE A 37 -4.47 0.53 2.21
CA PHE A 37 -4.22 1.33 1.01
C PHE A 37 -3.40 0.55 0.00
N ARG A 38 -2.59 -0.36 0.51
CA ARG A 38 -1.74 -1.18 -0.35
C ARG A 38 -2.58 -2.23 -1.08
N VAL A 39 -3.71 -2.56 -0.47
CA VAL A 39 -4.61 -3.55 -1.05
C VAL A 39 -5.43 -2.89 -2.16
N LEU A 40 -5.63 -1.59 -2.02
CA LEU A 40 -6.40 -0.84 -2.99
C LEU A 40 -5.49 -0.47 -4.17
N CYS A 41 -4.28 -0.03 -3.83
CA CYS A 41 -3.32 0.35 -4.84
C CYS A 41 -2.83 -0.91 -5.54
N GLU A 42 -3.14 -2.04 -4.92
CA GLU A 42 -2.73 -3.33 -5.48
C GLU A 42 -3.78 -3.84 -6.47
N LEU A 43 -4.96 -3.25 -6.37
CA LEU A 43 -6.06 -3.64 -7.23
C LEU A 43 -6.02 -2.79 -8.51
N GLU A 44 -5.73 -1.51 -8.32
CA GLU A 44 -5.65 -0.59 -9.44
C GLU A 44 -4.45 -0.92 -10.32
N SER A 45 -3.27 -0.75 -9.77
CA SER A 45 -2.05 -1.03 -10.50
C SER A 45 -1.89 -2.53 -10.70
N GLY A 46 -2.07 -3.26 -9.61
CA GLY A 46 -1.96 -4.71 -9.66
C GLY A 46 -0.79 -5.19 -8.78
N VAL A 47 0.11 -4.27 -8.49
CA VAL A 47 1.26 -4.59 -7.67
C VAL A 47 0.79 -5.16 -6.33
N PRO A 48 1.56 -6.15 -5.82
CA PRO A 48 1.23 -6.79 -4.55
C PRO A 48 1.57 -5.87 -3.38
N ALA A 49 0.60 -5.70 -2.50
CA ALA A 49 0.79 -4.85 -1.33
C ALA A 49 2.13 -5.18 -0.68
N GLU A 50 2.50 -6.44 -0.77
CA GLU A 50 3.77 -6.90 -0.20
C GLU A 50 4.95 -6.26 -0.94
N GLU A 51 4.81 -6.19 -2.25
CA GLU A 51 5.85 -5.62 -3.09
C GLU A 51 5.43 -4.23 -3.57
N ALA A 52 4.47 -3.65 -2.87
CA ALA A 52 3.97 -2.33 -3.21
C ALA A 52 4.41 -1.33 -2.14
N GLN A 53 5.38 -0.50 -2.52
CA GLN A 53 5.89 0.51 -1.61
C GLN A 53 5.16 1.84 -1.80
N ILE A 54 5.12 2.62 -0.74
CA ILE A 54 4.45 3.90 -0.77
C ILE A 54 5.34 4.96 -0.10
N VAL A 55 5.58 6.04 -0.83
CA VAL A 55 6.39 7.12 -0.32
C VAL A 55 5.53 8.37 -0.11
N TYR A 56 5.87 9.12 0.92
CA TYR A 56 5.13 10.33 1.24
C TYR A 56 6.04 11.37 1.91
N MET A 57 5.78 12.63 1.60
CA MET A 57 6.56 13.72 2.17
C MET A 57 7.98 13.74 1.59
N GLU A 58 8.67 12.62 1.77
CA GLU A 58 10.03 12.49 1.27
C GLU A 58 10.59 11.11 1.62
N GLN A 59 10.22 10.63 2.79
CA GLN A 59 10.68 9.33 3.26
C GLN A 59 9.75 8.23 2.76
N LEU A 60 10.26 7.00 2.81
CA LEU A 60 9.47 5.86 2.36
C LEU A 60 8.75 5.25 3.56
N LEU A 61 7.44 5.15 3.43
CA LEU A 61 6.62 4.59 4.49
C LEU A 61 6.89 3.09 4.60
N THR A 62 7.32 2.69 5.80
CA THR A 62 7.63 1.29 6.05
C THR A 62 6.58 0.69 6.98
N ASP A 63 6.08 1.52 7.89
CA ASP A 63 5.09 1.09 8.85
C ASP A 63 3.75 0.89 8.14
N ASP A 64 3.39 -0.37 7.95
CA ASP A 64 2.13 -0.70 7.29
C ASP A 64 0.98 -0.55 8.28
N HIS A 65 1.20 -1.07 9.48
CA HIS A 65 0.20 -1.00 10.53
C HIS A 65 -0.28 0.44 10.69
N CYS A 66 0.61 1.37 10.38
CA CYS A 66 0.29 2.78 10.49
C CYS A 66 -0.85 3.09 9.50
N SER A 67 -1.50 4.22 9.75
CA SER A 67 -2.60 4.64 8.91
C SER A 67 -2.16 5.78 7.98
N LEU A 68 -3.12 6.29 7.23
CA LEU A 68 -2.84 7.38 6.30
C LEU A 68 -2.98 8.72 7.04
N GLY A 69 -4.02 8.80 7.84
CA GLY A 69 -4.29 10.01 8.60
C GLY A 69 -3.19 10.25 9.65
N SER A 70 -2.56 9.16 10.06
CA SER A 70 -1.50 9.24 11.05
C SER A 70 -0.28 9.93 10.44
N TYR A 71 0.16 9.40 9.30
CA TYR A 71 1.32 9.96 8.62
C TYR A 71 1.12 11.44 8.32
N GLY A 72 -0.12 11.78 7.96
CA GLY A 72 -0.45 13.16 7.65
C GLY A 72 -0.98 13.29 6.22
N LEU A 73 -1.85 12.36 5.86
CA LEU A 73 -2.44 12.34 4.53
C LEU A 73 -3.81 13.02 4.58
N LYS A 74 -4.30 13.39 3.41
CA LYS A 74 -5.59 14.04 3.30
C LYS A 74 -5.99 14.14 1.83
N ASP A 75 -7.18 14.69 1.60
CA ASP A 75 -7.68 14.85 0.25
C ASP A 75 -6.84 15.90 -0.48
N GLY A 76 -6.30 15.49 -1.61
CA GLY A 76 -5.47 16.39 -2.42
C GLY A 76 -3.99 16.12 -2.17
N ASP A 77 -3.68 14.87 -1.87
CA ASP A 77 -2.31 14.47 -1.62
C ASP A 77 -1.83 13.56 -2.75
N MET A 78 -0.52 13.39 -2.81
CA MET A 78 0.08 12.55 -3.83
C MET A 78 1.13 11.60 -3.23
N VAL A 79 1.09 10.37 -3.69
CA VAL A 79 2.03 9.36 -3.21
C VAL A 79 2.62 8.61 -4.40
N VAL A 80 3.84 8.11 -4.19
CA VAL A 80 4.52 7.37 -5.24
C VAL A 80 4.53 5.89 -4.89
N LEU A 81 4.39 5.06 -5.92
CA LEU A 81 4.39 3.63 -5.72
C LEU A 81 5.65 3.02 -6.32
N LEU A 82 6.29 2.16 -5.55
CA LEU A 82 7.52 1.51 -5.98
C LEU A 82 7.38 0.00 -5.82
N GLN A 83 7.65 -0.71 -6.91
CA GLN A 83 7.56 -2.15 -6.89
C GLN A 83 8.95 -2.78 -6.72
N LYS A 84 9.03 -3.73 -5.81
CA LYS A 84 10.29 -4.41 -5.55
C LYS A 84 10.30 -5.76 -6.27
N ASP A 85 11.32 -6.55 -5.97
CA ASP A 85 11.46 -7.86 -6.59
C ASP A 85 11.54 -8.92 -5.49
N ASN A 86 11.44 -10.18 -5.92
CA ASN A 86 11.49 -11.29 -4.99
C ASN A 86 11.06 -12.57 -5.70
N VAL A 87 10.16 -12.40 -6.66
CA VAL A 87 9.66 -13.53 -7.43
C VAL A 87 9.48 -14.73 -6.50
N GLY A 88 8.68 -14.53 -5.46
CA GLY A 88 8.43 -15.58 -4.49
C GLY A 88 7.05 -16.21 -4.72
N LEU A 89 6.40 -16.55 -3.61
CA LEU A 89 5.09 -17.16 -3.68
C LEU A 89 4.42 -17.07 -2.31
N ARG A 90 3.21 -16.54 -2.30
CA ARG A 90 2.46 -16.39 -1.07
C ARG A 90 1.44 -17.51 -0.93
N THR A 91 1.07 -17.78 0.31
CA THR A 91 0.10 -18.83 0.60
C THR A 91 -0.95 -18.34 1.59
N PRO A 92 -2.11 -19.05 1.60
CA PRO A 92 -3.20 -18.69 2.50
C PRO A 92 -2.89 -19.11 3.93
N GLY A 93 -3.81 -18.79 4.82
CA GLY A 93 -3.65 -19.13 6.22
C GLY A 93 -4.93 -18.81 7.02
N ARG A 94 -4.71 -18.26 8.21
CA ARG A 94 -5.83 -17.90 9.06
C ARG A 94 -6.54 -19.15 9.56
N THR A 95 -6.59 -19.29 10.87
CA THR A 95 -7.23 -20.44 11.49
C THR A 95 -8.58 -20.03 12.10
N PRO A 96 -9.65 -20.74 11.65
CA PRO A 96 -10.99 -20.47 12.15
C PRO A 96 -11.17 -21.00 13.57
N SER A 97 -12.38 -20.84 14.07
CA SER A 97 -12.70 -21.30 15.42
C SER A 97 -11.84 -20.56 16.45
N GLY A 98 -12.48 -20.21 17.56
CA GLY A 98 -11.79 -19.49 18.62
C GLY A 98 -12.63 -19.48 19.90
N PRO A 99 -12.05 -18.83 20.95
CA PRO A 99 -12.74 -18.73 22.24
C PRO A 99 -13.88 -17.72 22.18
N SER A 100 -14.54 -17.55 23.31
CA SER A 100 -15.65 -16.62 23.40
C SER A 100 -16.16 -16.54 24.85
N SER A 101 -16.48 -15.32 25.26
CA SER A 101 -16.98 -15.10 26.61
C SER A 101 -17.63 -13.72 26.71
N GLY A 102 -16.83 -12.71 26.42
CA GLY A 102 -17.31 -11.33 26.48
C GLY A 102 -16.69 -10.58 27.66
N GLY A 1 -19.26 20.44 11.63
CA GLY A 1 -20.37 20.93 10.82
C GLY A 1 -19.88 21.50 9.49
N SER A 2 -20.75 21.48 8.50
CA SER A 2 -20.43 21.99 7.19
C SER A 2 -19.14 21.34 6.69
N SER A 3 -19.30 20.12 6.18
CA SER A 3 -18.17 19.37 5.66
C SER A 3 -18.47 18.86 4.25
N GLY A 4 -17.46 18.92 3.39
CA GLY A 4 -17.62 18.46 2.02
C GLY A 4 -17.66 16.93 1.95
N SER A 5 -16.50 16.33 2.18
CA SER A 5 -16.39 14.88 2.14
C SER A 5 -15.49 14.40 3.28
N SER A 6 -15.75 13.17 3.71
CA SER A 6 -14.97 12.58 4.78
C SER A 6 -13.73 11.89 4.21
N GLY A 7 -13.96 11.11 3.17
CA GLY A 7 -12.88 10.39 2.52
C GLY A 7 -11.85 11.36 1.93
N MET A 8 -10.71 10.80 1.54
CA MET A 8 -9.65 11.59 0.96
C MET A 8 -9.11 10.95 -0.32
N LEU A 9 -8.65 11.78 -1.23
CA LEU A 9 -8.10 11.30 -2.48
C LEU A 9 -6.59 11.13 -2.35
N ILE A 10 -6.12 9.98 -2.78
CA ILE A 10 -4.70 9.67 -2.72
C ILE A 10 -4.19 9.33 -4.12
N THR A 11 -3.36 10.22 -4.64
CA THR A 11 -2.80 10.02 -5.97
C THR A 11 -1.57 9.12 -5.89
N VAL A 12 -1.70 7.95 -6.49
CA VAL A 12 -0.61 6.98 -6.49
C VAL A 12 0.19 7.14 -7.79
N TYR A 13 1.44 6.69 -7.73
CA TYR A 13 2.32 6.78 -8.88
C TYR A 13 3.36 5.65 -8.87
N CYS A 14 3.14 4.69 -9.74
CA CYS A 14 4.05 3.55 -9.84
C CYS A 14 5.22 3.96 -10.75
N VAL A 15 6.35 3.30 -10.51
CA VAL A 15 7.55 3.57 -11.28
C VAL A 15 8.16 2.25 -11.76
N ARG A 16 8.52 1.42 -10.79
CA ARG A 16 9.12 0.13 -11.09
C ARG A 16 8.14 -0.73 -11.90
N ARG A 17 7.34 -1.49 -11.17
CA ARG A 17 6.36 -2.36 -11.80
C ARG A 17 7.04 -3.25 -12.83
N ASP A 18 8.35 -3.39 -12.68
CA ASP A 18 9.13 -4.22 -13.59
C ASP A 18 9.04 -3.63 -15.00
N LEU A 19 9.12 -2.32 -15.07
CA LEU A 19 9.05 -1.63 -16.35
C LEU A 19 7.59 -1.48 -16.77
N THR A 20 7.00 -0.37 -16.33
CA THR A 20 5.60 -0.09 -16.64
C THR A 20 5.24 1.34 -16.24
N GLU A 21 5.30 1.58 -14.94
CA GLU A 21 4.99 2.90 -14.40
C GLU A 21 3.53 3.26 -14.72
N VAL A 22 2.79 3.57 -13.67
CA VAL A 22 1.39 3.93 -13.81
C VAL A 22 1.05 5.03 -12.81
N THR A 23 0.11 5.87 -13.20
CA THR A 23 -0.32 6.97 -12.35
C THR A 23 -1.84 6.95 -12.18
N PHE A 24 -2.27 6.62 -10.97
CA PHE A 24 -3.69 6.55 -10.68
C PHE A 24 -3.97 7.03 -9.24
N SER A 25 -5.19 7.48 -9.03
CA SER A 25 -5.60 7.95 -7.72
C SER A 25 -6.61 6.98 -7.09
N LEU A 26 -6.81 7.15 -5.79
CA LEU A 26 -7.73 6.29 -5.06
C LEU A 26 -8.39 7.11 -3.95
N GLN A 27 -9.59 6.67 -3.58
CA GLN A 27 -10.33 7.35 -2.52
C GLN A 27 -10.36 6.48 -1.26
N VAL A 28 -9.62 6.92 -0.26
CA VAL A 28 -9.55 6.21 1.00
C VAL A 28 -9.92 7.16 2.14
N ASN A 29 -9.75 6.66 3.36
CA ASN A 29 -10.05 7.45 4.54
C ASN A 29 -8.76 7.75 5.29
N PRO A 30 -8.80 8.86 6.08
CA PRO A 30 -7.64 9.27 6.86
C PRO A 30 -7.47 8.37 8.08
N ASP A 31 -8.54 7.66 8.42
CA ASP A 31 -8.52 6.77 9.56
C ASP A 31 -8.44 5.32 9.08
N PHE A 32 -7.70 5.14 7.98
CA PHE A 32 -7.53 3.82 7.40
C PHE A 32 -6.12 3.29 7.66
N GLU A 33 -5.88 2.07 7.19
CA GLU A 33 -4.59 1.44 7.36
C GLU A 33 -3.83 1.42 6.03
N LEU A 34 -2.52 1.60 6.13
CA LEU A 34 -1.67 1.61 4.95
C LEU A 34 -1.92 0.33 4.15
N SER A 35 -1.87 -0.80 4.85
CA SER A 35 -2.08 -2.09 4.22
C SER A 35 -3.34 -2.04 3.36
N ASN A 36 -4.37 -1.41 3.90
CA ASN A 36 -5.64 -1.28 3.19
C ASN A 36 -5.42 -0.50 1.89
N PHE A 37 -4.68 0.59 2.01
CA PHE A 37 -4.38 1.43 0.87
C PHE A 37 -3.55 0.67 -0.17
N ARG A 38 -2.75 -0.25 0.32
CA ARG A 38 -1.89 -1.05 -0.54
C ARG A 38 -2.74 -2.03 -1.37
N VAL A 39 -3.62 -2.73 -0.65
CA VAL A 39 -4.49 -3.69 -1.31
C VAL A 39 -5.26 -3.01 -2.44
N LEU A 40 -5.58 -1.75 -2.21
CA LEU A 40 -6.31 -0.97 -3.21
C LEU A 40 -5.40 -0.69 -4.40
N CYS A 41 -4.24 -0.15 -4.11
CA CYS A 41 -3.27 0.17 -5.15
C CYS A 41 -2.81 -1.14 -5.79
N GLU A 42 -3.10 -2.24 -5.09
CA GLU A 42 -2.72 -3.55 -5.58
C GLU A 42 -3.78 -4.07 -6.56
N LEU A 43 -4.94 -3.44 -6.52
CA LEU A 43 -6.04 -3.84 -7.38
C LEU A 43 -5.95 -3.05 -8.69
N GLU A 44 -5.65 -1.77 -8.55
CA GLU A 44 -5.54 -0.89 -9.71
C GLU A 44 -4.23 -1.15 -10.44
N SER A 45 -3.13 -0.87 -9.75
CA SER A 45 -1.81 -1.07 -10.33
C SER A 45 -1.57 -2.55 -10.59
N GLY A 46 -1.83 -3.35 -9.56
CA GLY A 46 -1.65 -4.79 -9.67
C GLY A 46 -0.54 -5.27 -8.73
N VAL A 47 0.37 -4.35 -8.42
CA VAL A 47 1.48 -4.68 -7.54
C VAL A 47 0.94 -5.22 -6.21
N PRO A 48 1.68 -6.22 -5.67
CA PRO A 48 1.29 -6.84 -4.41
C PRO A 48 1.60 -5.92 -3.23
N ALA A 49 0.58 -5.72 -2.40
CA ALA A 49 0.73 -4.87 -1.23
C ALA A 49 2.07 -5.15 -0.57
N GLU A 50 2.39 -6.44 -0.46
CA GLU A 50 3.63 -6.86 0.15
C GLU A 50 4.82 -6.23 -0.57
N GLU A 51 4.74 -6.26 -1.89
CA GLU A 51 5.80 -5.69 -2.72
C GLU A 51 5.38 -4.33 -3.26
N ALA A 52 4.53 -3.67 -2.50
CA ALA A 52 4.04 -2.35 -2.89
C ALA A 52 4.45 -1.32 -1.83
N GLN A 53 5.38 -0.46 -2.22
CA GLN A 53 5.86 0.58 -1.32
C GLN A 53 5.09 1.89 -1.54
N ILE A 54 5.11 2.72 -0.52
CA ILE A 54 4.42 4.00 -0.59
C ILE A 54 5.32 5.09 -0.03
N VAL A 55 5.42 6.18 -0.78
CA VAL A 55 6.25 7.30 -0.37
C VAL A 55 5.36 8.51 -0.07
N TYR A 56 5.78 9.29 0.91
CA TYR A 56 5.02 10.48 1.29
C TYR A 56 5.96 11.55 1.86
N MET A 57 5.69 12.79 1.46
CA MET A 57 6.49 13.91 1.93
C MET A 57 7.88 13.90 1.29
N GLU A 58 8.56 12.78 1.45
CA GLU A 58 9.90 12.63 0.89
C GLU A 58 10.50 11.29 1.32
N GLN A 59 10.16 10.87 2.53
CA GLN A 59 10.66 9.63 3.07
C GLN A 59 9.74 8.47 2.65
N LEU A 60 10.36 7.32 2.43
CA LEU A 60 9.62 6.13 2.03
C LEU A 60 9.05 5.45 3.28
N LEU A 61 7.73 5.35 3.31
CA LEU A 61 7.04 4.73 4.43
C LEU A 61 7.29 3.22 4.39
N THR A 62 7.86 2.72 5.48
CA THR A 62 8.16 1.30 5.59
C THR A 62 7.28 0.66 6.67
N ASP A 63 5.98 0.82 6.50
CA ASP A 63 5.02 0.27 7.45
C ASP A 63 3.73 -0.08 6.72
N ASP A 64 2.92 -0.89 7.37
CA ASP A 64 1.65 -1.31 6.80
C ASP A 64 0.53 -1.08 7.82
N HIS A 65 0.78 -1.56 9.03
CA HIS A 65 -0.20 -1.41 10.10
C HIS A 65 -0.46 0.08 10.35
N CYS A 66 0.51 0.89 10.00
CA CYS A 66 0.40 2.33 10.18
C CYS A 66 -0.81 2.81 9.38
N SER A 67 -1.37 3.93 9.83
CA SER A 67 -2.53 4.50 9.17
C SER A 67 -2.08 5.53 8.12
N LEU A 68 -3.06 6.09 7.44
CA LEU A 68 -2.77 7.08 6.41
C LEU A 68 -2.80 8.48 7.02
N GLY A 69 -3.93 8.80 7.64
CA GLY A 69 -4.09 10.09 8.28
C GLY A 69 -2.91 10.40 9.19
N SER A 70 -2.53 9.41 9.98
CA SER A 70 -1.43 9.56 10.91
C SER A 70 -0.20 10.13 10.17
N TYR A 71 0.23 9.38 9.16
CA TYR A 71 1.38 9.79 8.38
C TYR A 71 1.23 11.25 7.91
N GLY A 72 0.02 11.59 7.51
CA GLY A 72 -0.27 12.93 7.03
C GLY A 72 -1.15 12.89 5.78
N LEU A 73 -1.28 11.70 5.23
CA LEU A 73 -2.10 11.51 4.03
C LEU A 73 -3.46 12.17 4.24
N LYS A 74 -3.82 13.03 3.30
CA LYS A 74 -5.10 13.72 3.37
C LYS A 74 -5.66 13.87 1.96
N ASP A 75 -6.82 14.53 1.89
CA ASP A 75 -7.47 14.75 0.61
C ASP A 75 -6.68 15.78 -0.20
N GLY A 76 -6.29 15.38 -1.39
CA GLY A 76 -5.53 16.25 -2.27
C GLY A 76 -4.03 16.03 -2.10
N ASP A 77 -3.68 14.77 -1.85
CA ASP A 77 -2.27 14.41 -1.67
C ASP A 77 -1.82 13.53 -2.83
N MET A 78 -0.52 13.31 -2.89
CA MET A 78 0.05 12.49 -3.94
C MET A 78 1.20 11.63 -3.41
N VAL A 79 1.01 10.32 -3.54
CA VAL A 79 2.02 9.38 -3.07
C VAL A 79 2.60 8.63 -4.27
N VAL A 80 3.76 8.02 -4.04
CA VAL A 80 4.43 7.27 -5.09
C VAL A 80 4.48 5.79 -4.70
N LEU A 81 4.23 4.94 -5.69
CA LEU A 81 4.25 3.51 -5.48
C LEU A 81 5.52 2.92 -6.06
N LEU A 82 6.19 2.11 -5.26
CA LEU A 82 7.42 1.47 -5.69
C LEU A 82 7.34 -0.03 -5.45
N GLN A 83 7.57 -0.79 -6.50
CA GLN A 83 7.51 -2.24 -6.43
C GLN A 83 8.88 -2.80 -6.01
N LYS A 84 8.84 -3.74 -5.09
CA LYS A 84 10.05 -4.37 -4.59
C LYS A 84 10.34 -5.62 -5.41
N ASP A 85 11.63 -5.91 -5.57
CA ASP A 85 12.05 -7.08 -6.33
C ASP A 85 12.73 -8.08 -5.38
N ASN A 86 12.19 -9.28 -5.35
CA ASN A 86 12.73 -10.33 -4.50
C ASN A 86 13.32 -11.44 -5.38
N VAL A 87 12.79 -11.54 -6.58
CA VAL A 87 13.25 -12.54 -7.52
C VAL A 87 13.62 -13.81 -6.76
N GLY A 88 12.69 -14.24 -5.91
CA GLY A 88 12.90 -15.44 -5.11
C GLY A 88 11.96 -15.47 -3.91
N LEU A 89 11.14 -16.52 -3.87
CA LEU A 89 10.19 -16.67 -2.78
C LEU A 89 10.49 -17.98 -2.03
N ARG A 90 11.49 -17.91 -1.17
CA ARG A 90 11.88 -19.07 -0.39
C ARG A 90 11.30 -18.99 1.02
N THR A 91 11.13 -20.15 1.63
CA THR A 91 10.59 -20.23 2.97
C THR A 91 11.47 -21.11 3.86
N PRO A 92 11.51 -20.75 5.17
CA PRO A 92 12.31 -21.50 6.13
C PRO A 92 11.64 -22.83 6.48
N GLY A 93 12.47 -23.81 6.79
CA GLY A 93 11.98 -25.13 7.15
C GLY A 93 12.12 -25.38 8.65
N ARG A 94 13.29 -25.87 9.03
CA ARG A 94 13.57 -26.16 10.42
C ARG A 94 13.20 -24.96 11.30
N THR A 95 12.99 -25.24 12.58
CA THR A 95 12.64 -24.20 13.53
C THR A 95 13.89 -23.65 14.22
N PRO A 96 13.84 -22.33 14.51
CA PRO A 96 14.96 -21.67 15.17
C PRO A 96 15.02 -22.03 16.66
N SER A 97 16.22 -22.36 17.11
CA SER A 97 16.42 -22.73 18.51
C SER A 97 17.89 -22.53 18.89
N GLY A 98 18.09 -21.82 19.98
CA GLY A 98 19.44 -21.55 20.47
C GLY A 98 19.45 -21.36 21.98
N PRO A 99 19.73 -22.48 22.70
CA PRO A 99 19.77 -22.45 24.16
C PRO A 99 21.04 -21.76 24.65
N SER A 100 22.17 -22.23 24.14
CA SER A 100 23.45 -21.68 24.51
C SER A 100 24.34 -21.50 23.28
N SER A 101 25.41 -20.75 23.45
CA SER A 101 26.34 -20.48 22.36
C SER A 101 27.68 -21.18 22.63
N GLY A 102 27.83 -22.34 22.01
CA GLY A 102 29.04 -23.12 22.17
C GLY A 102 28.80 -24.34 23.06
N GLY A 1 -20.16 2.57 -1.68
CA GLY A 1 -21.53 2.98 -1.92
C GLY A 1 -21.82 4.34 -1.31
N SER A 2 -21.75 5.36 -2.16
CA SER A 2 -22.00 6.72 -1.72
C SER A 2 -20.98 7.12 -0.65
N SER A 3 -20.59 8.38 -0.69
CA SER A 3 -19.62 8.91 0.27
C SER A 3 -19.58 10.43 0.19
N GLY A 4 -20.03 11.05 1.27
CA GLY A 4 -20.05 12.50 1.34
C GLY A 4 -18.64 13.06 1.51
N SER A 5 -18.46 13.83 2.58
CA SER A 5 -17.17 14.43 2.87
C SER A 5 -16.54 13.75 4.08
N SER A 6 -15.41 13.10 3.84
CA SER A 6 -14.71 12.40 4.90
C SER A 6 -13.46 11.71 4.33
N GLY A 7 -13.65 11.06 3.19
CA GLY A 7 -12.55 10.37 2.54
C GLY A 7 -11.55 11.35 1.94
N MET A 8 -10.44 10.81 1.47
CA MET A 8 -9.40 11.62 0.87
C MET A 8 -8.85 10.97 -0.40
N LEU A 9 -8.67 11.81 -1.42
CA LEU A 9 -8.16 11.33 -2.69
C LEU A 9 -6.64 11.14 -2.59
N ILE A 10 -6.21 9.92 -2.92
CA ILE A 10 -4.79 9.61 -2.86
C ILE A 10 -4.29 9.27 -4.27
N THR A 11 -3.50 10.18 -4.81
CA THR A 11 -2.96 9.99 -6.15
C THR A 11 -1.69 9.13 -6.10
N VAL A 12 -1.83 7.90 -6.59
CA VAL A 12 -0.71 6.98 -6.61
C VAL A 12 0.10 7.17 -7.89
N TYR A 13 1.35 6.74 -7.84
CA TYR A 13 2.23 6.86 -8.99
C TYR A 13 3.24 5.72 -9.02
N CYS A 14 2.98 4.76 -9.88
CA CYS A 14 3.86 3.61 -10.02
C CYS A 14 5.05 4.02 -10.90
N VAL A 15 6.18 3.35 -10.66
CA VAL A 15 7.39 3.63 -11.41
C VAL A 15 7.90 2.35 -12.04
N ARG A 16 8.11 1.36 -11.19
CA ARG A 16 8.60 0.06 -11.66
C ARG A 16 7.43 -0.87 -11.95
N ARG A 17 7.06 -1.65 -10.96
CA ARG A 17 5.97 -2.59 -11.10
C ARG A 17 5.84 -3.04 -12.55
N ASP A 18 6.93 -3.61 -13.07
CA ASP A 18 6.95 -4.08 -14.44
C ASP A 18 6.94 -2.87 -15.39
N LEU A 19 7.92 -2.86 -16.27
CA LEU A 19 8.04 -1.78 -17.24
C LEU A 19 6.65 -1.38 -17.73
N THR A 20 6.18 -0.24 -17.25
CA THR A 20 4.87 0.26 -17.63
C THR A 20 4.63 1.63 -17.03
N GLU A 21 4.76 1.70 -15.71
CA GLU A 21 4.56 2.95 -14.99
C GLU A 21 3.16 3.51 -15.29
N VAL A 22 2.27 3.33 -14.32
CA VAL A 22 0.90 3.81 -14.47
C VAL A 22 0.62 4.85 -13.38
N THR A 23 -0.26 5.78 -13.72
CA THR A 23 -0.62 6.84 -12.79
C THR A 23 -2.13 6.84 -12.56
N PHE A 24 -2.52 6.58 -11.32
CA PHE A 24 -3.93 6.56 -10.96
C PHE A 24 -4.14 7.04 -9.52
N SER A 25 -5.39 7.36 -9.22
CA SER A 25 -5.73 7.83 -7.89
C SER A 25 -6.67 6.83 -7.20
N LEU A 26 -6.87 7.04 -5.91
CA LEU A 26 -7.74 6.18 -5.14
C LEU A 26 -8.42 6.99 -4.04
N GLN A 27 -9.65 6.61 -3.73
CA GLN A 27 -10.41 7.29 -2.69
C GLN A 27 -10.49 6.43 -1.43
N VAL A 28 -9.75 6.86 -0.42
CA VAL A 28 -9.72 6.15 0.84
C VAL A 28 -10.05 7.13 1.98
N ASN A 29 -9.90 6.63 3.20
CA ASN A 29 -10.19 7.44 4.38
C ASN A 29 -8.88 7.70 5.13
N PRO A 30 -8.93 8.73 6.01
CA PRO A 30 -7.76 9.10 6.80
C PRO A 30 -7.53 8.09 7.94
N ASP A 31 -8.59 7.39 8.29
CA ASP A 31 -8.52 6.39 9.34
C ASP A 31 -8.38 5.00 8.72
N PHE A 32 -7.69 4.96 7.59
CA PHE A 32 -7.47 3.71 6.90
C PHE A 32 -6.00 3.29 6.96
N GLU A 33 -5.79 2.06 7.42
CA GLU A 33 -4.45 1.52 7.55
C GLU A 33 -3.71 1.61 6.21
N LEU A 34 -2.40 1.69 6.29
CA LEU A 34 -1.58 1.76 5.09
C LEU A 34 -1.75 0.49 4.27
N SER A 35 -1.68 -0.64 4.97
CA SER A 35 -1.83 -1.93 4.32
C SER A 35 -3.12 -1.96 3.51
N ASN A 36 -4.13 -1.28 4.02
CA ASN A 36 -5.42 -1.22 3.35
C ASN A 36 -5.27 -0.44 2.05
N PHE A 37 -4.55 0.67 2.14
CA PHE A 37 -4.34 1.51 0.97
C PHE A 37 -3.56 0.75 -0.11
N ARG A 38 -2.73 -0.17 0.33
CA ARG A 38 -1.93 -0.97 -0.58
C ARG A 38 -2.81 -1.97 -1.32
N VAL A 39 -3.62 -2.67 -0.55
CA VAL A 39 -4.52 -3.67 -1.12
C VAL A 39 -5.35 -3.03 -2.24
N LEU A 40 -5.61 -1.74 -2.07
CA LEU A 40 -6.38 -1.00 -3.05
C LEU A 40 -5.51 -0.74 -4.28
N CYS A 41 -4.37 -0.09 -4.03
CA CYS A 41 -3.45 0.23 -5.11
C CYS A 41 -3.03 -1.09 -5.79
N GLU A 42 -3.14 -2.17 -5.03
CA GLU A 42 -2.77 -3.47 -5.54
C GLU A 42 -3.83 -3.97 -6.53
N LEU A 43 -4.99 -3.35 -6.47
CA LEU A 43 -6.08 -3.72 -7.36
C LEU A 43 -6.04 -2.82 -8.60
N GLU A 44 -5.38 -1.68 -8.45
CA GLU A 44 -5.27 -0.74 -9.55
C GLU A 44 -4.00 -1.02 -10.36
N SER A 45 -2.86 -0.82 -9.71
CA SER A 45 -1.58 -1.05 -10.37
C SER A 45 -1.38 -2.54 -10.59
N GLY A 46 -1.81 -3.32 -9.62
CA GLY A 46 -1.68 -4.77 -9.70
C GLY A 46 -0.55 -5.27 -8.79
N VAL A 47 0.28 -4.32 -8.37
CA VAL A 47 1.40 -4.65 -7.50
C VAL A 47 0.87 -5.25 -6.19
N PRO A 48 1.62 -6.27 -5.69
CA PRO A 48 1.24 -6.94 -4.45
C PRO A 48 1.54 -6.06 -3.24
N ALA A 49 0.52 -5.86 -2.41
CA ALA A 49 0.67 -5.05 -1.22
C ALA A 49 2.02 -5.34 -0.57
N GLU A 50 2.45 -6.59 -0.71
CA GLU A 50 3.72 -7.01 -0.13
C GLU A 50 4.87 -6.33 -0.87
N GLU A 51 4.85 -6.46 -2.19
CA GLU A 51 5.89 -5.87 -3.01
C GLU A 51 5.45 -4.49 -3.50
N ALA A 52 4.62 -3.84 -2.70
CA ALA A 52 4.13 -2.51 -3.04
C ALA A 52 4.54 -1.53 -1.94
N GLN A 53 5.38 -0.58 -2.32
CA GLN A 53 5.85 0.43 -1.39
C GLN A 53 5.14 1.76 -1.64
N ILE A 54 5.14 2.59 -0.61
CA ILE A 54 4.49 3.90 -0.71
C ILE A 54 5.42 4.96 -0.10
N VAL A 55 5.54 6.07 -0.82
CA VAL A 55 6.39 7.15 -0.36
C VAL A 55 5.53 8.40 -0.16
N TYR A 56 5.92 9.21 0.82
CA TYR A 56 5.20 10.44 1.12
C TYR A 56 6.14 11.50 1.70
N MET A 57 5.83 12.75 1.40
CA MET A 57 6.63 13.85 1.89
C MET A 57 8.01 13.86 1.24
N GLU A 58 8.74 12.77 1.46
CA GLU A 58 10.07 12.63 0.90
C GLU A 58 10.67 11.26 1.28
N GLN A 59 10.35 10.83 2.49
CA GLN A 59 10.85 9.56 2.97
C GLN A 59 9.90 8.43 2.58
N LEU A 60 10.39 7.21 2.68
CA LEU A 60 9.59 6.04 2.34
C LEU A 60 8.90 5.51 3.60
N LEU A 61 7.59 5.36 3.50
CA LEU A 61 6.81 4.86 4.61
C LEU A 61 7.09 3.37 4.81
N THR A 62 7.85 3.08 5.86
CA THR A 62 8.19 1.71 6.18
C THR A 62 7.30 1.16 7.29
N ASP A 63 6.02 1.45 7.17
CA ASP A 63 5.04 1.01 8.16
C ASP A 63 3.70 0.77 7.48
N ASP A 64 3.27 -0.49 7.53
CA ASP A 64 2.01 -0.88 6.91
C ASP A 64 0.90 -0.80 7.97
N HIS A 65 1.26 -1.18 9.18
CA HIS A 65 0.31 -1.17 10.29
C HIS A 65 -0.11 0.28 10.58
N CYS A 66 0.72 1.21 10.15
CA CYS A 66 0.45 2.62 10.36
C CYS A 66 -0.73 3.02 9.47
N SER A 67 -1.37 4.11 9.85
CA SER A 67 -2.52 4.61 9.10
C SER A 67 -2.11 5.84 8.30
N LEU A 68 -2.98 6.21 7.36
CA LEU A 68 -2.73 7.37 6.52
C LEU A 68 -2.86 8.64 7.36
N GLY A 69 -4.07 8.86 7.85
CA GLY A 69 -4.34 10.04 8.67
C GLY A 69 -3.20 10.27 9.67
N SER A 70 -2.72 9.19 10.25
CA SER A 70 -1.65 9.27 11.22
C SER A 70 -0.43 9.95 10.59
N TYR A 71 0.00 9.39 9.47
CA TYR A 71 1.15 9.93 8.76
C TYR A 71 0.95 11.41 8.42
N GLY A 72 -0.27 11.71 7.98
CA GLY A 72 -0.61 13.08 7.62
C GLY A 72 -1.12 13.15 6.17
N LEU A 73 -1.90 12.14 5.81
CA LEU A 73 -2.46 12.08 4.47
C LEU A 73 -3.90 12.60 4.49
N LYS A 74 -4.17 13.55 3.61
CA LYS A 74 -5.49 14.14 3.52
C LYS A 74 -5.91 14.22 2.05
N ASP A 75 -7.13 14.69 1.83
CA ASP A 75 -7.65 14.83 0.49
C ASP A 75 -6.88 15.92 -0.25
N GLY A 76 -6.20 15.50 -1.31
CA GLY A 76 -5.42 16.44 -2.11
C GLY A 76 -3.92 16.19 -1.93
N ASP A 77 -3.57 14.92 -1.82
CA ASP A 77 -2.18 14.53 -1.64
C ASP A 77 -1.78 13.54 -2.74
N MET A 78 -0.48 13.39 -2.90
CA MET A 78 0.05 12.48 -3.91
C MET A 78 1.14 11.59 -3.33
N VAL A 79 0.99 10.29 -3.55
CA VAL A 79 1.95 9.33 -3.06
C VAL A 79 2.57 8.57 -4.24
N VAL A 80 3.77 8.06 -4.02
CA VAL A 80 4.46 7.31 -5.05
C VAL A 80 4.46 5.82 -4.70
N LEU A 81 4.49 5.00 -5.73
CA LEU A 81 4.49 3.56 -5.54
C LEU A 81 5.82 2.98 -6.02
N LEU A 82 6.30 1.99 -5.28
CA LEU A 82 7.56 1.35 -5.62
C LEU A 82 7.45 -0.16 -5.38
N GLN A 83 7.87 -0.92 -6.37
CA GLN A 83 7.82 -2.37 -6.28
C GLN A 83 9.24 -2.95 -6.20
N LYS A 84 9.45 -3.76 -5.17
CA LYS A 84 10.76 -4.38 -4.98
C LYS A 84 10.98 -5.42 -6.07
N ASP A 85 12.05 -6.19 -5.90
CA ASP A 85 12.40 -7.23 -6.86
C ASP A 85 11.85 -8.57 -6.38
N ASN A 86 11.84 -9.53 -7.28
CA ASN A 86 11.36 -10.86 -6.97
C ASN A 86 12.54 -11.81 -6.77
N VAL A 87 13.67 -11.21 -6.40
CA VAL A 87 14.88 -11.99 -6.18
C VAL A 87 14.91 -12.48 -4.73
N GLY A 88 13.93 -12.02 -3.96
CA GLY A 88 13.83 -12.40 -2.57
C GLY A 88 12.39 -12.28 -2.06
N LEU A 89 11.84 -13.42 -1.68
CA LEU A 89 10.48 -13.47 -1.18
C LEU A 89 10.50 -13.80 0.31
N ARG A 90 11.65 -14.25 0.78
CA ARG A 90 11.82 -14.60 2.18
C ARG A 90 13.16 -15.28 2.40
N THR A 91 13.41 -15.63 3.66
CA THR A 91 14.66 -16.29 4.02
C THR A 91 14.38 -17.42 5.01
N PRO A 92 15.22 -18.48 4.92
CA PRO A 92 15.08 -19.63 5.80
C PRO A 92 15.60 -19.31 7.21
N GLY A 93 16.85 -18.85 7.24
CA GLY A 93 17.47 -18.50 8.50
C GLY A 93 18.37 -19.64 9.01
N ARG A 94 17.76 -20.49 9.82
CA ARG A 94 18.48 -21.63 10.38
C ARG A 94 19.02 -22.52 9.26
N THR A 95 20.27 -22.93 9.42
CA THR A 95 20.91 -23.79 8.43
C THR A 95 21.33 -25.11 9.07
N PRO A 96 21.23 -26.20 8.26
CA PRO A 96 21.60 -27.53 8.73
C PRO A 96 23.12 -27.67 8.80
N SER A 97 23.60 -28.06 9.97
CA SER A 97 25.02 -28.24 10.18
C SER A 97 25.43 -29.67 9.81
N GLY A 98 26.73 -29.85 9.60
CA GLY A 98 27.25 -31.16 9.24
C GLY A 98 28.75 -31.25 9.55
N PRO A 99 29.22 -32.52 9.72
CA PRO A 99 30.62 -32.75 10.01
C PRO A 99 31.49 -32.56 8.77
N SER A 100 32.69 -32.04 8.99
CA SER A 100 33.61 -31.79 7.90
C SER A 100 34.90 -32.58 8.13
N SER A 101 35.48 -33.05 7.03
CA SER A 101 36.71 -33.81 7.08
C SER A 101 37.54 -33.58 5.82
N GLY A 102 38.84 -33.79 5.96
CA GLY A 102 39.75 -33.59 4.84
C GLY A 102 39.24 -34.31 3.59
N GLY A 1 -18.03 -2.95 1.82
CA GLY A 1 -17.40 -1.65 1.67
C GLY A 1 -17.07 -1.05 3.04
N SER A 2 -16.97 0.27 3.06
CA SER A 2 -16.66 0.99 4.29
C SER A 2 -17.86 1.81 4.73
N SER A 3 -18.28 2.72 3.85
CA SER A 3 -19.41 3.58 4.15
C SER A 3 -19.19 4.33 5.47
N GLY A 4 -18.71 5.55 5.34
CA GLY A 4 -18.45 6.37 6.51
C GLY A 4 -18.13 7.82 6.10
N SER A 5 -17.11 8.37 6.74
CA SER A 5 -16.71 9.74 6.46
C SER A 5 -16.55 9.93 4.95
N SER A 6 -16.43 11.19 4.56
CA SER A 6 -16.27 11.53 3.15
C SER A 6 -15.09 10.76 2.56
N GLY A 7 -13.90 11.07 3.08
CA GLY A 7 -12.69 10.42 2.61
C GLY A 7 -11.74 11.42 1.97
N MET A 8 -10.58 10.92 1.56
CA MET A 8 -9.58 11.77 0.93
C MET A 8 -9.01 11.09 -0.31
N LEU A 9 -8.74 11.91 -1.32
CA LEU A 9 -8.19 11.41 -2.57
C LEU A 9 -6.67 11.23 -2.41
N ILE A 10 -6.20 10.09 -2.90
CA ILE A 10 -4.78 9.78 -2.83
C ILE A 10 -4.28 9.38 -4.22
N THR A 11 -3.51 10.28 -4.81
CA THR A 11 -2.96 10.04 -6.13
C THR A 11 -1.69 9.18 -6.04
N VAL A 12 -1.80 7.98 -6.56
CA VAL A 12 -0.67 7.05 -6.54
C VAL A 12 0.08 7.15 -7.87
N TYR A 13 1.39 6.94 -7.79
CA TYR A 13 2.23 7.01 -8.96
C TYR A 13 3.19 5.81 -9.02
N CYS A 14 2.80 4.83 -9.84
CA CYS A 14 3.61 3.63 -9.98
C CYS A 14 4.86 3.99 -10.80
N VAL A 15 5.92 3.24 -10.55
CA VAL A 15 7.17 3.47 -11.26
C VAL A 15 7.61 2.17 -11.94
N ARG A 16 8.57 1.50 -11.30
CA ARG A 16 9.09 0.26 -11.82
C ARG A 16 7.96 -0.57 -12.46
N ARG A 17 7.32 -1.36 -11.62
CA ARG A 17 6.22 -2.19 -12.07
C ARG A 17 6.70 -3.15 -13.17
N ASP A 18 8.01 -3.33 -13.21
CA ASP A 18 8.61 -4.21 -14.21
C ASP A 18 8.48 -3.57 -15.59
N LEU A 19 8.81 -2.29 -15.66
CA LEU A 19 8.72 -1.55 -16.91
C LEU A 19 7.25 -1.39 -17.31
N THR A 20 6.64 -0.36 -16.75
CA THR A 20 5.24 -0.08 -17.03
C THR A 20 4.88 1.33 -16.58
N GLU A 21 4.94 1.53 -15.26
CA GLU A 21 4.62 2.83 -14.69
C GLU A 21 3.18 3.22 -15.02
N VAL A 22 2.41 3.48 -13.97
CA VAL A 22 1.02 3.87 -14.14
C VAL A 22 0.67 4.96 -13.13
N THR A 23 -0.33 5.75 -13.49
CA THR A 23 -0.77 6.84 -12.63
C THR A 23 -2.29 6.79 -12.44
N PHE A 24 -2.69 6.66 -11.18
CA PHE A 24 -4.11 6.61 -10.86
C PHE A 24 -4.37 7.13 -9.45
N SER A 25 -5.62 7.53 -9.22
CA SER A 25 -6.00 8.05 -7.92
C SER A 25 -6.90 7.04 -7.19
N LEU A 26 -7.04 7.24 -5.89
CA LEU A 26 -7.85 6.36 -5.08
C LEU A 26 -8.50 7.17 -3.95
N GLN A 27 -9.70 6.75 -3.59
CA GLN A 27 -10.44 7.43 -2.53
C GLN A 27 -10.53 6.54 -1.29
N VAL A 28 -9.83 6.95 -0.25
CA VAL A 28 -9.83 6.19 1.00
C VAL A 28 -9.99 7.15 2.18
N ASN A 29 -10.18 6.57 3.34
CA ASN A 29 -10.35 7.37 4.56
C ASN A 29 -8.98 7.61 5.19
N PRO A 30 -8.95 8.58 6.15
CA PRO A 30 -7.71 8.92 6.83
C PRO A 30 -7.35 7.85 7.87
N ASP A 31 -8.33 7.03 8.19
CA ASP A 31 -8.14 5.95 9.16
C ASP A 31 -7.60 4.72 8.44
N PHE A 32 -8.09 4.52 7.23
CA PHE A 32 -7.67 3.38 6.43
C PHE A 32 -6.18 3.10 6.62
N GLU A 33 -5.91 1.91 7.14
CA GLU A 33 -4.53 1.50 7.39
C GLU A 33 -3.73 1.54 6.09
N LEU A 34 -2.41 1.63 6.24
CA LEU A 34 -1.53 1.66 5.09
C LEU A 34 -1.74 0.41 4.24
N SER A 35 -1.57 -0.73 4.88
CA SER A 35 -1.74 -2.00 4.20
C SER A 35 -2.97 -1.95 3.28
N ASN A 36 -4.05 -1.41 3.83
CA ASN A 36 -5.29 -1.30 3.08
C ASN A 36 -5.04 -0.51 1.80
N PHE A 37 -4.48 0.68 1.97
CA PHE A 37 -4.17 1.54 0.83
C PHE A 37 -3.34 0.79 -0.21
N ARG A 38 -2.65 -0.24 0.25
CA ARG A 38 -1.83 -1.04 -0.63
C ARG A 38 -2.68 -2.03 -1.42
N VAL A 39 -3.44 -2.82 -0.67
CA VAL A 39 -4.32 -3.81 -1.28
C VAL A 39 -5.12 -3.15 -2.40
N LEU A 40 -5.57 -1.94 -2.14
CA LEU A 40 -6.35 -1.19 -3.12
C LEU A 40 -5.49 -0.95 -4.36
N CYS A 41 -4.37 -0.27 -4.14
CA CYS A 41 -3.45 0.03 -5.23
C CYS A 41 -3.04 -1.28 -5.89
N GLU A 42 -3.10 -2.35 -5.11
CA GLU A 42 -2.75 -3.66 -5.60
C GLU A 42 -3.86 -4.23 -6.49
N LEU A 43 -5.04 -3.63 -6.35
CA LEU A 43 -6.19 -4.06 -7.12
C LEU A 43 -6.29 -3.22 -8.39
N GLU A 44 -5.77 -2.01 -8.30
CA GLU A 44 -5.79 -1.10 -9.42
C GLU A 44 -4.59 -1.34 -10.34
N SER A 45 -3.41 -1.05 -9.81
CA SER A 45 -2.18 -1.23 -10.56
C SER A 45 -1.88 -2.73 -10.70
N GLY A 46 -2.07 -3.45 -9.60
CA GLY A 46 -1.82 -4.88 -9.60
C GLY A 46 -0.62 -5.22 -8.73
N VAL A 47 0.24 -4.23 -8.55
CA VAL A 47 1.44 -4.41 -7.73
C VAL A 47 1.07 -5.13 -6.44
N PRO A 48 2.00 -6.02 -5.99
CA PRO A 48 1.79 -6.77 -4.77
C PRO A 48 1.97 -5.89 -3.53
N ALA A 49 0.88 -5.72 -2.81
CA ALA A 49 0.91 -4.90 -1.60
C ALA A 49 2.22 -5.15 -0.85
N GLU A 50 2.70 -6.38 -0.95
CA GLU A 50 3.95 -6.76 -0.30
C GLU A 50 5.10 -5.92 -0.83
N GLU A 51 5.24 -5.91 -2.14
CA GLU A 51 6.30 -5.15 -2.79
C GLU A 51 5.88 -3.69 -2.95
N ALA A 52 4.57 -3.48 -2.89
CA ALA A 52 4.03 -2.14 -3.03
C ALA A 52 4.53 -1.26 -1.87
N GLN A 53 5.15 -0.14 -2.23
CA GLN A 53 5.66 0.77 -1.24
C GLN A 53 4.94 2.12 -1.33
N ILE A 54 5.05 2.89 -0.26
CA ILE A 54 4.41 4.19 -0.20
C ILE A 54 5.40 5.22 0.36
N VAL A 55 5.63 6.26 -0.42
CA VAL A 55 6.55 7.31 -0.03
C VAL A 55 5.76 8.60 0.24
N TYR A 56 6.14 9.27 1.31
CA TYR A 56 5.48 10.51 1.69
C TYR A 56 6.44 11.43 2.44
N MET A 57 6.27 12.73 2.20
CA MET A 57 7.10 13.73 2.84
C MET A 57 8.58 13.54 2.46
N GLU A 58 8.78 12.76 1.41
CA GLU A 58 10.12 12.49 0.92
C GLU A 58 10.79 11.40 1.77
N GLN A 59 9.97 10.46 2.20
CA GLN A 59 10.45 9.36 3.02
C GLN A 59 9.82 8.04 2.57
N LEU A 60 10.33 6.96 3.14
CA LEU A 60 9.81 5.63 2.81
C LEU A 60 9.10 5.05 4.02
N LEU A 61 7.78 5.18 4.02
CA LEU A 61 6.97 4.67 5.10
C LEU A 61 7.28 3.18 5.31
N THR A 62 7.63 2.84 6.55
CA THR A 62 7.94 1.46 6.88
C THR A 62 7.11 1.00 8.08
N ASP A 63 5.80 1.09 7.92
CA ASP A 63 4.89 0.68 8.98
C ASP A 63 3.47 0.59 8.41
N ASP A 64 3.11 -0.62 8.03
CA ASP A 64 1.78 -0.87 7.48
C ASP A 64 0.73 -0.64 8.56
N HIS A 65 1.09 -1.02 9.78
CA HIS A 65 0.19 -0.87 10.91
C HIS A 65 -0.21 0.59 11.06
N CYS A 66 0.58 1.46 10.42
CA CYS A 66 0.32 2.88 10.48
C CYS A 66 -0.83 3.21 9.51
N SER A 67 -1.49 4.31 9.78
CA SER A 67 -2.59 4.74 8.94
C SER A 67 -2.18 5.94 8.08
N LEU A 68 -3.10 6.35 7.22
CA LEU A 68 -2.83 7.48 6.34
C LEU A 68 -2.97 8.78 7.14
N GLY A 69 -4.18 9.03 7.61
CA GLY A 69 -4.44 10.23 8.39
C GLY A 69 -3.31 10.52 9.36
N SER A 70 -2.83 9.46 9.99
CA SER A 70 -1.74 9.59 10.95
C SER A 70 -0.44 9.98 10.23
N TYR A 71 -0.17 9.26 9.14
CA TYR A 71 1.03 9.52 8.36
C TYR A 71 1.08 10.97 7.90
N GLY A 72 -0.08 11.61 7.93
CA GLY A 72 -0.18 13.00 7.53
C GLY A 72 -0.92 13.13 6.19
N LEU A 73 -1.26 11.98 5.62
CA LEU A 73 -1.98 11.96 4.36
C LEU A 73 -3.30 12.71 4.50
N LYS A 74 -3.59 13.52 3.49
CA LYS A 74 -4.82 14.30 3.49
C LYS A 74 -5.34 14.43 2.05
N ASP A 75 -6.57 14.89 1.94
CA ASP A 75 -7.18 15.08 0.64
C ASP A 75 -6.36 16.07 -0.18
N GLY A 76 -5.98 15.64 -1.37
CA GLY A 76 -5.19 16.48 -2.25
C GLY A 76 -3.70 16.21 -2.07
N ASP A 77 -3.35 14.92 -1.99
CA ASP A 77 -1.97 14.52 -1.83
C ASP A 77 -1.53 13.71 -3.04
N MET A 78 -0.29 13.23 -2.97
CA MET A 78 0.26 12.44 -4.06
C MET A 78 1.42 11.57 -3.57
N VAL A 79 1.22 10.27 -3.66
CA VAL A 79 2.22 9.31 -3.22
C VAL A 79 2.74 8.53 -4.43
N VAL A 80 3.89 7.90 -4.25
CA VAL A 80 4.50 7.12 -5.32
C VAL A 80 4.47 5.64 -4.92
N LEU A 81 4.23 4.81 -5.92
CA LEU A 81 4.18 3.37 -5.70
C LEU A 81 5.44 2.73 -6.26
N LEU A 82 6.19 2.09 -5.38
CA LEU A 82 7.43 1.43 -5.78
C LEU A 82 7.25 -0.08 -5.64
N GLN A 83 7.57 -0.77 -6.74
CA GLN A 83 7.45 -2.22 -6.77
C GLN A 83 8.84 -2.87 -6.65
N LYS A 84 9.07 -3.46 -5.50
CA LYS A 84 10.34 -4.12 -5.24
C LYS A 84 10.43 -5.40 -6.06
N ASP A 85 11.65 -5.85 -6.28
CA ASP A 85 11.88 -7.07 -7.04
C ASP A 85 12.85 -7.97 -6.29
N ASN A 86 12.58 -9.26 -6.34
CA ASN A 86 13.41 -10.23 -5.65
C ASN A 86 13.46 -11.52 -6.49
N VAL A 87 13.09 -11.38 -7.75
CA VAL A 87 13.09 -12.53 -8.65
C VAL A 87 12.01 -13.52 -8.21
N GLY A 88 10.95 -12.97 -7.66
CA GLY A 88 9.84 -13.80 -7.18
C GLY A 88 9.76 -13.79 -5.66
N LEU A 89 8.60 -13.36 -5.17
CA LEU A 89 8.39 -13.30 -3.73
C LEU A 89 6.91 -13.58 -3.43
N ARG A 90 6.62 -14.85 -3.21
CA ARG A 90 5.26 -15.26 -2.91
C ARG A 90 5.21 -16.02 -1.58
N THR A 91 4.72 -15.32 -0.56
CA THR A 91 4.62 -15.92 0.76
C THR A 91 3.16 -16.29 1.06
N PRO A 92 3.01 -17.18 2.07
CA PRO A 92 1.69 -17.63 2.47
C PRO A 92 0.95 -16.55 3.26
N GLY A 93 -0.31 -16.82 3.55
CA GLY A 93 -1.14 -15.89 4.29
C GLY A 93 -2.06 -16.62 5.26
N ARG A 94 -2.11 -16.11 6.49
CA ARG A 94 -2.95 -16.70 7.51
C ARG A 94 -2.78 -15.96 8.84
N THR A 95 -3.88 -15.90 9.59
CA THR A 95 -3.86 -15.22 10.88
C THR A 95 -4.30 -16.18 11.98
N PRO A 96 -3.71 -15.96 13.19
CA PRO A 96 -4.02 -16.79 14.35
C PRO A 96 -5.40 -16.45 14.91
N SER A 97 -5.81 -17.22 15.91
CA SER A 97 -7.10 -17.01 16.55
C SER A 97 -6.94 -16.12 17.78
N GLY A 98 -6.09 -16.57 18.69
CA GLY A 98 -5.84 -15.84 19.92
C GLY A 98 -6.45 -16.55 21.13
N PRO A 99 -7.52 -15.94 21.68
CA PRO A 99 -8.20 -16.51 22.84
C PRO A 99 -9.05 -17.70 22.43
N SER A 100 -9.66 -18.33 23.43
CA SER A 100 -10.50 -19.49 23.19
C SER A 100 -11.24 -19.86 24.48
N SER A 101 -12.43 -20.42 24.29
CA SER A 101 -13.26 -20.83 25.42
C SER A 101 -13.75 -19.59 26.17
N GLY A 102 -14.89 -19.75 26.83
CA GLY A 102 -15.47 -18.66 27.59
C GLY A 102 -16.67 -19.15 28.42
N GLY A 1 -20.90 -0.32 0.31
CA GLY A 1 -20.31 0.90 0.81
C GLY A 1 -19.53 1.63 -0.29
N SER A 2 -19.87 2.90 -0.48
CA SER A 2 -19.22 3.71 -1.49
C SER A 2 -19.02 5.13 -0.98
N SER A 3 -20.12 5.76 -0.62
CA SER A 3 -20.08 7.12 -0.11
C SER A 3 -20.66 7.18 1.30
N GLY A 4 -19.77 7.43 2.26
CA GLY A 4 -20.18 7.50 3.66
C GLY A 4 -20.13 8.94 4.16
N SER A 5 -18.91 9.45 4.26
CA SER A 5 -18.71 10.82 4.73
C SER A 5 -18.17 11.69 3.59
N SER A 6 -17.00 11.29 3.11
CA SER A 6 -16.36 12.03 2.02
C SER A 6 -15.10 11.29 1.56
N GLY A 7 -14.17 11.13 2.48
CA GLY A 7 -12.93 10.44 2.19
C GLY A 7 -11.92 11.40 1.57
N MET A 8 -10.72 10.88 1.32
CA MET A 8 -9.67 11.66 0.72
C MET A 8 -9.14 11.01 -0.56
N LEU A 9 -8.67 11.85 -1.48
CA LEU A 9 -8.15 11.36 -2.74
C LEU A 9 -6.63 11.15 -2.61
N ILE A 10 -6.21 9.95 -2.94
CA ILE A 10 -4.79 9.60 -2.86
C ILE A 10 -4.27 9.30 -4.26
N THR A 11 -3.36 10.16 -4.72
CA THR A 11 -2.77 10.00 -6.03
C THR A 11 -1.53 9.12 -5.96
N VAL A 12 -1.63 7.97 -6.63
CA VAL A 12 -0.52 7.02 -6.65
C VAL A 12 0.30 7.23 -7.93
N TYR A 13 1.54 6.78 -7.88
CA TYR A 13 2.43 6.90 -9.02
C TYR A 13 3.45 5.77 -9.05
N CYS A 14 3.22 4.82 -9.95
CA CYS A 14 4.11 3.68 -10.08
C CYS A 14 5.20 4.04 -11.10
N VAL A 15 6.36 3.42 -10.92
CA VAL A 15 7.48 3.67 -11.81
C VAL A 15 8.05 2.32 -12.28
N ARG A 16 8.30 1.45 -11.31
CA ARG A 16 8.84 0.14 -11.62
C ARG A 16 7.80 -0.70 -12.36
N ARG A 17 7.08 -1.51 -11.58
CA ARG A 17 6.05 -2.38 -12.14
C ARG A 17 6.64 -3.22 -13.27
N ASP A 18 7.96 -3.35 -13.26
CA ASP A 18 8.65 -4.12 -14.27
C ASP A 18 8.65 -3.35 -15.60
N LEU A 19 9.25 -2.18 -15.56
CA LEU A 19 9.34 -1.33 -16.74
C LEU A 19 7.92 -1.06 -17.25
N THR A 20 7.32 -0.03 -16.69
CA THR A 20 5.96 0.36 -17.09
C THR A 20 5.64 1.77 -16.58
N GLU A 21 5.60 1.89 -15.25
CA GLU A 21 5.30 3.17 -14.64
C GLU A 21 3.88 3.60 -14.97
N VAL A 22 3.03 3.57 -13.94
CA VAL A 22 1.64 3.94 -14.11
C VAL A 22 1.28 5.03 -13.09
N THR A 23 0.20 5.74 -13.38
CA THR A 23 -0.26 6.79 -12.49
C THR A 23 -1.78 6.74 -12.33
N PHE A 24 -2.20 6.61 -11.08
CA PHE A 24 -3.61 6.54 -10.77
C PHE A 24 -3.89 7.04 -9.36
N SER A 25 -5.15 7.39 -9.12
CA SER A 25 -5.56 7.89 -7.82
C SER A 25 -6.52 6.90 -7.16
N LEU A 26 -6.77 7.12 -5.88
CA LEU A 26 -7.66 6.27 -5.13
C LEU A 26 -8.41 7.09 -4.09
N GLN A 27 -9.46 6.49 -3.53
CA GLN A 27 -10.26 7.16 -2.53
C GLN A 27 -10.33 6.32 -1.26
N VAL A 28 -9.65 6.80 -0.24
CA VAL A 28 -9.63 6.10 1.05
C VAL A 28 -9.99 7.08 2.16
N ASN A 29 -9.83 6.61 3.40
CA ASN A 29 -10.13 7.44 4.56
C ASN A 29 -8.85 7.67 5.35
N PRO A 30 -8.92 8.67 6.26
CA PRO A 30 -7.77 9.01 7.09
C PRO A 30 -7.57 7.97 8.19
N ASP A 31 -8.62 7.18 8.42
CA ASP A 31 -8.56 6.15 9.44
C ASP A 31 -8.40 4.78 8.77
N PHE A 32 -7.68 4.79 7.65
CA PHE A 32 -7.44 3.56 6.91
C PHE A 32 -5.97 3.16 6.99
N GLU A 33 -5.76 1.94 7.49
CA GLU A 33 -4.41 1.41 7.63
C GLU A 33 -3.69 1.44 6.28
N LEU A 34 -2.40 1.73 6.35
CA LEU A 34 -1.58 1.79 5.15
C LEU A 34 -1.81 0.52 4.31
N SER A 35 -1.95 -0.59 5.03
CA SER A 35 -2.17 -1.87 4.37
C SER A 35 -3.45 -1.82 3.54
N ASN A 36 -4.46 -1.16 4.10
CA ASN A 36 -5.74 -1.04 3.43
C ASN A 36 -5.56 -0.23 2.14
N PHE A 37 -4.65 0.72 2.20
CA PHE A 37 -4.37 1.57 1.05
C PHE A 37 -3.58 0.79 -0.02
N ARG A 38 -2.76 -0.13 0.47
CA ARG A 38 -1.94 -0.94 -0.43
C ARG A 38 -2.82 -1.90 -1.22
N VAL A 39 -3.47 -2.79 -0.49
CA VAL A 39 -4.34 -3.77 -1.12
C VAL A 39 -5.13 -3.10 -2.25
N LEU A 40 -5.55 -1.88 -1.99
CA LEU A 40 -6.31 -1.11 -2.97
C LEU A 40 -5.42 -0.84 -4.18
N CYS A 41 -4.30 -0.18 -3.93
CA CYS A 41 -3.36 0.17 -4.99
C CYS A 41 -2.92 -1.13 -5.66
N GLU A 42 -3.12 -2.23 -4.96
CA GLU A 42 -2.76 -3.54 -5.47
C GLU A 42 -3.84 -4.07 -6.40
N LEU A 43 -5.01 -3.45 -6.31
CA LEU A 43 -6.14 -3.85 -7.13
C LEU A 43 -6.17 -3.01 -8.40
N GLU A 44 -5.99 -1.71 -8.22
CA GLU A 44 -6.00 -0.79 -9.34
C GLU A 44 -4.82 -1.09 -10.28
N SER A 45 -3.63 -0.86 -9.76
CA SER A 45 -2.42 -1.10 -10.54
C SER A 45 -2.21 -2.60 -10.72
N GLY A 46 -2.26 -3.31 -9.60
CA GLY A 46 -2.08 -4.76 -9.62
C GLY A 46 -0.85 -5.16 -8.81
N VAL A 47 -0.01 -4.18 -8.54
CA VAL A 47 1.20 -4.42 -7.77
C VAL A 47 0.84 -5.11 -6.46
N PRO A 48 1.73 -6.04 -6.03
CA PRO A 48 1.52 -6.78 -4.81
C PRO A 48 1.80 -5.89 -3.58
N ALA A 49 0.74 -5.65 -2.81
CA ALA A 49 0.85 -4.83 -1.63
C ALA A 49 2.17 -5.14 -0.92
N GLU A 50 2.59 -6.39 -1.06
CA GLU A 50 3.84 -6.83 -0.43
C GLU A 50 5.02 -6.05 -1.00
N GLU A 51 5.11 -6.07 -2.33
CA GLU A 51 6.20 -5.37 -3.01
C GLU A 51 5.84 -3.89 -3.19
N ALA A 52 4.54 -3.63 -3.29
CA ALA A 52 4.06 -2.28 -3.46
C ALA A 52 4.47 -1.43 -2.25
N GLN A 53 5.13 -0.32 -2.54
CA GLN A 53 5.59 0.58 -1.50
C GLN A 53 4.87 1.92 -1.61
N ILE A 54 4.97 2.70 -0.54
CA ILE A 54 4.35 4.01 -0.50
C ILE A 54 5.35 5.04 0.03
N VAL A 55 5.42 6.16 -0.67
CA VAL A 55 6.32 7.24 -0.27
C VAL A 55 5.52 8.49 0.05
N TYR A 56 6.02 9.26 1.00
CA TYR A 56 5.37 10.48 1.42
C TYR A 56 6.37 11.50 1.96
N MET A 57 6.09 12.77 1.70
CA MET A 57 6.96 13.84 2.15
C MET A 57 8.30 13.79 1.41
N GLU A 58 8.98 12.68 1.55
CA GLU A 58 10.27 12.49 0.91
C GLU A 58 10.84 11.11 1.22
N GLN A 59 10.56 10.66 2.44
CA GLN A 59 11.04 9.36 2.87
C GLN A 59 10.04 8.27 2.48
N LEU A 60 10.55 7.04 2.37
CA LEU A 60 9.72 5.92 2.01
C LEU A 60 9.13 5.29 3.27
N LEU A 61 7.80 5.33 3.35
CA LEU A 61 7.10 4.77 4.49
C LEU A 61 7.28 3.25 4.51
N THR A 62 7.80 2.76 5.63
CA THR A 62 8.03 1.34 5.78
C THR A 62 7.18 0.78 6.93
N ASP A 63 5.94 1.24 6.98
CA ASP A 63 5.01 0.80 8.02
C ASP A 63 3.63 0.58 7.41
N ASP A 64 3.19 -0.67 7.44
CA ASP A 64 1.90 -1.03 6.89
C ASP A 64 0.84 -0.91 8.00
N HIS A 65 1.26 -1.21 9.21
CA HIS A 65 0.37 -1.15 10.36
C HIS A 65 -0.06 0.30 10.60
N CYS A 66 0.79 1.22 10.13
CA CYS A 66 0.51 2.63 10.30
C CYS A 66 -0.69 2.99 9.42
N SER A 67 -1.34 4.08 9.78
CA SER A 67 -2.50 4.53 9.03
C SER A 67 -2.15 5.79 8.23
N LEU A 68 -3.02 6.11 7.28
CA LEU A 68 -2.81 7.27 6.44
C LEU A 68 -2.93 8.55 7.29
N GLY A 69 -4.09 8.71 7.89
CA GLY A 69 -4.35 9.86 8.73
C GLY A 69 -3.26 10.03 9.79
N SER A 70 -2.64 8.90 10.13
CA SER A 70 -1.58 8.90 11.12
C SER A 70 -0.34 9.59 10.56
N TYR A 71 -0.13 9.41 9.28
CA TYR A 71 1.02 10.01 8.61
C TYR A 71 0.75 11.48 8.28
N GLY A 72 -0.52 11.78 8.08
CA GLY A 72 -0.93 13.14 7.75
C GLY A 72 -1.45 13.23 6.32
N LEU A 73 -2.09 12.15 5.88
CA LEU A 73 -2.65 12.10 4.55
C LEU A 73 -4.04 12.71 4.55
N LYS A 74 -4.29 13.54 3.55
CA LYS A 74 -5.58 14.22 3.43
C LYS A 74 -5.99 14.27 1.96
N ASP A 75 -7.18 14.80 1.72
CA ASP A 75 -7.69 14.92 0.37
C ASP A 75 -6.85 15.94 -0.41
N GLY A 76 -6.34 15.50 -1.54
CA GLY A 76 -5.52 16.35 -2.38
C GLY A 76 -4.03 16.10 -2.14
N ASP A 77 -3.70 14.82 -1.97
CA ASP A 77 -2.32 14.43 -1.74
C ASP A 77 -1.84 13.56 -2.89
N MET A 78 -0.55 13.24 -2.86
CA MET A 78 0.04 12.42 -3.90
C MET A 78 1.18 11.57 -3.34
N VAL A 79 1.05 10.27 -3.51
CA VAL A 79 2.06 9.34 -3.03
C VAL A 79 2.67 8.60 -4.22
N VAL A 80 3.88 8.08 -4.00
CA VAL A 80 4.58 7.35 -5.04
C VAL A 80 4.58 5.85 -4.70
N LEU A 81 4.40 5.05 -5.73
CA LEU A 81 4.38 3.61 -5.55
C LEU A 81 5.69 3.02 -6.06
N LEU A 82 6.09 1.91 -5.45
CA LEU A 82 7.32 1.24 -5.83
C LEU A 82 7.15 -0.27 -5.66
N GLN A 83 7.36 -0.99 -6.76
CA GLN A 83 7.23 -2.44 -6.75
C GLN A 83 8.60 -3.09 -6.56
N LYS A 84 8.78 -3.69 -5.40
CA LYS A 84 10.04 -4.36 -5.09
C LYS A 84 10.27 -5.49 -6.09
N ASP A 85 11.40 -6.17 -5.91
CA ASP A 85 11.75 -7.27 -6.78
C ASP A 85 10.52 -8.16 -7.01
N ASN A 86 10.61 -9.00 -8.03
CA ASN A 86 9.53 -9.91 -8.35
C ASN A 86 9.82 -11.28 -7.75
N VAL A 87 10.63 -11.28 -6.71
CA VAL A 87 11.00 -12.52 -6.04
C VAL A 87 11.31 -12.22 -4.57
N GLY A 88 10.53 -12.84 -3.70
CA GLY A 88 10.71 -12.65 -2.27
C GLY A 88 10.05 -13.79 -1.48
N LEU A 89 10.88 -14.73 -1.05
CA LEU A 89 10.40 -15.87 -0.29
C LEU A 89 10.89 -15.75 1.15
N ARG A 90 10.16 -14.96 1.92
CA ARG A 90 10.51 -14.76 3.32
C ARG A 90 9.24 -14.61 4.16
N THR A 91 8.58 -15.73 4.40
CA THR A 91 7.36 -15.73 5.18
C THR A 91 7.41 -16.84 6.23
N PRO A 92 7.63 -16.42 7.51
CA PRO A 92 7.69 -17.35 8.61
C PRO A 92 6.30 -17.87 8.98
N GLY A 93 6.28 -19.10 9.46
CA GLY A 93 5.02 -19.73 9.86
C GLY A 93 5.19 -20.51 11.16
N ARG A 94 5.29 -21.82 11.03
CA ARG A 94 5.45 -22.69 12.18
C ARG A 94 4.10 -22.90 12.88
N THR A 95 3.50 -21.79 13.27
CA THR A 95 2.21 -21.84 13.95
C THR A 95 2.24 -22.86 15.08
N PRO A 96 2.65 -22.38 16.28
CA PRO A 96 2.73 -23.24 17.44
C PRO A 96 1.34 -23.54 18.01
N SER A 97 1.26 -24.62 18.77
CA SER A 97 0.00 -25.02 19.37
C SER A 97 0.05 -24.81 20.89
N GLY A 98 -1.05 -24.31 21.42
CA GLY A 98 -1.14 -24.06 22.85
C GLY A 98 -2.55 -24.40 23.37
N PRO A 99 -2.70 -25.66 23.85
CA PRO A 99 -3.97 -26.10 24.38
C PRO A 99 -4.23 -25.51 25.76
N SER A 100 -5.15 -24.55 25.81
CA SER A 100 -5.50 -23.91 27.06
C SER A 100 -6.58 -24.71 27.78
N SER A 101 -6.54 -24.63 29.10
CA SER A 101 -7.52 -25.35 29.92
C SER A 101 -7.67 -24.65 31.28
N GLY A 102 -8.69 -25.05 32.01
CA GLY A 102 -8.95 -24.49 33.32
C GLY A 102 -9.51 -23.07 33.20
N GLY A 1 -19.14 5.87 -0.10
CA GLY A 1 -18.85 7.21 0.38
C GLY A 1 -19.98 7.73 1.27
N SER A 2 -19.79 8.94 1.75
CA SER A 2 -20.78 9.57 2.63
C SER A 2 -21.30 8.55 3.65
N SER A 3 -20.51 8.37 4.70
CA SER A 3 -20.87 7.43 5.75
C SER A 3 -19.85 7.50 6.88
N GLY A 4 -20.10 8.41 7.81
CA GLY A 4 -19.21 8.59 8.95
C GLY A 4 -18.17 9.66 8.67
N SER A 5 -16.94 9.21 8.46
CA SER A 5 -15.84 10.13 8.18
C SER A 5 -15.79 10.45 6.69
N SER A 6 -15.24 11.61 6.37
CA SER A 6 -15.13 12.04 5.00
C SER A 6 -13.89 11.40 4.35
N GLY A 7 -14.08 10.97 3.11
CA GLY A 7 -12.99 10.34 2.38
C GLY A 7 -12.00 11.38 1.85
N MET A 8 -10.85 10.89 1.42
CA MET A 8 -9.82 11.77 0.90
C MET A 8 -9.15 11.16 -0.34
N LEU A 9 -8.87 12.03 -1.30
CA LEU A 9 -8.24 11.60 -2.54
C LEU A 9 -6.76 11.32 -2.28
N ILE A 10 -6.31 10.16 -2.73
CA ILE A 10 -4.93 9.76 -2.56
C ILE A 10 -4.36 9.31 -3.91
N THR A 11 -3.49 10.15 -4.45
CA THR A 11 -2.87 9.86 -5.73
C THR A 11 -1.62 9.00 -5.54
N VAL A 12 -1.48 8.02 -6.42
CA VAL A 12 -0.34 7.11 -6.35
C VAL A 12 0.45 7.21 -7.66
N TYR A 13 1.71 6.80 -7.58
CA TYR A 13 2.58 6.83 -8.75
C TYR A 13 3.54 5.64 -8.73
N CYS A 14 3.22 4.66 -9.57
CA CYS A 14 4.04 3.46 -9.67
C CYS A 14 5.32 3.82 -10.40
N VAL A 15 6.37 3.07 -10.10
CA VAL A 15 7.66 3.30 -10.73
C VAL A 15 8.21 1.97 -11.28
N ARG A 16 9.02 1.32 -10.47
CA ARG A 16 9.61 0.05 -10.86
C ARG A 16 8.61 -0.76 -11.68
N ARG A 17 7.77 -1.50 -10.97
CA ARG A 17 6.77 -2.33 -11.61
C ARG A 17 7.33 -2.97 -12.88
N ASP A 18 8.64 -3.20 -12.84
CA ASP A 18 9.32 -3.81 -13.98
C ASP A 18 9.02 -2.99 -15.24
N LEU A 19 9.20 -1.68 -15.12
CA LEU A 19 8.96 -0.78 -16.23
C LEU A 19 7.46 -0.69 -16.49
N THR A 20 6.92 0.49 -16.23
CA THR A 20 5.50 0.73 -16.43
C THR A 20 5.16 2.20 -16.17
N GLU A 21 5.42 2.62 -14.93
CA GLU A 21 5.14 3.99 -14.54
C GLU A 21 3.68 4.34 -14.85
N VAL A 22 2.89 4.43 -13.79
CA VAL A 22 1.48 4.76 -13.93
C VAL A 22 1.04 5.62 -12.74
N THR A 23 0.15 6.54 -13.00
CA THR A 23 -0.36 7.43 -11.97
C THR A 23 -1.89 7.33 -11.89
N PHE A 24 -2.35 6.74 -10.80
CA PHE A 24 -3.78 6.58 -10.59
C PHE A 24 -4.20 7.09 -9.21
N SER A 25 -5.43 7.57 -9.14
CA SER A 25 -5.96 8.08 -7.88
C SER A 25 -6.77 7.00 -7.16
N LEU A 26 -7.00 7.23 -5.88
CA LEU A 26 -7.75 6.28 -5.07
C LEU A 26 -8.51 7.04 -3.98
N GLN A 27 -9.68 6.52 -3.64
CA GLN A 27 -10.50 7.13 -2.62
C GLN A 27 -10.50 6.28 -1.35
N VAL A 28 -9.84 6.81 -0.32
CA VAL A 28 -9.74 6.11 0.94
C VAL A 28 -10.04 7.09 2.08
N ASN A 29 -9.82 6.62 3.30
CA ASN A 29 -10.07 7.44 4.48
C ASN A 29 -8.74 7.67 5.21
N PRO A 30 -8.75 8.69 6.10
CA PRO A 30 -7.56 9.03 6.87
C PRO A 30 -7.32 8.00 7.99
N ASP A 31 -8.37 7.27 8.32
CA ASP A 31 -8.30 6.26 9.36
C ASP A 31 -8.19 4.88 8.71
N PHE A 32 -7.52 4.85 7.56
CA PHE A 32 -7.34 3.60 6.83
C PHE A 32 -5.89 3.12 6.91
N GLU A 33 -5.72 1.95 7.49
CA GLU A 33 -4.39 1.37 7.64
C GLU A 33 -3.66 1.40 6.30
N LEU A 34 -2.36 1.66 6.37
CA LEU A 34 -1.53 1.71 5.18
C LEU A 34 -1.74 0.43 4.37
N SER A 35 -1.59 -0.70 5.05
CA SER A 35 -1.75 -1.99 4.41
C SER A 35 -3.02 -2.00 3.56
N ASN A 36 -4.05 -1.33 4.09
CA ASN A 36 -5.32 -1.25 3.40
C ASN A 36 -5.15 -0.47 2.09
N PHE A 37 -4.41 0.63 2.20
CA PHE A 37 -4.16 1.47 1.04
C PHE A 37 -3.36 0.72 -0.03
N ARG A 38 -2.57 -0.25 0.43
CA ARG A 38 -1.76 -1.04 -0.47
C ARG A 38 -2.65 -1.96 -1.32
N VAL A 39 -3.52 -2.68 -0.64
CA VAL A 39 -4.43 -3.60 -1.31
C VAL A 39 -5.12 -2.86 -2.46
N LEU A 40 -5.51 -1.63 -2.18
CA LEU A 40 -6.19 -0.82 -3.18
C LEU A 40 -5.24 -0.60 -4.37
N CYS A 41 -4.09 -0.02 -4.07
CA CYS A 41 -3.11 0.26 -5.10
C CYS A 41 -2.75 -1.06 -5.79
N GLU A 42 -3.02 -2.16 -5.08
CA GLU A 42 -2.74 -3.47 -5.60
C GLU A 42 -3.83 -3.90 -6.58
N LEU A 43 -4.96 -3.22 -6.50
CA LEU A 43 -6.09 -3.50 -7.36
C LEU A 43 -6.00 -2.63 -8.62
N GLU A 44 -5.42 -1.46 -8.44
CA GLU A 44 -5.27 -0.52 -9.55
C GLU A 44 -3.98 -0.80 -10.30
N SER A 45 -2.86 -0.57 -9.60
CA SER A 45 -1.56 -0.78 -10.19
C SER A 45 -1.36 -2.27 -10.50
N GLY A 46 -1.63 -3.09 -9.50
CA GLY A 46 -1.49 -4.52 -9.65
C GLY A 46 -0.42 -5.07 -8.70
N VAL A 47 0.50 -4.20 -8.32
CA VAL A 47 1.57 -4.58 -7.42
C VAL A 47 0.99 -5.25 -6.18
N PRO A 48 1.71 -6.29 -5.68
CA PRO A 48 1.26 -7.02 -4.51
C PRO A 48 1.50 -6.20 -3.23
N ALA A 49 0.44 -6.07 -2.46
CA ALA A 49 0.51 -5.33 -1.21
C ALA A 49 1.85 -5.62 -0.52
N GLU A 50 2.23 -6.90 -0.57
CA GLU A 50 3.47 -7.32 0.05
C GLU A 50 4.66 -6.60 -0.58
N GLU A 51 4.67 -6.61 -1.92
CA GLU A 51 5.74 -5.96 -2.65
C GLU A 51 5.29 -4.57 -3.12
N ALA A 52 4.37 -4.00 -2.37
CA ALA A 52 3.86 -2.68 -2.69
C ALA A 52 4.30 -1.68 -1.62
N GLN A 53 5.05 -0.68 -2.07
CA GLN A 53 5.54 0.34 -1.17
C GLN A 53 4.88 1.68 -1.46
N ILE A 54 4.96 2.58 -0.49
CA ILE A 54 4.37 3.90 -0.64
C ILE A 54 5.37 4.96 -0.15
N VAL A 55 5.52 6.00 -0.94
CA VAL A 55 6.42 7.08 -0.60
C VAL A 55 5.65 8.40 -0.51
N TYR A 56 6.02 9.20 0.47
CA TYR A 56 5.36 10.48 0.67
C TYR A 56 6.39 11.60 0.83
N MET A 57 6.48 12.43 -0.20
CA MET A 57 7.42 13.54 -0.20
C MET A 57 8.77 13.11 0.36
N GLU A 58 9.67 12.77 -0.55
CA GLU A 58 11.01 12.34 -0.16
C GLU A 58 10.96 11.55 1.14
N GLN A 59 9.97 10.67 1.22
CA GLN A 59 9.80 9.85 2.40
C GLN A 59 9.24 8.48 2.02
N LEU A 60 9.95 7.44 2.44
CA LEU A 60 9.54 6.08 2.15
C LEU A 60 8.88 5.48 3.38
N LEU A 61 7.54 5.41 3.34
CA LEU A 61 6.79 4.86 4.44
C LEU A 61 7.11 3.38 4.60
N THR A 62 7.71 3.04 5.73
CA THR A 62 8.08 1.66 6.00
C THR A 62 7.23 1.11 7.15
N ASP A 63 5.92 1.28 7.02
CA ASP A 63 5.01 0.80 8.04
C ASP A 63 3.64 0.55 7.41
N ASP A 64 3.24 -0.71 7.42
CA ASP A 64 1.96 -1.10 6.85
C ASP A 64 0.87 -0.96 7.91
N HIS A 65 1.26 -1.25 9.15
CA HIS A 65 0.32 -1.15 10.26
C HIS A 65 -0.16 0.29 10.41
N CYS A 66 0.77 1.21 10.19
CA CYS A 66 0.46 2.63 10.30
C CYS A 66 -0.70 2.94 9.34
N SER A 67 -1.33 4.07 9.60
CA SER A 67 -2.46 4.50 8.78
C SER A 67 -2.05 5.67 7.88
N LEU A 68 -3.00 6.15 7.11
CA LEU A 68 -2.75 7.26 6.21
C LEU A 68 -2.90 8.58 6.98
N GLY A 69 -4.09 8.78 7.52
CA GLY A 69 -4.37 9.99 8.29
C GLY A 69 -3.30 10.22 9.35
N SER A 70 -2.74 9.13 9.84
CA SER A 70 -1.71 9.21 10.86
C SER A 70 -0.47 9.89 10.30
N TYR A 71 0.01 9.36 9.19
CA TYR A 71 1.19 9.91 8.54
C TYR A 71 0.98 11.38 8.18
N GLY A 72 -0.18 11.66 7.61
CA GLY A 72 -0.52 13.03 7.23
C GLY A 72 -1.03 13.08 5.79
N LEU A 73 -1.90 12.13 5.47
CA LEU A 73 -2.48 12.06 4.14
C LEU A 73 -3.91 12.59 4.17
N LYS A 74 -4.12 13.68 3.44
CA LYS A 74 -5.42 14.30 3.38
C LYS A 74 -5.91 14.30 1.94
N ASP A 75 -7.11 14.84 1.75
CA ASP A 75 -7.71 14.90 0.42
C ASP A 75 -6.90 15.87 -0.44
N GLY A 76 -6.30 15.31 -1.48
CA GLY A 76 -5.50 16.11 -2.39
C GLY A 76 -4.01 15.87 -2.17
N ASP A 77 -3.67 14.63 -1.89
CA ASP A 77 -2.29 14.26 -1.65
C ASP A 77 -1.84 13.26 -2.73
N MET A 78 -0.52 13.14 -2.85
CA MET A 78 0.06 12.24 -3.84
C MET A 78 1.21 11.44 -3.23
N VAL A 79 1.30 10.19 -3.67
CA VAL A 79 2.36 9.31 -3.19
C VAL A 79 2.90 8.48 -4.35
N VAL A 80 4.07 7.90 -4.12
CA VAL A 80 4.72 7.09 -5.14
C VAL A 80 4.71 5.63 -4.70
N LEU A 81 4.45 4.75 -5.65
CA LEU A 81 4.41 3.33 -5.38
C LEU A 81 5.68 2.67 -5.92
N LEU A 82 6.35 1.93 -5.05
CA LEU A 82 7.57 1.25 -5.42
C LEU A 82 7.38 -0.27 -5.24
N GLN A 83 7.76 -1.00 -6.27
CA GLN A 83 7.65 -2.45 -6.23
C GLN A 83 8.99 -3.09 -5.86
N LYS A 84 8.95 -3.90 -4.81
CA LYS A 84 10.16 -4.57 -4.35
C LYS A 84 10.78 -5.36 -5.50
N ASP A 85 11.88 -6.02 -5.19
CA ASP A 85 12.58 -6.82 -6.20
C ASP A 85 11.56 -7.58 -7.03
N ASN A 86 12.02 -8.04 -8.19
CA ASN A 86 11.16 -8.80 -9.09
C ASN A 86 11.38 -10.30 -8.86
N VAL A 87 11.82 -10.63 -7.65
CA VAL A 87 12.07 -12.01 -7.29
C VAL A 87 12.13 -12.14 -5.77
N GLY A 88 11.30 -13.04 -5.25
CA GLY A 88 11.25 -13.26 -3.82
C GLY A 88 11.23 -14.76 -3.50
N LEU A 89 12.36 -15.24 -3.02
CA LEU A 89 12.50 -16.65 -2.68
C LEU A 89 11.52 -16.99 -1.55
N ARG A 90 12.07 -17.05 -0.35
CA ARG A 90 11.27 -17.37 0.83
C ARG A 90 10.88 -18.85 0.83
N THR A 91 11.11 -19.47 1.98
CA THR A 91 10.80 -20.88 2.13
C THR A 91 9.49 -21.22 1.42
N PRO A 92 9.33 -22.53 1.09
CA PRO A 92 8.14 -23.00 0.41
C PRO A 92 6.94 -23.05 1.37
N GLY A 93 5.76 -23.17 0.78
CA GLY A 93 4.54 -23.24 1.56
C GLY A 93 3.96 -24.65 1.57
N ARG A 94 3.30 -24.98 2.67
CA ARG A 94 2.70 -26.30 2.81
C ARG A 94 3.66 -27.37 2.31
N THR A 95 3.12 -28.57 2.12
CA THR A 95 3.92 -29.69 1.66
C THR A 95 3.02 -30.83 1.19
N PRO A 96 2.65 -30.78 -0.12
CA PRO A 96 1.79 -31.79 -0.70
C PRO A 96 2.56 -33.09 -0.93
N SER A 97 2.50 -33.98 0.05
CA SER A 97 3.18 -35.24 -0.03
C SER A 97 2.97 -36.05 1.25
N GLY A 98 3.01 -37.36 1.11
CA GLY A 98 2.82 -38.26 2.24
C GLY A 98 4.05 -39.14 2.46
N PRO A 99 4.92 -38.71 3.41
CA PRO A 99 6.13 -39.46 3.70
C PRO A 99 5.80 -40.71 4.53
N SER A 100 6.76 -41.61 4.57
CA SER A 100 6.60 -42.85 5.32
C SER A 100 7.96 -43.48 5.60
N SER A 101 8.18 -43.79 6.88
CA SER A 101 9.44 -44.39 7.29
C SER A 101 9.32 -45.92 7.23
N GLY A 102 9.91 -46.48 6.18
CA GLY A 102 9.88 -47.93 6.00
C GLY A 102 11.22 -48.44 5.47
N GLY A 1 -14.94 -1.48 -11.10
CA GLY A 1 -15.72 -0.45 -10.45
C GLY A 1 -15.68 -0.61 -8.92
N SER A 2 -15.47 0.51 -8.24
CA SER A 2 -15.40 0.50 -6.79
C SER A 2 -15.68 1.90 -6.25
N SER A 3 -16.90 2.09 -5.77
CA SER A 3 -17.31 3.38 -5.23
C SER A 3 -17.99 3.18 -3.88
N GLY A 4 -17.97 4.23 -3.08
CA GLY A 4 -18.59 4.18 -1.76
C GLY A 4 -17.63 4.69 -0.69
N SER A 5 -18.19 4.98 0.48
CA SER A 5 -17.40 5.47 1.59
C SER A 5 -17.00 6.93 1.34
N SER A 6 -16.22 7.13 0.29
CA SER A 6 -15.76 8.46 -0.05
C SER A 6 -14.93 9.05 1.09
N GLY A 7 -13.62 9.03 0.89
CA GLY A 7 -12.70 9.56 1.89
C GLY A 7 -11.82 10.66 1.30
N MET A 8 -10.52 10.45 1.40
CA MET A 8 -9.57 11.42 0.88
C MET A 8 -8.94 10.93 -0.42
N LEU A 9 -8.66 11.89 -1.30
CA LEU A 9 -8.07 11.56 -2.59
C LEU A 9 -6.60 11.20 -2.39
N ILE A 10 -6.23 10.04 -2.91
CA ILE A 10 -4.86 9.56 -2.80
C ILE A 10 -4.34 9.22 -4.19
N THR A 11 -3.38 10.02 -4.65
CA THR A 11 -2.79 9.81 -5.95
C THR A 11 -1.53 8.93 -5.83
N VAL A 12 -1.39 8.03 -6.79
CA VAL A 12 -0.25 7.13 -6.81
C VAL A 12 0.62 7.43 -8.03
N TYR A 13 1.91 7.14 -7.89
CA TYR A 13 2.84 7.37 -8.97
C TYR A 13 3.81 6.19 -9.13
N CYS A 14 3.48 5.32 -10.08
CA CYS A 14 4.31 4.16 -10.34
C CYS A 14 5.60 4.62 -11.03
N VAL A 15 6.64 3.82 -10.84
CA VAL A 15 7.93 4.14 -11.44
C VAL A 15 8.49 2.89 -12.13
N ARG A 16 8.66 1.84 -11.32
CA ARG A 16 9.18 0.59 -11.83
C ARG A 16 8.10 -0.16 -12.61
N ARG A 17 7.46 -1.09 -11.91
CA ARG A 17 6.40 -1.89 -12.52
C ARG A 17 6.83 -2.36 -13.91
N ASP A 18 8.12 -2.60 -14.05
CA ASP A 18 8.66 -3.05 -15.32
C ASP A 18 8.38 -1.99 -16.39
N LEU A 19 8.59 -0.75 -16.00
CA LEU A 19 8.37 0.36 -16.93
C LEU A 19 6.88 0.51 -17.18
N THR A 20 6.37 1.70 -16.87
CA THR A 20 4.95 1.97 -17.07
C THR A 20 4.61 3.36 -16.51
N GLU A 21 5.13 3.63 -15.33
CA GLU A 21 4.88 4.91 -14.68
C GLU A 21 3.41 5.31 -14.83
N VAL A 22 2.56 4.52 -14.18
CA VAL A 22 1.13 4.78 -14.23
C VAL A 22 0.72 5.63 -13.02
N THR A 23 -0.15 6.59 -13.28
CA THR A 23 -0.62 7.48 -12.23
C THR A 23 -2.14 7.38 -12.09
N PHE A 24 -2.57 6.79 -10.99
CA PHE A 24 -3.99 6.63 -10.73
C PHE A 24 -4.35 7.13 -9.32
N SER A 25 -5.56 7.67 -9.22
CA SER A 25 -6.03 8.19 -7.95
C SER A 25 -6.80 7.09 -7.20
N LEU A 26 -6.94 7.30 -5.89
CA LEU A 26 -7.65 6.36 -5.06
C LEU A 26 -8.32 7.10 -3.91
N GLN A 27 -9.48 6.58 -3.50
CA GLN A 27 -10.23 7.19 -2.43
C GLN A 27 -10.21 6.28 -1.19
N VAL A 28 -9.61 6.80 -0.12
CA VAL A 28 -9.51 6.05 1.12
C VAL A 28 -9.79 6.99 2.30
N ASN A 29 -10.10 6.39 3.43
CA ASN A 29 -10.38 7.15 4.63
C ASN A 29 -9.08 7.45 5.37
N PRO A 30 -9.14 8.47 6.26
CA PRO A 30 -7.97 8.88 7.02
C PRO A 30 -7.68 7.87 8.14
N ASP A 31 -8.70 7.09 8.48
CA ASP A 31 -8.56 6.09 9.53
C ASP A 31 -8.36 4.72 8.88
N PHE A 32 -7.73 4.73 7.72
CA PHE A 32 -7.47 3.49 7.01
C PHE A 32 -5.98 3.12 7.07
N GLU A 33 -5.72 1.96 7.67
CA GLU A 33 -4.36 1.49 7.80
C GLU A 33 -3.63 1.59 6.46
N LEU A 34 -2.33 1.86 6.54
CA LEU A 34 -1.51 1.98 5.35
C LEU A 34 -1.64 0.70 4.52
N SER A 35 -1.51 -0.42 5.21
CA SER A 35 -1.62 -1.71 4.55
C SER A 35 -2.91 -1.80 3.75
N ASN A 36 -3.92 -1.11 4.25
CA ASN A 36 -5.21 -1.10 3.59
C ASN A 36 -5.10 -0.36 2.25
N PHE A 37 -4.42 0.79 2.31
CA PHE A 37 -4.23 1.60 1.12
C PHE A 37 -3.49 0.81 0.03
N ARG A 38 -2.64 -0.09 0.48
CA ARG A 38 -1.88 -0.92 -0.44
C ARG A 38 -2.80 -1.83 -1.24
N VAL A 39 -3.61 -2.59 -0.51
CA VAL A 39 -4.54 -3.51 -1.14
C VAL A 39 -5.26 -2.79 -2.29
N LEU A 40 -5.62 -1.55 -2.03
CA LEU A 40 -6.30 -0.74 -3.03
C LEU A 40 -5.39 -0.54 -4.23
N CYS A 41 -4.22 0.03 -3.96
CA CYS A 41 -3.25 0.29 -5.01
C CYS A 41 -2.89 -1.04 -5.66
N GLU A 42 -3.19 -2.11 -4.95
CA GLU A 42 -2.91 -3.46 -5.45
C GLU A 42 -4.01 -3.91 -6.41
N LEU A 43 -5.13 -3.22 -6.34
CA LEU A 43 -6.26 -3.54 -7.20
C LEU A 43 -6.20 -2.69 -8.47
N GLU A 44 -5.86 -1.42 -8.28
CA GLU A 44 -5.76 -0.50 -9.40
C GLU A 44 -4.55 -0.83 -10.25
N SER A 45 -3.37 -0.65 -9.66
CA SER A 45 -2.13 -0.92 -10.35
C SER A 45 -1.96 -2.43 -10.54
N GLY A 46 -2.12 -3.15 -9.44
CA GLY A 46 -1.98 -4.60 -9.47
C GLY A 46 -0.85 -5.06 -8.56
N VAL A 47 0.09 -4.15 -8.32
CA VAL A 47 1.23 -4.45 -7.47
C VAL A 47 0.74 -5.13 -6.18
N PRO A 48 1.54 -6.12 -5.72
CA PRO A 48 1.20 -6.86 -4.51
C PRO A 48 1.47 -6.00 -3.27
N ALA A 49 0.48 -5.97 -2.38
CA ALA A 49 0.60 -5.20 -1.16
C ALA A 49 1.95 -5.49 -0.51
N GLU A 50 2.40 -6.72 -0.68
CA GLU A 50 3.67 -7.14 -0.12
C GLU A 50 4.83 -6.41 -0.81
N GLU A 51 4.67 -6.24 -2.11
CA GLU A 51 5.68 -5.55 -2.90
C GLU A 51 5.17 -4.19 -3.37
N ALA A 52 4.23 -3.65 -2.60
CA ALA A 52 3.65 -2.36 -2.93
C ALA A 52 4.14 -1.32 -1.93
N GLN A 53 5.19 -0.60 -2.32
CA GLN A 53 5.75 0.42 -1.47
C GLN A 53 5.09 1.77 -1.74
N ILE A 54 5.09 2.61 -0.71
CA ILE A 54 4.49 3.93 -0.83
C ILE A 54 5.43 4.97 -0.20
N VAL A 55 5.62 6.06 -0.93
CA VAL A 55 6.48 7.13 -0.46
C VAL A 55 5.66 8.40 -0.27
N TYR A 56 6.06 9.19 0.72
CA TYR A 56 5.37 10.43 1.01
C TYR A 56 6.33 11.46 1.60
N MET A 57 6.10 12.71 1.23
CA MET A 57 6.94 13.80 1.72
C MET A 57 8.34 13.72 1.12
N GLU A 58 8.99 12.59 1.37
CA GLU A 58 10.34 12.37 0.87
C GLU A 58 10.86 11.00 1.31
N GLN A 59 10.47 10.63 2.52
CA GLN A 59 10.89 9.35 3.07
C GLN A 59 9.91 8.25 2.67
N LEU A 60 10.43 7.04 2.57
CA LEU A 60 9.62 5.89 2.19
C LEU A 60 8.89 5.36 3.42
N LEU A 61 7.57 5.25 3.29
CA LEU A 61 6.76 4.75 4.38
C LEU A 61 6.94 3.24 4.50
N THR A 62 7.56 2.83 5.60
CA THR A 62 7.81 1.42 5.84
C THR A 62 6.82 0.88 6.89
N ASP A 63 6.16 1.81 7.56
CA ASP A 63 5.19 1.45 8.58
C ASP A 63 3.83 1.20 7.93
N ASP A 64 3.37 -0.04 8.06
CA ASP A 64 2.08 -0.42 7.49
C ASP A 64 0.99 -0.29 8.56
N HIS A 65 1.36 -0.66 9.77
CA HIS A 65 0.43 -0.59 10.88
C HIS A 65 -0.10 0.84 11.02
N CYS A 66 0.72 1.79 10.59
CA CYS A 66 0.36 3.19 10.66
C CYS A 66 -0.76 3.44 9.65
N SER A 67 -1.61 4.41 9.98
CA SER A 67 -2.72 4.76 9.10
C SER A 67 -2.35 5.96 8.25
N LEU A 68 -3.26 6.31 7.35
CA LEU A 68 -3.04 7.45 6.46
C LEU A 68 -3.22 8.75 7.25
N GLY A 69 -4.32 8.81 7.99
CA GLY A 69 -4.61 9.98 8.79
C GLY A 69 -3.49 10.25 9.80
N SER A 70 -2.94 9.17 10.33
CA SER A 70 -1.87 9.28 11.31
C SER A 70 -0.66 9.98 10.68
N TYR A 71 -0.21 9.43 9.56
CA TYR A 71 0.92 9.98 8.86
C TYR A 71 0.73 11.47 8.58
N GLY A 72 -0.51 11.82 8.25
CA GLY A 72 -0.84 13.20 7.95
C GLY A 72 -1.28 13.37 6.50
N LEU A 73 -2.04 12.39 6.03
CA LEU A 73 -2.52 12.40 4.66
C LEU A 73 -3.88 13.10 4.62
N LYS A 74 -4.07 13.92 3.60
CA LYS A 74 -5.31 14.65 3.44
C LYS A 74 -5.76 14.57 1.97
N ASP A 75 -7.05 14.76 1.77
CA ASP A 75 -7.61 14.71 0.42
C ASP A 75 -6.85 15.68 -0.48
N GLY A 76 -6.32 15.14 -1.56
CA GLY A 76 -5.57 15.93 -2.52
C GLY A 76 -4.06 15.75 -2.31
N ASP A 77 -3.69 14.51 -2.00
CA ASP A 77 -2.29 14.19 -1.77
C ASP A 77 -1.78 13.34 -2.95
N MET A 78 -0.50 13.01 -2.89
CA MET A 78 0.11 12.21 -3.93
C MET A 78 1.23 11.33 -3.35
N VAL A 79 1.27 10.10 -3.83
CA VAL A 79 2.27 9.15 -3.38
C VAL A 79 2.88 8.43 -4.59
N VAL A 80 4.03 7.81 -4.36
CA VAL A 80 4.71 7.09 -5.42
C VAL A 80 4.69 5.59 -5.09
N LEU A 81 4.55 4.81 -6.15
CA LEU A 81 4.51 3.36 -6.00
C LEU A 81 5.85 2.77 -6.45
N LEU A 82 6.37 1.85 -5.65
CA LEU A 82 7.62 1.20 -5.96
C LEU A 82 7.48 -0.31 -5.77
N GLN A 83 7.50 -1.02 -6.89
CA GLN A 83 7.36 -2.47 -6.85
C GLN A 83 8.73 -3.12 -6.59
N LYS A 84 8.79 -3.85 -5.49
CA LYS A 84 10.03 -4.53 -5.12
C LYS A 84 10.28 -5.70 -6.09
N ASP A 85 11.39 -6.38 -5.85
CA ASP A 85 11.75 -7.51 -6.69
C ASP A 85 12.64 -8.47 -5.88
N ASN A 86 12.21 -9.72 -5.84
CA ASN A 86 12.95 -10.74 -5.12
C ASN A 86 12.61 -12.12 -5.68
N VAL A 87 12.17 -12.12 -6.93
CA VAL A 87 11.80 -13.36 -7.59
C VAL A 87 11.12 -14.29 -6.58
N GLY A 88 10.01 -13.80 -6.04
CA GLY A 88 9.25 -14.58 -5.07
C GLY A 88 7.81 -14.08 -4.98
N LEU A 89 6.88 -14.99 -5.25
CA LEU A 89 5.48 -14.65 -5.20
C LEU A 89 4.73 -15.75 -4.44
N ARG A 90 4.76 -15.64 -3.11
CA ARG A 90 4.09 -16.61 -2.26
C ARG A 90 3.59 -15.93 -0.98
N THR A 91 2.59 -16.54 -0.37
CA THR A 91 2.02 -16.02 0.85
C THR A 91 1.31 -17.13 1.63
N PRO A 92 1.36 -17.01 2.98
CA PRO A 92 0.73 -17.99 3.85
C PRO A 92 -0.79 -17.82 3.86
N GLY A 93 -1.46 -18.77 4.48
CA GLY A 93 -2.92 -18.73 4.57
C GLY A 93 -3.39 -18.88 6.02
N ARG A 94 -4.70 -18.90 6.19
CA ARG A 94 -5.28 -19.04 7.50
C ARG A 94 -6.81 -19.11 7.41
N THR A 95 -7.42 -19.58 8.48
CA THR A 95 -8.87 -19.70 8.54
C THR A 95 -9.36 -19.64 9.98
N PRO A 96 -9.59 -18.39 10.46
CA PRO A 96 -10.06 -18.18 11.82
C PRO A 96 -11.54 -18.54 11.94
N SER A 97 -11.82 -19.41 12.91
CA SER A 97 -13.19 -19.85 13.14
C SER A 97 -13.76 -19.13 14.37
N GLY A 98 -15.01 -19.45 14.67
CA GLY A 98 -15.69 -18.85 15.81
C GLY A 98 -15.36 -19.59 17.10
N PRO A 99 -15.39 -18.84 18.23
CA PRO A 99 -15.09 -19.41 19.53
C PRO A 99 -16.27 -20.25 20.03
N SER A 100 -17.40 -19.60 20.16
CA SER A 100 -18.61 -20.27 20.63
C SER A 100 -19.78 -19.29 20.63
N SER A 101 -20.96 -19.84 20.92
CA SER A 101 -22.17 -19.03 20.95
C SER A 101 -22.52 -18.69 22.40
N GLY A 102 -23.37 -17.68 22.54
CA GLY A 102 -23.80 -17.23 23.85
C GLY A 102 -24.59 -18.32 24.57
N GLY A 1 -22.42 1.10 -7.17
CA GLY A 1 -23.15 2.16 -6.51
C GLY A 1 -22.33 2.77 -5.37
N SER A 2 -23.04 3.20 -4.34
CA SER A 2 -22.40 3.80 -3.19
C SER A 2 -21.56 5.01 -3.62
N SER A 3 -22.23 6.14 -3.72
CA SER A 3 -21.57 7.38 -4.12
C SER A 3 -20.71 7.90 -2.98
N GLY A 4 -19.41 7.96 -3.24
CA GLY A 4 -18.46 8.44 -2.24
C GLY A 4 -19.00 9.68 -1.53
N SER A 5 -19.12 9.56 -0.22
CA SER A 5 -19.62 10.66 0.59
C SER A 5 -18.45 11.39 1.26
N SER A 6 -17.67 10.63 2.02
CA SER A 6 -16.52 11.18 2.71
C SER A 6 -15.26 10.39 2.37
N GLY A 7 -14.12 11.01 2.63
CA GLY A 7 -12.84 10.37 2.35
C GLY A 7 -11.86 11.37 1.74
N MET A 8 -10.67 10.86 1.44
CA MET A 8 -9.64 11.69 0.85
C MET A 8 -9.04 11.04 -0.40
N LEU A 9 -8.79 11.88 -1.40
CA LEU A 9 -8.24 11.40 -2.65
C LEU A 9 -6.72 11.24 -2.51
N ILE A 10 -6.24 10.08 -2.93
CA ILE A 10 -4.82 9.79 -2.85
C ILE A 10 -4.30 9.37 -4.22
N THR A 11 -3.43 10.20 -4.77
CA THR A 11 -2.86 9.93 -6.08
C THR A 11 -1.59 9.08 -5.95
N VAL A 12 -1.59 7.96 -6.65
CA VAL A 12 -0.44 7.06 -6.61
C VAL A 12 0.35 7.20 -7.91
N TYR A 13 1.65 6.99 -7.80
CA TYR A 13 2.53 7.10 -8.96
C TYR A 13 3.46 5.88 -9.05
N CYS A 14 3.18 5.03 -10.02
CA CYS A 14 3.98 3.84 -10.22
C CYS A 14 5.19 4.21 -11.08
N VAL A 15 6.26 3.46 -10.89
CA VAL A 15 7.49 3.70 -11.64
C VAL A 15 7.77 2.49 -12.55
N ARG A 16 8.88 1.82 -12.25
CA ARG A 16 9.27 0.65 -13.02
C ARG A 16 8.04 -0.17 -13.40
N ARG A 17 7.60 -0.98 -12.44
CA ARG A 17 6.43 -1.83 -12.66
C ARG A 17 6.66 -2.72 -13.89
N ASP A 18 7.91 -2.83 -14.29
CA ASP A 18 8.27 -3.64 -15.44
C ASP A 18 7.89 -2.89 -16.72
N LEU A 19 8.26 -1.63 -16.75
CA LEU A 19 7.97 -0.80 -17.92
C LEU A 19 6.46 -0.58 -18.01
N THR A 20 5.99 0.42 -17.26
CA THR A 20 4.57 0.73 -17.25
C THR A 20 4.34 2.14 -16.70
N GLU A 21 4.86 2.35 -15.49
CA GLU A 21 4.72 3.64 -14.84
C GLU A 21 3.31 4.19 -15.04
N VAL A 22 2.36 3.53 -14.41
CA VAL A 22 0.97 3.93 -14.50
C VAL A 22 0.63 4.85 -13.33
N THR A 23 -0.31 5.75 -13.59
CA THR A 23 -0.74 6.70 -12.56
C THR A 23 -2.26 6.69 -12.43
N PHE A 24 -2.71 6.50 -11.19
CA PHE A 24 -4.13 6.46 -10.91
C PHE A 24 -4.43 7.02 -9.52
N SER A 25 -5.67 7.45 -9.34
CA SER A 25 -6.10 8.00 -8.07
C SER A 25 -6.93 6.97 -7.30
N LEU A 26 -7.03 7.20 -5.99
CA LEU A 26 -7.79 6.30 -5.14
C LEU A 26 -8.45 7.10 -4.02
N GLN A 27 -9.63 6.63 -3.62
CA GLN A 27 -10.37 7.30 -2.56
C GLN A 27 -10.37 6.45 -1.29
N VAL A 28 -9.63 6.92 -0.30
CA VAL A 28 -9.54 6.21 0.97
C VAL A 28 -9.89 7.17 2.11
N ASN A 29 -9.86 6.64 3.32
CA ASN A 29 -10.17 7.42 4.50
C ASN A 29 -8.89 7.66 5.30
N PRO A 30 -8.96 8.66 6.21
CA PRO A 30 -7.81 8.99 7.06
C PRO A 30 -7.61 7.95 8.16
N ASP A 31 -8.66 7.16 8.38
CA ASP A 31 -8.62 6.12 9.39
C ASP A 31 -8.42 4.76 8.71
N PHE A 32 -7.70 4.78 7.61
CA PHE A 32 -7.43 3.56 6.87
C PHE A 32 -5.96 3.16 6.99
N GLU A 33 -5.75 1.91 7.42
CA GLU A 33 -4.41 1.39 7.58
C GLU A 33 -3.61 1.58 6.30
N LEU A 34 -2.29 1.69 6.46
CA LEU A 34 -1.40 1.87 5.33
C LEU A 34 -1.54 0.68 4.38
N SER A 35 -1.39 -0.51 4.95
CA SER A 35 -1.51 -1.74 4.18
C SER A 35 -2.82 -1.76 3.40
N ASN A 36 -3.81 -1.08 3.97
CA ASN A 36 -5.13 -1.02 3.34
C ASN A 36 -5.02 -0.20 2.05
N PHE A 37 -4.25 0.87 2.13
CA PHE A 37 -4.06 1.75 0.99
C PHE A 37 -3.31 1.02 -0.13
N ARG A 38 -2.33 0.22 0.27
CA ARG A 38 -1.54 -0.53 -0.69
C ARG A 38 -2.41 -1.56 -1.41
N VAL A 39 -3.25 -2.22 -0.63
CA VAL A 39 -4.14 -3.23 -1.16
C VAL A 39 -4.99 -2.62 -2.28
N LEU A 40 -5.30 -1.35 -2.11
CA LEU A 40 -6.11 -0.63 -3.09
C LEU A 40 -5.30 -0.48 -4.38
N CYS A 41 -4.06 -0.06 -4.22
CA CYS A 41 -3.18 0.13 -5.36
C CYS A 41 -2.87 -1.24 -5.96
N GLU A 42 -3.15 -2.27 -5.17
CA GLU A 42 -2.91 -3.64 -5.61
C GLU A 42 -4.07 -4.13 -6.49
N LEU A 43 -5.22 -3.50 -6.30
CA LEU A 43 -6.40 -3.87 -7.07
C LEU A 43 -6.45 -3.04 -8.35
N GLU A 44 -5.84 -1.86 -8.29
CA GLU A 44 -5.80 -0.97 -9.44
C GLU A 44 -4.59 -1.28 -10.32
N SER A 45 -3.42 -1.05 -9.74
CA SER A 45 -2.18 -1.30 -10.46
C SER A 45 -1.98 -2.80 -10.64
N GLY A 46 -2.24 -3.54 -9.58
CA GLY A 46 -2.10 -4.98 -9.61
C GLY A 46 -0.91 -5.44 -8.75
N VAL A 47 0.04 -4.52 -8.57
CA VAL A 47 1.22 -4.80 -7.79
C VAL A 47 0.80 -5.32 -6.41
N PRO A 48 1.60 -6.29 -5.89
CA PRO A 48 1.31 -6.87 -4.58
C PRO A 48 1.68 -5.90 -3.46
N ALA A 49 0.66 -5.47 -2.74
CA ALA A 49 0.86 -4.54 -1.63
C ALA A 49 2.14 -4.92 -0.88
N GLU A 50 2.41 -6.22 -0.85
CA GLU A 50 3.60 -6.72 -0.18
C GLU A 50 4.86 -6.13 -0.81
N GLU A 51 4.95 -6.29 -2.13
CA GLU A 51 6.09 -5.79 -2.87
C GLU A 51 5.91 -4.31 -3.18
N ALA A 52 4.65 -3.88 -3.17
CA ALA A 52 4.32 -2.50 -3.46
C ALA A 52 4.74 -1.63 -2.27
N GLN A 53 5.36 -0.51 -2.58
CA GLN A 53 5.81 0.42 -1.57
C GLN A 53 5.14 1.78 -1.74
N ILE A 54 5.18 2.56 -0.67
CA ILE A 54 4.58 3.88 -0.69
C ILE A 54 5.64 4.93 -0.35
N VAL A 55 5.31 6.18 -0.65
CA VAL A 55 6.23 7.28 -0.38
C VAL A 55 5.43 8.54 -0.09
N TYR A 56 5.77 9.18 1.02
CA TYR A 56 5.09 10.40 1.43
C TYR A 56 6.02 11.30 2.25
N MET A 57 5.80 12.59 2.10
CA MET A 57 6.61 13.57 2.82
C MET A 57 8.10 13.41 2.48
N GLU A 58 8.34 12.75 1.36
CA GLU A 58 9.70 12.52 0.91
C GLU A 58 10.36 11.41 1.73
N GLN A 59 9.51 10.52 2.25
CA GLN A 59 10.00 9.41 3.04
C GLN A 59 9.39 8.09 2.55
N LEU A 60 10.15 7.03 2.72
CA LEU A 60 9.70 5.71 2.31
C LEU A 60 8.92 5.05 3.45
N LEU A 61 7.59 5.11 3.32
CA LEU A 61 6.73 4.53 4.34
C LEU A 61 6.94 3.01 4.38
N THR A 62 7.32 2.53 5.54
CA THR A 62 7.56 1.11 5.72
C THR A 62 6.47 0.49 6.59
N ASP A 63 6.12 1.21 7.65
CA ASP A 63 5.09 0.74 8.57
C ASP A 63 3.77 0.58 7.81
N ASP A 64 3.16 -0.58 7.99
CA ASP A 64 1.90 -0.87 7.33
C ASP A 64 0.76 -0.69 8.32
N HIS A 65 0.95 -1.24 9.51
CA HIS A 65 -0.05 -1.14 10.56
C HIS A 65 -0.46 0.33 10.74
N CYS A 66 0.50 1.21 10.48
CA CYS A 66 0.27 2.64 10.62
C CYS A 66 -0.84 3.03 9.65
N SER A 67 -1.63 4.01 10.06
CA SER A 67 -2.73 4.50 9.24
C SER A 67 -2.28 5.73 8.46
N LEU A 68 -3.16 6.18 7.56
CA LEU A 68 -2.88 7.35 6.75
C LEU A 68 -3.08 8.61 7.60
N GLY A 69 -4.32 8.79 8.04
CA GLY A 69 -4.66 9.95 8.85
C GLY A 69 -3.52 10.30 9.81
N SER A 70 -2.97 9.26 10.42
CA SER A 70 -1.88 9.45 11.36
C SER A 70 -0.67 10.06 10.65
N TYR A 71 -0.19 9.33 9.65
CA TYR A 71 0.97 9.78 8.88
C TYR A 71 0.82 11.25 8.50
N GLY A 72 -0.42 11.65 8.25
CA GLY A 72 -0.70 13.03 7.88
C GLY A 72 -1.14 13.12 6.42
N LEU A 73 -1.94 12.15 6.01
CA LEU A 73 -2.44 12.11 4.64
C LEU A 73 -3.85 12.71 4.60
N LYS A 74 -4.03 13.63 3.68
CA LYS A 74 -5.31 14.29 3.52
C LYS A 74 -5.68 14.35 2.04
N ASP A 75 -6.93 14.72 1.78
CA ASP A 75 -7.41 14.82 0.41
C ASP A 75 -6.53 15.82 -0.36
N GLY A 76 -6.06 15.38 -1.52
CA GLY A 76 -5.23 16.22 -2.35
C GLY A 76 -3.74 15.89 -2.13
N ASP A 77 -3.48 14.63 -1.84
CA ASP A 77 -2.11 14.19 -1.61
C ASP A 77 -1.69 13.23 -2.73
N MET A 78 -0.41 12.87 -2.70
CA MET A 78 0.13 11.97 -3.71
C MET A 78 1.29 11.16 -3.14
N VAL A 79 1.32 9.89 -3.52
CA VAL A 79 2.37 9.00 -3.06
C VAL A 79 2.94 8.23 -4.26
N VAL A 80 4.22 7.90 -4.15
CA VAL A 80 4.89 7.18 -5.21
C VAL A 80 4.89 5.68 -4.88
N LEU A 81 4.76 4.87 -5.92
CA LEU A 81 4.75 3.43 -5.75
C LEU A 81 6.08 2.85 -6.23
N LEU A 82 6.47 1.76 -5.60
CA LEU A 82 7.71 1.09 -5.96
C LEU A 82 7.52 -0.43 -5.91
N GLN A 83 7.58 -1.04 -7.08
CA GLN A 83 7.41 -2.48 -7.18
C GLN A 83 8.76 -3.19 -7.00
N LYS A 84 8.73 -4.23 -6.18
CA LYS A 84 9.93 -5.00 -5.92
C LYS A 84 9.77 -6.41 -6.47
N ASP A 85 10.84 -7.18 -6.38
CA ASP A 85 10.82 -8.55 -6.87
C ASP A 85 12.04 -9.30 -6.32
N ASN A 86 11.81 -10.56 -5.97
CA ASN A 86 12.88 -11.39 -5.44
C ASN A 86 12.76 -12.79 -6.02
N VAL A 87 12.05 -12.88 -7.14
CA VAL A 87 11.87 -14.15 -7.82
C VAL A 87 11.11 -15.11 -6.89
N GLY A 88 9.99 -15.61 -7.39
CA GLY A 88 9.17 -16.52 -6.63
C GLY A 88 7.81 -15.90 -6.29
N LEU A 89 7.84 -14.99 -5.32
CA LEU A 89 6.63 -14.32 -4.89
C LEU A 89 5.92 -15.17 -3.84
N ARG A 90 6.52 -16.32 -3.55
CA ARG A 90 5.97 -17.22 -2.56
C ARG A 90 4.44 -17.32 -2.73
N THR A 91 4.02 -18.29 -3.52
CA THR A 91 2.61 -18.50 -3.76
C THR A 91 1.80 -18.26 -2.48
N PRO A 92 0.50 -17.92 -2.68
CA PRO A 92 -0.39 -17.67 -1.55
C PRO A 92 -0.79 -18.97 -0.86
N GLY A 93 -0.97 -18.88 0.44
CA GLY A 93 -1.35 -20.03 1.24
C GLY A 93 -2.45 -19.68 2.23
N ARG A 94 -2.09 -19.71 3.51
CA ARG A 94 -3.03 -19.39 4.56
C ARG A 94 -2.30 -19.22 5.90
N THR A 95 -1.61 -20.27 6.29
CA THR A 95 -0.86 -20.26 7.54
C THR A 95 -1.71 -19.66 8.66
N PRO A 96 -2.64 -20.49 9.19
CA PRO A 96 -3.52 -20.05 10.26
C PRO A 96 -2.77 -19.99 11.59
N SER A 97 -3.40 -19.32 12.56
CA SER A 97 -2.79 -19.19 13.87
C SER A 97 -3.55 -20.06 14.88
N GLY A 98 -2.80 -20.57 15.84
CA GLY A 98 -3.36 -21.43 16.87
C GLY A 98 -3.10 -20.86 18.26
N PRO A 99 -3.96 -21.28 19.22
CA PRO A 99 -3.82 -20.82 20.60
C PRO A 99 -2.65 -21.52 21.30
N SER A 100 -2.31 -21.00 22.46
CA SER A 100 -1.21 -21.56 23.24
C SER A 100 -1.70 -21.91 24.65
N SER A 101 -2.18 -20.89 25.34
CA SER A 101 -2.67 -21.08 26.70
C SER A 101 -4.15 -21.51 26.67
N GLY A 102 -4.61 -22.00 27.79
CA GLY A 102 -5.99 -22.45 27.91
C GLY A 102 -6.35 -23.44 26.79
N GLY A 1 -19.99 -2.69 -3.86
CA GLY A 1 -20.92 -1.59 -3.96
C GLY A 1 -21.29 -1.07 -2.57
N SER A 2 -20.46 -0.14 -2.09
CA SER A 2 -20.68 0.45 -0.78
C SER A 2 -20.96 1.94 -0.92
N SER A 3 -21.87 2.44 -0.08
CA SER A 3 -22.22 3.84 -0.11
C SER A 3 -21.45 4.59 0.98
N GLY A 4 -20.60 5.51 0.52
CA GLY A 4 -19.80 6.30 1.44
C GLY A 4 -19.96 7.79 1.17
N SER A 5 -19.00 8.57 1.65
CA SER A 5 -19.03 10.01 1.46
C SER A 5 -17.70 10.62 1.90
N SER A 6 -17.38 10.41 3.17
CA SER A 6 -16.15 10.93 3.73
C SER A 6 -14.95 10.16 3.15
N GLY A 7 -13.87 10.89 2.94
CA GLY A 7 -12.66 10.30 2.41
C GLY A 7 -11.72 11.36 1.85
N MET A 8 -10.55 10.91 1.42
CA MET A 8 -9.55 11.82 0.86
C MET A 8 -8.93 11.23 -0.41
N LEU A 9 -8.75 12.10 -1.40
CA LEU A 9 -8.17 11.69 -2.66
C LEU A 9 -6.67 11.43 -2.46
N ILE A 10 -6.23 10.26 -2.89
CA ILE A 10 -4.83 9.88 -2.77
C ILE A 10 -4.30 9.47 -4.15
N THR A 11 -3.47 10.33 -4.71
CA THR A 11 -2.89 10.06 -6.02
C THR A 11 -1.66 9.15 -5.87
N VAL A 12 -1.60 8.17 -6.76
CA VAL A 12 -0.48 7.22 -6.75
C VAL A 12 0.33 7.39 -8.04
N TYR A 13 1.58 6.99 -7.95
CA TYR A 13 2.47 7.09 -9.10
C TYR A 13 3.43 5.90 -9.15
N CYS A 14 3.13 4.97 -10.05
CA CYS A 14 3.95 3.78 -10.20
C CYS A 14 5.22 4.17 -10.98
N VAL A 15 6.28 3.42 -10.73
CA VAL A 15 7.55 3.67 -11.38
C VAL A 15 8.06 2.38 -12.01
N ARG A 16 9.06 1.81 -11.35
CA ARG A 16 9.65 0.56 -11.82
C ARG A 16 8.57 -0.37 -12.38
N ARG A 17 7.88 -1.03 -11.46
CA ARG A 17 6.82 -1.95 -11.84
C ARG A 17 7.23 -2.76 -13.08
N ASP A 18 8.54 -2.96 -13.20
CA ASP A 18 9.07 -3.71 -14.32
C ASP A 18 8.65 -3.03 -15.63
N LEU A 19 8.86 -1.72 -15.66
CA LEU A 19 8.52 -0.95 -16.85
C LEU A 19 7.00 -0.88 -16.98
N THR A 20 6.45 0.26 -16.57
CA THR A 20 5.01 0.47 -16.63
C THR A 20 4.68 1.93 -16.36
N GLU A 21 5.05 2.38 -15.18
CA GLU A 21 4.80 3.76 -14.78
C GLU A 21 3.33 4.12 -15.03
N VAL A 22 2.54 4.06 -13.97
CA VAL A 22 1.13 4.37 -14.06
C VAL A 22 0.75 5.32 -12.92
N THR A 23 -0.15 6.24 -13.24
CA THR A 23 -0.61 7.22 -12.25
C THR A 23 -2.13 7.17 -12.14
N PHE A 24 -2.60 6.68 -11.00
CA PHE A 24 -4.03 6.59 -10.76
C PHE A 24 -4.38 7.06 -9.34
N SER A 25 -5.54 7.67 -9.22
CA SER A 25 -6.00 8.18 -7.94
C SER A 25 -6.84 7.10 -7.23
N LEU A 26 -6.99 7.28 -5.92
CA LEU A 26 -7.76 6.35 -5.13
C LEU A 26 -8.41 7.10 -3.96
N GLN A 27 -9.62 6.66 -3.62
CA GLN A 27 -10.35 7.28 -2.54
C GLN A 27 -10.34 6.38 -1.30
N VAL A 28 -9.57 6.78 -0.31
CA VAL A 28 -9.47 6.02 0.92
C VAL A 28 -9.68 6.95 2.12
N ASN A 29 -10.22 6.38 3.18
CA ASN A 29 -10.48 7.15 4.40
C ASN A 29 -9.17 7.47 5.09
N PRO A 30 -9.20 8.53 5.93
CA PRO A 30 -8.01 8.95 6.66
C PRO A 30 -7.72 7.99 7.82
N ASP A 31 -8.72 7.20 8.16
CA ASP A 31 -8.58 6.23 9.24
C ASP A 31 -8.42 4.83 8.66
N PHE A 32 -7.79 4.78 7.49
CA PHE A 32 -7.57 3.50 6.82
C PHE A 32 -6.11 3.07 6.91
N GLU A 33 -5.91 1.88 7.46
CA GLU A 33 -4.57 1.35 7.62
C GLU A 33 -3.82 1.42 6.28
N LEU A 34 -2.52 1.68 6.39
CA LEU A 34 -1.68 1.77 5.21
C LEU A 34 -1.84 0.50 4.37
N SER A 35 -1.64 -0.63 5.02
CA SER A 35 -1.76 -1.91 4.35
C SER A 35 -3.04 -1.95 3.51
N ASN A 36 -4.07 -1.30 4.04
CA ASN A 36 -5.35 -1.24 3.35
C ASN A 36 -5.19 -0.48 2.05
N PHE A 37 -4.56 0.68 2.14
CA PHE A 37 -4.33 1.52 0.98
C PHE A 37 -3.55 0.75 -0.10
N ARG A 38 -2.70 -0.15 0.36
CA ARG A 38 -1.89 -0.94 -0.54
C ARG A 38 -2.77 -1.93 -1.32
N VAL A 39 -3.53 -2.72 -0.56
CA VAL A 39 -4.42 -3.70 -1.16
C VAL A 39 -5.20 -3.05 -2.30
N LEU A 40 -5.55 -1.79 -2.09
CA LEU A 40 -6.30 -1.04 -3.09
C LEU A 40 -5.41 -0.82 -4.32
N CYS A 41 -4.28 -0.18 -4.08
CA CYS A 41 -3.34 0.11 -5.14
C CYS A 41 -2.93 -1.20 -5.79
N GLU A 42 -3.06 -2.28 -5.01
CA GLU A 42 -2.71 -3.60 -5.50
C GLU A 42 -3.82 -4.15 -6.39
N LEU A 43 -4.97 -3.49 -6.33
CA LEU A 43 -6.10 -3.92 -7.14
C LEU A 43 -6.10 -3.14 -8.45
N GLU A 44 -5.70 -1.88 -8.37
CA GLU A 44 -5.65 -1.03 -9.54
C GLU A 44 -4.40 -1.33 -10.37
N SER A 45 -3.25 -1.03 -9.79
CA SER A 45 -1.98 -1.28 -10.45
C SER A 45 -1.74 -2.78 -10.57
N GLY A 46 -1.99 -3.48 -9.48
CA GLY A 46 -1.79 -4.92 -9.45
C GLY A 46 -0.61 -5.30 -8.56
N VAL A 47 0.29 -4.34 -8.39
CA VAL A 47 1.46 -4.56 -7.57
C VAL A 47 1.04 -5.19 -6.24
N PRO A 48 1.92 -6.10 -5.74
CA PRO A 48 1.65 -6.79 -4.48
C PRO A 48 1.89 -5.84 -3.30
N ALA A 49 0.81 -5.55 -2.59
CA ALA A 49 0.88 -4.67 -1.44
C ALA A 49 2.16 -4.97 -0.66
N GLU A 50 2.57 -6.22 -0.70
CA GLU A 50 3.77 -6.65 -0.02
C GLU A 50 4.99 -5.92 -0.57
N GLU A 51 5.15 -6.00 -1.88
CA GLU A 51 6.25 -5.34 -2.55
C GLU A 51 5.94 -3.87 -2.81
N ALA A 52 4.65 -3.60 -2.99
CA ALA A 52 4.20 -2.24 -3.23
C ALA A 52 4.69 -1.33 -2.11
N GLN A 53 5.25 -0.20 -2.50
CA GLN A 53 5.76 0.76 -1.54
C GLN A 53 4.96 2.08 -1.61
N ILE A 54 5.08 2.85 -0.56
CA ILE A 54 4.37 4.13 -0.49
C ILE A 54 5.33 5.20 0.04
N VAL A 55 5.55 6.22 -0.78
CA VAL A 55 6.42 7.30 -0.42
C VAL A 55 5.61 8.59 -0.26
N TYR A 56 5.95 9.35 0.77
CA TYR A 56 5.26 10.60 1.05
C TYR A 56 6.26 11.71 1.39
N MET A 57 6.05 12.86 0.76
CA MET A 57 6.91 14.00 0.98
C MET A 57 8.32 13.74 0.43
N GLU A 58 8.99 12.79 1.06
CA GLU A 58 10.34 12.44 0.66
C GLU A 58 10.91 11.35 1.56
N GLN A 59 10.05 10.40 1.90
CA GLN A 59 10.44 9.31 2.77
C GLN A 59 9.83 7.99 2.26
N LEU A 60 10.36 6.89 2.79
CA LEU A 60 9.87 5.57 2.40
C LEU A 60 9.06 4.98 3.55
N LEU A 61 7.76 5.17 3.48
CA LEU A 61 6.86 4.65 4.50
C LEU A 61 7.03 3.14 4.60
N THR A 62 7.67 2.71 5.68
CA THR A 62 7.89 1.29 5.90
C THR A 62 7.04 0.79 7.07
N ASP A 63 5.74 1.00 6.94
CA ASP A 63 4.81 0.57 7.96
C ASP A 63 3.42 0.38 7.35
N ASP A 64 2.92 -0.84 7.45
CA ASP A 64 1.61 -1.18 6.91
C ASP A 64 0.56 -1.03 8.00
N HIS A 65 0.98 -1.32 9.22
CA HIS A 65 0.08 -1.23 10.36
C HIS A 65 -0.36 0.23 10.54
N CYS A 66 0.56 1.13 10.29
CA CYS A 66 0.27 2.56 10.42
C CYS A 66 -0.91 2.89 9.50
N SER A 67 -1.51 4.03 9.78
CA SER A 67 -2.65 4.49 8.99
C SER A 67 -2.26 5.69 8.13
N LEU A 68 -3.20 6.13 7.31
CA LEU A 68 -2.96 7.26 6.44
C LEU A 68 -3.12 8.56 7.24
N GLY A 69 -4.33 8.77 7.73
CA GLY A 69 -4.62 9.96 8.50
C GLY A 69 -3.56 10.19 9.57
N SER A 70 -2.96 9.10 10.02
CA SER A 70 -1.93 9.16 11.04
C SER A 70 -0.66 9.80 10.44
N TYR A 71 -0.18 9.18 9.37
CA TYR A 71 1.02 9.67 8.71
C TYR A 71 0.91 11.16 8.40
N GLY A 72 -0.31 11.60 8.15
CA GLY A 72 -0.56 13.00 7.85
C GLY A 72 -1.04 13.16 6.41
N LEU A 73 -1.86 12.22 5.97
CA LEU A 73 -2.39 12.26 4.62
C LEU A 73 -3.78 12.92 4.63
N LYS A 74 -4.01 13.75 3.63
CA LYS A 74 -5.28 14.44 3.52
C LYS A 74 -5.67 14.55 2.05
N ASP A 75 -6.92 14.94 1.82
CA ASP A 75 -7.43 15.08 0.47
C ASP A 75 -6.54 16.06 -0.30
N GLY A 76 -6.03 15.58 -1.43
CA GLY A 76 -5.18 16.39 -2.28
C GLY A 76 -3.71 16.06 -2.04
N ASP A 77 -3.44 14.77 -1.87
CA ASP A 77 -2.08 14.30 -1.64
C ASP A 77 -1.59 13.53 -2.86
N MET A 78 -0.37 13.02 -2.76
CA MET A 78 0.22 12.26 -3.84
C MET A 78 1.30 11.31 -3.32
N VAL A 79 1.08 10.02 -3.55
CA VAL A 79 2.02 9.01 -3.11
C VAL A 79 2.67 8.36 -4.34
N VAL A 80 3.78 7.68 -4.09
CA VAL A 80 4.50 7.02 -5.16
C VAL A 80 4.51 5.50 -4.89
N LEU A 81 4.35 4.75 -5.98
CA LEU A 81 4.33 3.31 -5.87
C LEU A 81 5.65 2.74 -6.40
N LEU A 82 6.25 1.87 -5.59
CA LEU A 82 7.51 1.26 -5.96
C LEU A 82 7.43 -0.26 -5.74
N GLN A 83 7.49 -0.99 -6.85
CA GLN A 83 7.42 -2.43 -6.80
C GLN A 83 8.82 -3.02 -6.54
N LYS A 84 9.01 -3.50 -5.33
CA LYS A 84 10.28 -4.10 -4.95
C LYS A 84 10.54 -5.33 -5.82
N ASP A 85 11.70 -5.93 -5.60
CA ASP A 85 12.09 -7.12 -6.35
C ASP A 85 11.00 -8.19 -6.19
N ASN A 86 11.10 -9.22 -7.02
CA ASN A 86 10.13 -10.30 -6.98
C ASN A 86 10.86 -11.61 -6.69
N VAL A 87 12.03 -11.48 -6.06
CA VAL A 87 12.83 -12.64 -5.71
C VAL A 87 13.57 -12.38 -4.40
N GLY A 88 13.27 -13.20 -3.41
CA GLY A 88 13.90 -13.08 -2.11
C GLY A 88 12.85 -12.86 -1.02
N LEU A 89 12.97 -13.65 0.04
CA LEU A 89 12.05 -13.56 1.16
C LEU A 89 12.54 -14.44 2.30
N ARG A 90 13.25 -13.82 3.22
CA ARG A 90 13.79 -14.54 4.37
C ARG A 90 12.67 -14.84 5.37
N THR A 91 12.78 -16.02 5.98
CA THR A 91 11.79 -16.43 6.97
C THR A 91 12.08 -15.79 8.33
N PRO A 92 11.02 -15.70 9.16
CA PRO A 92 11.14 -15.12 10.48
C PRO A 92 11.84 -16.08 11.44
N GLY A 93 11.27 -17.27 11.56
CA GLY A 93 11.82 -18.29 12.44
C GLY A 93 11.09 -18.31 13.78
N ARG A 94 10.93 -19.50 14.31
CA ARG A 94 10.25 -19.67 15.59
C ARG A 94 10.81 -20.90 16.33
N THR A 95 10.86 -20.79 17.64
CA THR A 95 11.36 -21.87 18.47
C THR A 95 10.52 -22.01 19.74
N PRO A 96 9.65 -23.06 19.76
CA PRO A 96 8.79 -23.32 20.90
C PRO A 96 9.59 -23.91 22.07
N SER A 97 9.04 -23.75 23.26
CA SER A 97 9.68 -24.25 24.46
C SER A 97 11.01 -23.52 24.69
N GLY A 98 11.45 -23.55 25.94
CA GLY A 98 12.69 -22.90 26.30
C GLY A 98 13.04 -23.16 27.77
N PRO A 99 13.92 -24.18 27.97
CA PRO A 99 14.34 -24.54 29.32
C PRO A 99 15.33 -23.52 29.88
N SER A 100 15.52 -23.57 31.19
CA SER A 100 16.42 -22.66 31.85
C SER A 100 16.56 -23.05 33.34
N SER A 101 17.72 -22.72 33.89
CA SER A 101 17.99 -23.03 35.29
C SER A 101 19.31 -22.39 35.72
N GLY A 102 19.43 -22.16 37.02
CA GLY A 102 20.63 -21.56 37.56
C GLY A 102 20.53 -21.42 39.08
N GLY A 1 -28.36 7.56 12.01
CA GLY A 1 -28.48 9.00 11.84
C GLY A 1 -28.34 9.40 10.36
N SER A 2 -27.10 9.68 9.98
CA SER A 2 -26.81 10.07 8.61
C SER A 2 -25.54 9.38 8.13
N SER A 3 -25.72 8.48 7.17
CA SER A 3 -24.59 7.74 6.62
C SER A 3 -23.91 8.57 5.53
N GLY A 4 -22.92 9.33 5.96
CA GLY A 4 -22.17 10.18 5.03
C GLY A 4 -20.70 9.77 4.99
N SER A 5 -19.98 10.36 4.05
CA SER A 5 -18.57 10.08 3.88
C SER A 5 -17.87 11.27 3.24
N SER A 6 -16.55 11.17 3.17
CA SER A 6 -15.75 12.24 2.59
C SER A 6 -14.46 11.65 1.99
N GLY A 7 -13.77 10.88 2.80
CA GLY A 7 -12.53 10.25 2.37
C GLY A 7 -11.55 11.30 1.82
N MET A 8 -10.39 10.82 1.41
CA MET A 8 -9.36 11.69 0.87
C MET A 8 -8.80 11.14 -0.44
N LEU A 9 -8.46 12.06 -1.33
CA LEU A 9 -7.91 11.69 -2.62
C LEU A 9 -6.44 11.30 -2.45
N ILE A 10 -6.11 10.11 -2.94
CA ILE A 10 -4.75 9.62 -2.84
C ILE A 10 -4.25 9.24 -4.24
N THR A 11 -3.32 10.05 -4.73
CA THR A 11 -2.75 9.82 -6.04
C THR A 11 -1.51 8.93 -5.95
N VAL A 12 -1.54 7.83 -6.69
CA VAL A 12 -0.42 6.91 -6.69
C VAL A 12 0.41 7.12 -7.95
N TYR A 13 1.69 6.79 -7.85
CA TYR A 13 2.59 6.94 -8.97
C TYR A 13 3.52 5.73 -9.10
N CYS A 14 3.14 4.82 -9.99
CA CYS A 14 3.93 3.62 -10.22
C CYS A 14 5.12 3.98 -11.12
N VAL A 15 6.18 3.21 -10.98
CA VAL A 15 7.38 3.44 -11.77
C VAL A 15 7.84 2.11 -12.37
N ARG A 16 8.09 1.15 -11.50
CA ARG A 16 8.53 -0.17 -11.94
C ARG A 16 7.32 -1.09 -12.15
N ARG A 17 6.88 -1.70 -11.06
CA ARG A 17 5.73 -2.60 -11.11
C ARG A 17 5.68 -3.29 -12.47
N ASP A 18 6.77 -3.97 -12.79
CA ASP A 18 6.86 -4.69 -14.06
C ASP A 18 7.01 -3.68 -15.20
N LEU A 19 7.88 -2.72 -14.98
CA LEU A 19 8.13 -1.69 -15.98
C LEU A 19 6.80 -1.29 -16.63
N THR A 20 6.19 -0.26 -16.05
CA THR A 20 4.92 0.24 -16.56
C THR A 20 4.75 1.72 -16.23
N GLU A 21 4.83 2.01 -14.94
CA GLU A 21 4.68 3.39 -14.47
C GLU A 21 3.27 3.90 -14.77
N VAL A 22 2.32 3.42 -13.98
CA VAL A 22 0.94 3.83 -14.15
C VAL A 22 0.65 5.01 -13.22
N THR A 23 -0.46 5.69 -13.51
CA THR A 23 -0.86 6.84 -12.71
C THR A 23 -2.38 6.83 -12.51
N PHE A 24 -2.77 6.57 -11.26
CA PHE A 24 -4.18 6.53 -10.92
C PHE A 24 -4.41 7.00 -9.49
N SER A 25 -5.57 7.59 -9.26
CA SER A 25 -5.92 8.08 -7.94
C SER A 25 -6.83 7.06 -7.22
N LEU A 26 -6.97 7.26 -5.92
CA LEU A 26 -7.78 6.37 -5.12
C LEU A 26 -8.41 7.17 -3.97
N GLN A 27 -9.62 6.77 -3.61
CA GLN A 27 -10.33 7.44 -2.53
C GLN A 27 -10.39 6.54 -1.29
N VAL A 28 -9.69 6.98 -0.26
CA VAL A 28 -9.64 6.24 0.99
C VAL A 28 -9.93 7.17 2.16
N ASN A 29 -9.79 6.64 3.36
CA ASN A 29 -10.04 7.41 4.56
C ASN A 29 -8.74 7.56 5.35
N PRO A 30 -8.75 8.53 6.30
CA PRO A 30 -7.58 8.78 7.11
C PRO A 30 -7.42 7.71 8.19
N ASP A 31 -8.53 7.07 8.51
CA ASP A 31 -8.53 6.02 9.52
C ASP A 31 -8.37 4.66 8.83
N PHE A 32 -7.83 4.72 7.61
CA PHE A 32 -7.61 3.50 6.86
C PHE A 32 -6.14 3.08 6.92
N GLU A 33 -5.92 1.87 7.43
CA GLU A 33 -4.58 1.33 7.55
C GLU A 33 -3.80 1.55 6.25
N LEU A 34 -2.49 1.60 6.38
CA LEU A 34 -1.62 1.80 5.24
C LEU A 34 -1.71 0.58 4.31
N SER A 35 -1.64 -0.58 4.93
CA SER A 35 -1.71 -1.84 4.18
C SER A 35 -3.00 -1.87 3.36
N ASN A 36 -4.01 -1.18 3.86
CA ASN A 36 -5.30 -1.13 3.18
C ASN A 36 -5.15 -0.33 1.88
N PHE A 37 -4.42 0.77 1.98
CA PHE A 37 -4.20 1.63 0.83
C PHE A 37 -3.44 0.88 -0.27
N ARG A 38 -2.63 -0.08 0.16
CA ARG A 38 -1.85 -0.87 -0.77
C ARG A 38 -2.75 -1.88 -1.49
N VAL A 39 -3.43 -2.69 -0.70
CA VAL A 39 -4.31 -3.71 -1.23
C VAL A 39 -5.17 -3.09 -2.35
N LEU A 40 -5.54 -1.83 -2.13
CA LEU A 40 -6.35 -1.11 -3.09
C LEU A 40 -5.55 -0.88 -4.37
N CYS A 41 -4.37 -0.30 -4.19
CA CYS A 41 -3.49 -0.01 -5.31
C CYS A 41 -3.08 -1.35 -5.95
N GLU A 42 -3.28 -2.42 -5.18
CA GLU A 42 -2.94 -3.75 -5.66
C GLU A 42 -4.05 -4.29 -6.54
N LEU A 43 -5.23 -3.72 -6.40
CA LEU A 43 -6.38 -4.13 -7.18
C LEU A 43 -6.46 -3.27 -8.45
N GLU A 44 -5.91 -2.08 -8.36
CA GLU A 44 -5.91 -1.16 -9.48
C GLU A 44 -4.70 -1.41 -10.39
N SER A 45 -3.52 -1.15 -9.83
CA SER A 45 -2.29 -1.36 -10.58
C SER A 45 -2.00 -2.85 -10.72
N GLY A 46 -2.09 -3.54 -9.60
CA GLY A 46 -1.84 -4.97 -9.59
C GLY A 46 -0.64 -5.31 -8.71
N VAL A 47 0.18 -4.30 -8.45
CA VAL A 47 1.36 -4.47 -7.64
C VAL A 47 0.97 -5.15 -6.32
N PRO A 48 1.88 -6.03 -5.83
CA PRO A 48 1.64 -6.74 -4.59
C PRO A 48 1.84 -5.83 -3.38
N ALA A 49 0.74 -5.58 -2.68
CA ALA A 49 0.77 -4.72 -1.50
C ALA A 49 2.06 -4.99 -0.72
N GLU A 50 2.52 -6.24 -0.81
CA GLU A 50 3.73 -6.63 -0.11
C GLU A 50 4.92 -5.83 -0.65
N GLU A 51 5.09 -5.88 -1.96
CA GLU A 51 6.18 -5.18 -2.60
C GLU A 51 5.81 -3.70 -2.81
N ALA A 52 4.52 -3.47 -2.99
CA ALA A 52 4.03 -2.12 -3.20
C ALA A 52 4.52 -1.22 -2.06
N GLN A 53 5.22 -0.16 -2.44
CA GLN A 53 5.74 0.78 -1.46
C GLN A 53 5.02 2.12 -1.58
N ILE A 54 5.12 2.91 -0.52
CA ILE A 54 4.49 4.22 -0.49
C ILE A 54 5.47 5.24 0.06
N VAL A 55 5.56 6.37 -0.64
CA VAL A 55 6.47 7.43 -0.24
C VAL A 55 5.67 8.73 -0.07
N TYR A 56 6.00 9.45 1.00
CA TYR A 56 5.32 10.71 1.28
C TYR A 56 6.33 11.79 1.65
N MET A 57 6.13 12.96 1.06
CA MET A 57 7.02 14.09 1.31
C MET A 57 8.42 13.82 0.77
N GLU A 58 9.09 12.87 1.40
CA GLU A 58 10.44 12.52 0.99
C GLU A 58 10.98 11.39 1.87
N GLN A 59 10.08 10.48 2.23
CA GLN A 59 10.45 9.35 3.06
C GLN A 59 9.82 8.06 2.52
N LEU A 60 10.33 6.95 3.03
CA LEU A 60 9.82 5.65 2.60
C LEU A 60 9.04 5.00 3.75
N LEU A 61 7.73 5.20 3.71
CA LEU A 61 6.85 4.64 4.73
C LEU A 61 7.08 3.13 4.81
N THR A 62 7.32 2.66 6.03
CA THR A 62 7.54 1.25 6.26
C THR A 62 6.69 0.75 7.43
N ASP A 63 5.46 1.25 7.47
CA ASP A 63 4.54 0.87 8.53
C ASP A 63 3.17 0.58 7.93
N ASP A 64 2.88 -0.70 7.75
CA ASP A 64 1.61 -1.11 7.18
C ASP A 64 0.55 -1.15 8.28
N HIS A 65 1.02 -1.18 9.52
CA HIS A 65 0.13 -1.21 10.67
C HIS A 65 -0.35 0.21 10.98
N CYS A 66 0.36 1.17 10.41
CA CYS A 66 0.02 2.57 10.62
C CYS A 66 -1.02 2.98 9.57
N SER A 67 -1.84 3.95 9.94
CA SER A 67 -2.89 4.43 9.05
C SER A 67 -2.38 5.64 8.27
N LEU A 68 -3.21 6.11 7.35
CA LEU A 68 -2.87 7.25 6.53
C LEU A 68 -3.01 8.53 7.36
N GLY A 69 -4.18 8.70 7.94
CA GLY A 69 -4.45 9.87 8.76
C GLY A 69 -3.36 10.07 9.81
N SER A 70 -2.79 8.96 10.24
CA SER A 70 -1.73 9.00 11.23
C SER A 70 -0.52 9.76 10.70
N TYR A 71 -0.09 9.36 9.50
CA TYR A 71 1.05 9.99 8.87
C TYR A 71 0.77 11.46 8.60
N GLY A 72 -0.48 11.75 8.29
CA GLY A 72 -0.89 13.12 8.01
C GLY A 72 -1.27 13.28 6.54
N LEU A 73 -1.99 12.29 6.03
CA LEU A 73 -2.43 12.32 4.64
C LEU A 73 -3.84 12.90 4.57
N LYS A 74 -3.99 13.88 3.69
CA LYS A 74 -5.28 14.53 3.50
C LYS A 74 -5.70 14.43 2.03
N ASP A 75 -6.88 14.94 1.76
CA ASP A 75 -7.41 14.91 0.40
C ASP A 75 -6.60 15.86 -0.48
N GLY A 76 -6.18 15.35 -1.62
CA GLY A 76 -5.41 16.15 -2.56
C GLY A 76 -3.91 15.88 -2.39
N ASP A 77 -3.61 14.74 -1.79
CA ASP A 77 -2.22 14.35 -1.56
C ASP A 77 -1.73 13.51 -2.73
N MET A 78 -0.42 13.34 -2.79
CA MET A 78 0.19 12.55 -3.85
C MET A 78 1.32 11.67 -3.30
N VAL A 79 1.22 10.38 -3.58
CA VAL A 79 2.21 9.42 -3.12
C VAL A 79 2.81 8.70 -4.33
N VAL A 80 3.95 8.07 -4.10
CA VAL A 80 4.63 7.34 -5.15
C VAL A 80 4.65 5.85 -4.80
N LEU A 81 4.50 5.03 -5.83
CA LEU A 81 4.51 3.59 -5.65
C LEU A 81 5.84 3.01 -6.15
N LEU A 82 6.27 1.94 -5.50
CA LEU A 82 7.51 1.29 -5.87
C LEU A 82 7.40 -0.21 -5.58
N GLN A 83 7.61 -1.00 -6.62
CA GLN A 83 7.55 -2.45 -6.50
C GLN A 83 8.95 -3.04 -6.43
N LYS A 84 9.23 -3.67 -5.30
CA LYS A 84 10.54 -4.28 -5.09
C LYS A 84 10.69 -5.46 -6.06
N ASP A 85 11.80 -6.17 -5.89
CA ASP A 85 12.09 -7.32 -6.73
C ASP A 85 10.88 -8.26 -6.74
N ASN A 86 10.85 -9.13 -7.73
CA ASN A 86 9.75 -10.08 -7.87
C ASN A 86 10.13 -11.38 -7.20
N VAL A 87 11.03 -11.27 -6.22
CA VAL A 87 11.48 -12.44 -5.49
C VAL A 87 12.40 -12.00 -4.34
N GLY A 88 12.15 -12.57 -3.18
CA GLY A 88 12.94 -12.24 -1.99
C GLY A 88 12.03 -12.01 -0.78
N LEU A 89 11.59 -13.10 -0.18
CA LEU A 89 10.73 -13.03 0.98
C LEU A 89 10.74 -14.37 1.70
N ARG A 90 11.18 -14.32 2.96
CA ARG A 90 11.25 -15.53 3.78
C ARG A 90 10.39 -15.37 5.03
N THR A 91 9.66 -16.43 5.35
CA THR A 91 8.79 -16.41 6.52
C THR A 91 9.30 -17.42 7.56
N PRO A 92 8.96 -17.12 8.84
CA PRO A 92 9.38 -17.98 9.94
C PRO A 92 8.53 -19.26 9.98
N GLY A 93 9.02 -20.22 10.75
CA GLY A 93 8.32 -21.49 10.88
C GLY A 93 7.53 -21.54 12.19
N ARG A 94 6.32 -22.08 12.08
CA ARG A 94 5.45 -22.19 13.24
C ARG A 94 5.60 -23.58 13.88
N THR A 95 5.29 -23.63 15.17
CA THR A 95 5.39 -24.88 15.90
C THR A 95 4.03 -25.26 16.49
N PRO A 96 3.36 -26.22 15.80
CA PRO A 96 2.05 -26.68 16.24
C PRO A 96 2.18 -27.60 17.45
N SER A 97 1.59 -27.14 18.56
CA SER A 97 1.63 -27.90 19.79
C SER A 97 0.52 -27.43 20.73
N GLY A 98 0.24 -28.25 21.74
CA GLY A 98 -0.79 -27.93 22.71
C GLY A 98 -1.26 -29.18 23.44
N PRO A 99 -0.60 -29.45 24.60
CA PRO A 99 -0.95 -30.61 25.40
C PRO A 99 -2.26 -30.38 26.16
N SER A 100 -2.70 -31.43 26.85
CA SER A 100 -3.93 -31.35 27.62
C SER A 100 -4.00 -32.52 28.61
N SER A 101 -4.76 -32.31 29.67
CA SER A 101 -4.91 -33.32 30.70
C SER A 101 -3.58 -33.54 31.42
N GLY A 102 -3.69 -33.89 32.69
CA GLY A 102 -2.51 -34.13 33.50
C GLY A 102 -2.74 -33.73 34.96
N GLY A 1 -15.81 0.33 -7.54
CA GLY A 1 -17.05 1.05 -7.78
C GLY A 1 -16.91 2.51 -7.37
N SER A 2 -18.05 3.15 -7.18
CA SER A 2 -18.08 4.55 -6.78
C SER A 2 -19.30 4.82 -5.90
N SER A 3 -19.01 5.11 -4.64
CA SER A 3 -20.07 5.39 -3.68
C SER A 3 -19.47 5.70 -2.31
N GLY A 4 -19.64 6.94 -1.90
CA GLY A 4 -19.12 7.37 -0.61
C GLY A 4 -19.29 8.89 -0.43
N SER A 5 -18.91 9.36 0.75
CA SER A 5 -19.02 10.78 1.06
C SER A 5 -17.73 11.25 1.75
N SER A 6 -17.46 10.64 2.89
CA SER A 6 -16.28 10.99 3.66
C SER A 6 -15.06 10.22 3.13
N GLY A 7 -13.95 10.93 3.02
CA GLY A 7 -12.72 10.33 2.54
C GLY A 7 -11.81 11.37 1.90
N MET A 8 -10.62 10.93 1.52
CA MET A 8 -9.65 11.80 0.89
C MET A 8 -9.04 11.15 -0.35
N LEU A 9 -8.86 11.96 -1.38
CA LEU A 9 -8.30 11.48 -2.63
C LEU A 9 -6.79 11.25 -2.43
N ILE A 10 -6.35 10.07 -2.86
CA ILE A 10 -4.95 9.73 -2.75
C ILE A 10 -4.41 9.32 -4.13
N THR A 11 -3.53 10.17 -4.64
CA THR A 11 -2.94 9.92 -5.95
C THR A 11 -1.73 8.99 -5.82
N VAL A 12 -1.77 7.92 -6.60
CA VAL A 12 -0.70 6.94 -6.58
C VAL A 12 0.11 7.04 -7.88
N TYR A 13 1.39 7.36 -7.72
CA TYR A 13 2.26 7.50 -8.87
C TYR A 13 3.24 6.32 -8.95
N CYS A 14 2.84 5.32 -9.72
CA CYS A 14 3.67 4.13 -9.89
C CYS A 14 4.86 4.50 -10.77
N VAL A 15 5.95 3.78 -10.57
CA VAL A 15 7.17 4.03 -11.34
C VAL A 15 7.45 2.82 -12.23
N ARG A 16 8.69 2.38 -12.20
CA ARG A 16 9.10 1.24 -12.99
C ARG A 16 7.96 0.23 -13.11
N ARG A 17 7.73 -0.48 -12.02
CA ARG A 17 6.66 -1.48 -11.98
C ARG A 17 7.01 -2.65 -12.90
N ASP A 18 7.30 -2.33 -14.14
CA ASP A 18 7.65 -3.34 -15.12
C ASP A 18 7.67 -2.73 -16.52
N LEU A 19 8.21 -1.51 -16.58
CA LEU A 19 8.29 -0.79 -17.85
C LEU A 19 6.89 -0.31 -18.25
N THR A 20 6.33 0.53 -17.40
CA THR A 20 5.00 1.08 -17.66
C THR A 20 4.80 2.38 -16.90
N GLU A 21 4.79 2.27 -15.58
CA GLU A 21 4.61 3.44 -14.73
C GLU A 21 3.24 4.08 -14.99
N VAL A 22 2.26 3.61 -14.23
CA VAL A 22 0.91 4.13 -14.37
C VAL A 22 0.63 5.12 -13.24
N THR A 23 -0.26 6.06 -13.52
CA THR A 23 -0.62 7.08 -12.54
C THR A 23 -2.14 7.16 -12.39
N PHE A 24 -2.60 6.78 -11.21
CA PHE A 24 -4.02 6.81 -10.92
C PHE A 24 -4.30 7.39 -9.53
N SER A 25 -5.58 7.52 -9.23
CA SER A 25 -5.98 8.06 -7.93
C SER A 25 -6.87 7.05 -7.20
N LEU A 26 -7.00 7.27 -5.91
CA LEU A 26 -7.80 6.39 -5.07
C LEU A 26 -8.47 7.21 -3.96
N GLN A 27 -9.65 6.76 -3.57
CA GLN A 27 -10.40 7.44 -2.53
C GLN A 27 -10.50 6.55 -1.28
N VAL A 28 -9.88 7.01 -0.21
CA VAL A 28 -9.89 6.27 1.03
C VAL A 28 -10.04 7.25 2.20
N ASN A 29 -10.39 6.70 3.36
CA ASN A 29 -10.57 7.51 4.55
C ASN A 29 -9.20 7.74 5.21
N PRO A 30 -9.18 8.72 6.15
CA PRO A 30 -7.96 9.04 6.87
C PRO A 30 -7.65 7.98 7.92
N ASP A 31 -8.65 7.17 8.22
CA ASP A 31 -8.50 6.12 9.20
C ASP A 31 -7.90 4.87 8.53
N PHE A 32 -8.29 4.67 7.28
CA PHE A 32 -7.81 3.54 6.51
C PHE A 32 -6.32 3.31 6.77
N GLU A 33 -5.99 2.07 7.11
CA GLU A 33 -4.61 1.70 7.38
C GLU A 33 -3.80 1.71 6.08
N LEU A 34 -2.49 1.70 6.25
CA LEU A 34 -1.58 1.71 5.11
C LEU A 34 -1.77 0.41 4.32
N SER A 35 -1.80 -0.69 5.06
CA SER A 35 -1.96 -2.00 4.45
C SER A 35 -3.20 -2.02 3.56
N ASN A 36 -4.25 -1.37 4.05
CA ASN A 36 -5.50 -1.30 3.32
C ASN A 36 -5.28 -0.54 2.00
N PHE A 37 -4.51 0.55 2.11
CA PHE A 37 -4.22 1.36 0.95
C PHE A 37 -3.36 0.60 -0.06
N ARG A 38 -2.59 -0.35 0.47
CA ARG A 38 -1.72 -1.15 -0.37
C ARG A 38 -2.54 -2.21 -1.12
N VAL A 39 -3.67 -2.57 -0.52
CA VAL A 39 -4.55 -3.56 -1.12
C VAL A 39 -5.35 -2.92 -2.26
N LEU A 40 -5.55 -1.61 -2.13
CA LEU A 40 -6.30 -0.87 -3.13
C LEU A 40 -5.37 -0.50 -4.29
N CYS A 41 -4.16 -0.07 -3.92
CA CYS A 41 -3.17 0.31 -4.91
C CYS A 41 -2.63 -0.96 -5.57
N GLU A 42 -2.96 -2.09 -4.96
CA GLU A 42 -2.52 -3.37 -5.46
C GLU A 42 -3.49 -3.90 -6.52
N LEU A 43 -4.73 -3.43 -6.41
CA LEU A 43 -5.76 -3.84 -7.36
C LEU A 43 -5.70 -2.95 -8.59
N GLU A 44 -5.47 -1.67 -8.35
CA GLU A 44 -5.38 -0.70 -9.43
C GLU A 44 -4.16 -0.99 -10.31
N SER A 45 -3.00 -0.81 -9.71
CA SER A 45 -1.75 -1.06 -10.43
C SER A 45 -1.58 -2.56 -10.69
N GLY A 46 -1.75 -3.33 -9.63
CA GLY A 46 -1.61 -4.77 -9.74
C GLY A 46 -0.47 -5.29 -8.85
N VAL A 47 0.40 -4.35 -8.47
CA VAL A 47 1.53 -4.70 -7.64
C VAL A 47 1.03 -5.25 -6.29
N PRO A 48 1.77 -6.26 -5.78
CA PRO A 48 1.42 -6.88 -4.52
C PRO A 48 1.77 -5.98 -3.34
N ALA A 49 0.77 -5.74 -2.49
CA ALA A 49 0.95 -4.90 -1.33
C ALA A 49 2.30 -5.23 -0.68
N GLU A 50 2.67 -6.50 -0.77
CA GLU A 50 3.92 -6.95 -0.19
C GLU A 50 5.10 -6.32 -0.94
N GLU A 51 5.04 -6.38 -2.25
CA GLU A 51 6.09 -5.82 -3.08
C GLU A 51 5.70 -4.43 -3.57
N ALA A 52 4.79 -3.81 -2.83
CA ALA A 52 4.32 -2.48 -3.17
C ALA A 52 4.63 -1.53 -2.02
N GLN A 53 5.48 -0.54 -2.31
CA GLN A 53 5.86 0.44 -1.31
C GLN A 53 5.14 1.76 -1.57
N ILE A 54 5.14 2.60 -0.55
CA ILE A 54 4.49 3.90 -0.65
C ILE A 54 5.40 4.97 -0.04
N VAL A 55 5.62 6.02 -0.81
CA VAL A 55 6.47 7.11 -0.37
C VAL A 55 5.64 8.41 -0.34
N TYR A 56 5.83 9.17 0.73
CA TYR A 56 5.12 10.42 0.89
C TYR A 56 6.10 11.58 1.08
N MET A 57 5.95 12.59 0.23
CA MET A 57 6.81 13.76 0.29
C MET A 57 8.25 13.39 -0.02
N GLU A 58 8.89 12.71 0.92
CA GLU A 58 10.26 12.29 0.76
C GLU A 58 10.63 11.26 1.82
N GLN A 59 9.65 10.44 2.18
CA GLN A 59 9.87 9.41 3.18
C GLN A 59 9.29 8.08 2.70
N LEU A 60 10.07 7.03 2.91
CA LEU A 60 9.66 5.69 2.51
C LEU A 60 8.86 5.04 3.64
N LEU A 61 7.55 5.03 3.47
CA LEU A 61 6.68 4.44 4.48
C LEU A 61 6.99 2.95 4.60
N THR A 62 7.57 2.60 5.74
CA THR A 62 7.93 1.22 6.01
C THR A 62 6.97 0.60 7.02
N ASP A 63 5.83 1.27 7.20
CA ASP A 63 4.83 0.80 8.13
C ASP A 63 3.54 0.48 7.37
N ASP A 64 3.00 -0.69 7.64
CA ASP A 64 1.78 -1.13 6.98
C ASP A 64 0.63 -1.07 7.99
N HIS A 65 0.99 -1.14 9.26
CA HIS A 65 -0.01 -1.10 10.32
C HIS A 65 -0.19 0.35 10.79
N CYS A 66 0.23 1.27 9.94
CA CYS A 66 0.11 2.68 10.25
C CYS A 66 -1.05 3.26 9.44
N SER A 67 -1.74 4.21 10.05
CA SER A 67 -2.88 4.85 9.40
C SER A 67 -2.39 5.95 8.47
N LEU A 68 -3.31 6.43 7.65
CA LEU A 68 -2.99 7.48 6.70
C LEU A 68 -3.12 8.84 7.39
N GLY A 69 -4.20 8.99 8.14
CA GLY A 69 -4.45 10.22 8.85
C GLY A 69 -3.32 10.53 9.84
N SER A 70 -2.62 9.47 10.24
CA SER A 70 -1.52 9.62 11.18
C SER A 70 -0.29 10.15 10.45
N TYR A 71 0.06 9.46 9.37
CA TYR A 71 1.22 9.85 8.58
C TYR A 71 1.16 11.34 8.21
N GLY A 72 -0.03 11.76 7.82
CA GLY A 72 -0.23 13.15 7.45
C GLY A 72 -0.78 13.26 6.02
N LEU A 73 -1.74 12.40 5.72
CA LEU A 73 -2.36 12.38 4.41
C LEU A 73 -3.63 13.22 4.44
N LYS A 74 -3.97 13.77 3.28
CA LYS A 74 -5.17 14.58 3.15
C LYS A 74 -5.66 14.56 1.71
N ASP A 75 -6.91 14.96 1.53
CA ASP A 75 -7.51 14.97 0.20
C ASP A 75 -6.70 15.92 -0.69
N GLY A 76 -6.16 15.34 -1.76
CA GLY A 76 -5.36 16.11 -2.70
C GLY A 76 -3.87 15.86 -2.50
N ASP A 77 -3.56 14.65 -2.07
CA ASP A 77 -2.18 14.27 -1.83
C ASP A 77 -1.68 13.40 -2.99
N MET A 78 -0.44 12.96 -2.87
CA MET A 78 0.16 12.13 -3.90
C MET A 78 1.28 11.26 -3.32
N VAL A 79 1.25 9.99 -3.70
CA VAL A 79 2.25 9.04 -3.23
C VAL A 79 2.87 8.32 -4.42
N VAL A 80 4.02 7.73 -4.18
CA VAL A 80 4.73 7.01 -5.22
C VAL A 80 4.73 5.51 -4.89
N LEU A 81 4.64 4.70 -5.94
CA LEU A 81 4.62 3.26 -5.77
C LEU A 81 5.98 2.70 -6.20
N LEU A 82 6.45 1.74 -5.42
CA LEU A 82 7.73 1.11 -5.71
C LEU A 82 7.56 -0.42 -5.71
N GLN A 83 7.70 -0.99 -6.90
CA GLN A 83 7.55 -2.43 -7.05
C GLN A 83 8.89 -3.12 -6.79
N LYS A 84 8.97 -3.76 -5.64
CA LYS A 84 10.18 -4.47 -5.26
C LYS A 84 10.32 -5.74 -6.11
N ASP A 85 11.57 -6.09 -6.39
CA ASP A 85 11.84 -7.28 -7.19
C ASP A 85 12.69 -8.26 -6.37
N ASN A 86 12.16 -9.46 -6.22
CA ASN A 86 12.85 -10.49 -5.46
C ASN A 86 13.17 -11.67 -6.39
N VAL A 87 12.66 -11.58 -7.61
CA VAL A 87 12.88 -12.62 -8.60
C VAL A 87 12.86 -13.99 -7.90
N GLY A 88 12.06 -14.07 -6.86
CA GLY A 88 11.93 -15.31 -6.09
C GLY A 88 10.61 -15.36 -5.33
N LEU A 89 10.72 -15.21 -4.01
CA LEU A 89 9.55 -15.23 -3.16
C LEU A 89 8.81 -16.56 -3.35
N ARG A 90 9.06 -17.49 -2.43
CA ARG A 90 8.45 -18.79 -2.48
C ARG A 90 8.11 -19.28 -1.07
N THR A 91 6.88 -19.74 -0.91
CA THR A 91 6.42 -20.24 0.37
C THR A 91 6.05 -21.71 0.28
N PRO A 92 6.93 -22.57 0.85
CA PRO A 92 6.70 -24.01 0.83
C PRO A 92 5.61 -24.40 1.82
N GLY A 93 5.06 -25.59 1.62
CA GLY A 93 4.00 -26.10 2.48
C GLY A 93 4.49 -26.18 3.93
N ARG A 94 3.53 -26.09 4.85
CA ARG A 94 3.84 -26.15 6.26
C ARG A 94 4.58 -27.45 6.59
N THR A 95 5.71 -27.30 7.26
CA THR A 95 6.52 -28.45 7.64
C THR A 95 6.61 -28.55 9.17
N PRO A 96 6.65 -29.82 9.66
CA PRO A 96 6.74 -30.06 11.08
C PRO A 96 8.16 -29.80 11.59
N SER A 97 9.13 -30.09 10.73
CA SER A 97 10.52 -29.89 11.09
C SER A 97 10.90 -30.77 12.27
N GLY A 98 12.07 -31.37 12.18
CA GLY A 98 12.56 -32.24 13.24
C GLY A 98 13.87 -32.93 12.83
N PRO A 99 14.97 -32.13 12.85
CA PRO A 99 16.27 -32.65 12.49
C PRO A 99 16.84 -33.53 13.60
N SER A 100 18.01 -34.09 13.34
CA SER A 100 18.67 -34.96 14.30
C SER A 100 20.10 -35.24 13.86
N SER A 101 21.03 -35.01 14.78
CA SER A 101 22.44 -35.24 14.48
C SER A 101 23.23 -35.32 15.79
N GLY A 102 24.43 -35.89 15.69
CA GLY A 102 25.28 -36.04 16.85
C GLY A 102 24.84 -37.21 17.71
N GLY A 1 -25.30 0.35 6.78
CA GLY A 1 -24.50 1.55 6.89
C GLY A 1 -25.38 2.80 6.86
N SER A 2 -25.78 3.17 5.65
CA SER A 2 -26.63 4.33 5.46
C SER A 2 -26.16 5.46 6.38
N SER A 3 -25.14 6.18 5.92
CA SER A 3 -24.60 7.29 6.69
C SER A 3 -23.46 7.95 5.92
N GLY A 4 -23.02 9.08 6.44
CA GLY A 4 -21.94 9.82 5.81
C GLY A 4 -20.58 9.22 6.17
N SER A 5 -19.60 9.48 5.32
CA SER A 5 -18.25 8.97 5.54
C SER A 5 -17.24 9.85 4.82
N SER A 6 -16.29 10.36 5.59
CA SER A 6 -15.25 11.21 5.05
C SER A 6 -14.25 10.38 4.24
N GLY A 7 -13.61 11.04 3.29
CA GLY A 7 -12.63 10.38 2.44
C GLY A 7 -11.67 11.38 1.82
N MET A 8 -10.49 10.89 1.46
CA MET A 8 -9.47 11.73 0.87
C MET A 8 -8.95 11.13 -0.44
N LEU A 9 -8.54 12.01 -1.34
CA LEU A 9 -8.03 11.58 -2.63
C LEU A 9 -6.54 11.26 -2.49
N ILE A 10 -6.19 10.02 -2.85
CA ILE A 10 -4.81 9.59 -2.78
C ILE A 10 -4.31 9.28 -4.19
N THR A 11 -3.44 10.14 -4.67
CA THR A 11 -2.88 9.97 -6.00
C THR A 11 -1.61 9.11 -5.94
N VAL A 12 -1.71 7.94 -6.55
CA VAL A 12 -0.59 7.01 -6.57
C VAL A 12 0.20 7.21 -7.87
N TYR A 13 1.47 6.80 -7.82
CA TYR A 13 2.33 6.93 -8.98
C TYR A 13 3.38 5.81 -8.99
N CYS A 14 3.14 4.82 -9.84
CA CYS A 14 4.05 3.70 -9.97
C CYS A 14 5.24 4.14 -10.82
N VAL A 15 6.38 3.50 -10.57
CA VAL A 15 7.59 3.82 -11.30
C VAL A 15 8.15 2.54 -11.93
N ARG A 16 8.37 1.55 -11.07
CA ARG A 16 8.90 0.28 -11.52
C ARG A 16 7.77 -0.69 -11.86
N ARG A 17 7.41 -1.51 -10.88
CA ARG A 17 6.34 -2.47 -11.07
C ARG A 17 6.24 -2.89 -12.54
N ASP A 18 7.38 -3.32 -13.07
CA ASP A 18 7.43 -3.75 -14.46
C ASP A 18 7.37 -2.52 -15.37
N LEU A 19 8.33 -2.44 -16.27
CA LEU A 19 8.40 -1.32 -17.20
C LEU A 19 6.98 -0.96 -17.66
N THR A 20 6.56 0.24 -17.28
CA THR A 20 5.24 0.71 -17.63
C THR A 20 4.98 2.08 -16.99
N GLU A 21 5.12 2.11 -15.67
CA GLU A 21 4.90 3.34 -14.93
C GLU A 21 3.47 3.85 -15.14
N VAL A 22 2.62 3.55 -14.18
CA VAL A 22 1.23 3.97 -14.24
C VAL A 22 0.90 4.84 -13.03
N THR A 23 0.03 5.82 -13.27
CA THR A 23 -0.37 6.73 -12.21
C THR A 23 -1.89 6.78 -12.11
N PHE A 24 -2.39 6.45 -10.92
CA PHE A 24 -3.83 6.47 -10.68
C PHE A 24 -4.15 7.04 -9.31
N SER A 25 -5.42 7.40 -9.13
CA SER A 25 -5.87 7.96 -7.88
C SER A 25 -6.77 6.97 -7.14
N LEU A 26 -6.94 7.20 -5.85
CA LEU A 26 -7.77 6.33 -5.03
C LEU A 26 -8.42 7.16 -3.93
N GLN A 27 -9.65 6.78 -3.58
CA GLN A 27 -10.39 7.47 -2.55
C GLN A 27 -10.55 6.57 -1.32
N VAL A 28 -9.83 6.93 -0.27
CA VAL A 28 -9.89 6.16 0.97
C VAL A 28 -9.99 7.12 2.16
N ASN A 29 -10.47 6.59 3.26
CA ASN A 29 -10.62 7.38 4.48
C ASN A 29 -9.26 7.62 5.11
N PRO A 30 -9.19 8.67 5.96
CA PRO A 30 -7.95 9.01 6.64
C PRO A 30 -7.66 8.02 7.78
N ASP A 31 -8.63 7.17 8.04
CA ASP A 31 -8.51 6.17 9.09
C ASP A 31 -8.20 4.82 8.47
N PHE A 32 -7.61 4.85 7.29
CA PHE A 32 -7.26 3.64 6.58
C PHE A 32 -5.81 3.24 6.85
N GLU A 33 -5.60 1.94 7.07
CA GLU A 33 -4.28 1.43 7.33
C GLU A 33 -3.46 1.35 6.04
N LEU A 34 -2.21 1.78 6.14
CA LEU A 34 -1.33 1.76 4.98
C LEU A 34 -1.52 0.45 4.21
N SER A 35 -1.52 -0.64 4.96
CA SER A 35 -1.69 -1.96 4.36
C SER A 35 -2.99 -1.99 3.55
N ASN A 36 -4.03 -1.39 4.13
CA ASN A 36 -5.33 -1.36 3.47
C ASN A 36 -5.21 -0.56 2.16
N PHE A 37 -4.48 0.54 2.24
CA PHE A 37 -4.27 1.38 1.08
C PHE A 37 -3.49 0.65 -0.01
N ARG A 38 -2.63 -0.26 0.43
CA ARG A 38 -1.82 -1.03 -0.49
C ARG A 38 -2.69 -1.99 -1.29
N VAL A 39 -3.53 -2.72 -0.56
CA VAL A 39 -4.42 -3.69 -1.18
C VAL A 39 -5.20 -3.00 -2.31
N LEU A 40 -5.55 -1.73 -2.06
CA LEU A 40 -6.29 -0.96 -3.04
C LEU A 40 -5.40 -0.68 -4.24
N CYS A 41 -4.25 -0.07 -3.96
CA CYS A 41 -3.30 0.26 -5.00
C CYS A 41 -2.89 -1.03 -5.70
N GLU A 42 -3.09 -2.14 -5.00
CA GLU A 42 -2.74 -3.44 -5.54
C GLU A 42 -3.82 -3.93 -6.51
N LEU A 43 -4.96 -3.25 -6.46
CA LEU A 43 -6.08 -3.60 -7.32
C LEU A 43 -6.01 -2.75 -8.60
N GLU A 44 -5.65 -1.50 -8.41
CA GLU A 44 -5.54 -0.58 -9.54
C GLU A 44 -4.29 -0.89 -10.36
N SER A 45 -3.14 -0.67 -9.74
CA SER A 45 -1.88 -0.92 -10.40
C SER A 45 -1.72 -2.42 -10.68
N GLY A 46 -1.94 -3.21 -9.65
CA GLY A 46 -1.84 -4.65 -9.77
C GLY A 46 -0.71 -5.20 -8.89
N VAL A 47 0.20 -4.30 -8.53
CA VAL A 47 1.33 -4.66 -7.69
C VAL A 47 0.81 -5.24 -6.36
N PRO A 48 1.53 -6.28 -5.86
CA PRO A 48 1.16 -6.91 -4.62
C PRO A 48 1.52 -6.04 -3.42
N ALA A 49 0.56 -5.87 -2.53
CA ALA A 49 0.77 -5.06 -1.34
C ALA A 49 2.13 -5.39 -0.74
N GLU A 50 2.44 -6.67 -0.71
CA GLU A 50 3.72 -7.12 -0.16
C GLU A 50 4.87 -6.49 -0.93
N GLU A 51 4.76 -6.52 -2.25
CA GLU A 51 5.78 -5.95 -3.11
C GLU A 51 5.36 -4.57 -3.61
N ALA A 52 4.58 -3.89 -2.77
CA ALA A 52 4.10 -2.56 -3.11
C ALA A 52 4.51 -1.58 -2.01
N GLN A 53 5.35 -0.63 -2.41
CA GLN A 53 5.83 0.38 -1.47
C GLN A 53 5.11 1.70 -1.71
N ILE A 54 5.12 2.53 -0.67
CA ILE A 54 4.48 3.84 -0.75
C ILE A 54 5.40 4.90 -0.15
N VAL A 55 5.39 6.06 -0.79
CA VAL A 55 6.22 7.16 -0.33
C VAL A 55 5.36 8.42 -0.20
N TYR A 56 5.69 9.22 0.81
CA TYR A 56 4.96 10.45 1.06
C TYR A 56 5.86 11.50 1.71
N MET A 57 5.57 12.75 1.40
CA MET A 57 6.35 13.85 1.95
C MET A 57 7.75 13.91 1.33
N GLU A 58 8.46 12.79 1.47
CA GLU A 58 9.81 12.69 0.93
C GLU A 58 10.44 11.36 1.33
N GLN A 59 10.09 10.90 2.52
CA GLN A 59 10.60 9.65 3.03
C GLN A 59 9.73 8.48 2.57
N LEU A 60 10.31 7.28 2.62
CA LEU A 60 9.59 6.09 2.20
C LEU A 60 8.94 5.45 3.44
N LEU A 61 7.62 5.30 3.36
CA LEU A 61 6.87 4.71 4.44
C LEU A 61 7.18 3.20 4.51
N THR A 62 7.83 2.81 5.59
CA THR A 62 8.19 1.41 5.78
C THR A 62 7.35 0.81 6.91
N ASP A 63 6.11 1.24 6.99
CA ASP A 63 5.20 0.75 8.02
C ASP A 63 3.82 0.52 7.41
N ASP A 64 3.28 -0.66 7.68
CA ASP A 64 1.97 -1.02 7.16
C ASP A 64 0.93 -0.82 8.26
N HIS A 65 1.34 -1.09 9.48
CA HIS A 65 0.45 -0.94 10.62
C HIS A 65 0.07 0.52 10.79
N CYS A 66 0.89 1.38 10.21
CA CYS A 66 0.65 2.82 10.28
C CYS A 66 -0.54 3.15 9.37
N SER A 67 -1.28 4.18 9.78
CA SER A 67 -2.44 4.61 9.02
C SER A 67 -2.09 5.83 8.17
N LEU A 68 -3.02 6.21 7.31
CA LEU A 68 -2.82 7.35 6.44
C LEU A 68 -3.01 8.64 7.24
N GLY A 69 -4.22 8.80 7.76
CA GLY A 69 -4.53 9.98 8.55
C GLY A 69 -3.44 10.26 9.59
N SER A 70 -2.87 9.18 10.10
CA SER A 70 -1.82 9.29 11.10
C SER A 70 -0.58 9.93 10.48
N TYR A 71 -0.11 9.34 9.39
CA TYR A 71 1.05 9.84 8.70
C TYR A 71 0.92 11.34 8.42
N GLY A 72 -0.28 11.73 8.03
CA GLY A 72 -0.56 13.12 7.73
C GLY A 72 -0.96 13.30 6.26
N LEU A 73 -1.83 12.39 5.82
CA LEU A 73 -2.31 12.44 4.44
C LEU A 73 -3.67 13.15 4.40
N LYS A 74 -3.80 14.02 3.42
CA LYS A 74 -5.04 14.77 3.25
C LYS A 74 -5.54 14.63 1.81
N ASP A 75 -6.78 15.01 1.61
CA ASP A 75 -7.38 14.94 0.29
C ASP A 75 -6.63 15.87 -0.67
N GLY A 76 -6.23 15.30 -1.81
CA GLY A 76 -5.50 16.06 -2.80
C GLY A 76 -4.00 15.84 -2.67
N ASP A 77 -3.64 14.73 -2.03
CA ASP A 77 -2.25 14.39 -1.82
C ASP A 77 -1.79 13.45 -2.93
N MET A 78 -0.48 13.28 -3.01
CA MET A 78 0.09 12.40 -4.02
C MET A 78 1.24 11.57 -3.43
N VAL A 79 1.10 10.26 -3.57
CA VAL A 79 2.11 9.34 -3.07
C VAL A 79 2.77 8.62 -4.24
N VAL A 80 3.93 8.04 -3.95
CA VAL A 80 4.68 7.32 -4.97
C VAL A 80 4.69 5.83 -4.64
N LEU A 81 4.52 5.02 -5.67
CA LEU A 81 4.50 3.58 -5.51
C LEU A 81 5.83 3.00 -6.00
N LEU A 82 6.26 1.94 -5.32
CA LEU A 82 7.50 1.28 -5.69
C LEU A 82 7.36 -0.23 -5.45
N GLN A 83 7.80 -0.98 -6.44
CA GLN A 83 7.72 -2.44 -6.36
C GLN A 83 9.13 -3.03 -6.17
N LYS A 84 9.22 -3.96 -5.24
CA LYS A 84 10.49 -4.62 -4.96
C LYS A 84 10.67 -5.81 -5.89
N ASP A 85 11.64 -6.64 -5.56
CA ASP A 85 11.93 -7.82 -6.36
C ASP A 85 11.70 -9.08 -5.50
N ASN A 86 11.18 -10.10 -6.15
CA ASN A 86 10.91 -11.36 -5.47
C ASN A 86 12.16 -12.24 -5.51
N VAL A 87 13.12 -11.81 -6.32
CA VAL A 87 14.37 -12.54 -6.47
C VAL A 87 14.07 -13.95 -6.97
N GLY A 88 12.87 -14.12 -7.51
CA GLY A 88 12.45 -15.41 -8.02
C GLY A 88 11.47 -16.09 -7.08
N LEU A 89 12.02 -16.74 -6.06
CA LEU A 89 11.19 -17.43 -5.08
C LEU A 89 11.95 -17.49 -3.75
N ARG A 90 11.51 -16.66 -2.82
CA ARG A 90 12.14 -16.61 -1.51
C ARG A 90 11.10 -16.28 -0.44
N THR A 91 11.05 -17.12 0.58
CA THR A 91 10.11 -16.92 1.67
C THR A 91 10.58 -17.65 2.93
N PRO A 92 10.20 -17.08 4.10
CA PRO A 92 10.57 -17.67 5.37
C PRO A 92 9.74 -18.92 5.67
N GLY A 93 9.79 -19.36 6.92
CA GLY A 93 9.06 -20.53 7.34
C GLY A 93 9.09 -20.68 8.86
N ARG A 94 7.91 -20.56 9.47
CA ARG A 94 7.80 -20.68 10.90
C ARG A 94 6.39 -21.12 11.29
N THR A 95 6.32 -21.91 12.35
CA THR A 95 5.04 -22.40 12.83
C THR A 95 5.08 -22.64 14.34
N PRO A 96 3.88 -22.54 14.97
CA PRO A 96 3.78 -22.74 16.41
C PRO A 96 3.90 -24.22 16.77
N SER A 97 5.06 -24.59 17.30
CA SER A 97 5.31 -25.97 17.68
C SER A 97 6.80 -26.17 17.97
N GLY A 98 7.07 -26.71 19.15
CA GLY A 98 8.44 -26.97 19.55
C GLY A 98 8.56 -27.05 21.08
N PRO A 99 9.40 -28.01 21.53
CA PRO A 99 9.61 -28.21 22.96
C PRO A 99 10.48 -27.11 23.55
N SER A 100 10.70 -27.20 24.86
CA SER A 100 11.53 -26.22 25.55
C SER A 100 12.98 -26.66 25.55
N SER A 101 13.22 -27.83 26.14
CA SER A 101 14.55 -28.38 26.22
C SER A 101 14.52 -29.88 25.95
N GLY A 102 15.68 -30.41 25.55
CA GLY A 102 15.79 -31.83 25.27
C GLY A 102 16.55 -32.55 26.37
N GLY A 1 -13.01 2.35 0.25
CA GLY A 1 -13.57 1.18 -0.41
C GLY A 1 -13.95 1.49 -1.85
N SER A 2 -14.98 0.81 -2.33
CA SER A 2 -15.45 1.01 -3.69
C SER A 2 -16.50 2.12 -3.73
N SER A 3 -17.60 1.86 -3.03
CA SER A 3 -18.69 2.82 -2.99
C SER A 3 -19.20 2.96 -1.54
N GLY A 4 -19.71 4.14 -1.24
CA GLY A 4 -20.23 4.41 0.09
C GLY A 4 -19.10 4.66 1.09
N SER A 5 -18.26 5.64 0.76
CA SER A 5 -17.14 5.98 1.61
C SER A 5 -16.68 7.41 1.32
N SER A 6 -16.08 7.58 0.16
CA SER A 6 -15.59 8.89 -0.25
C SER A 6 -14.76 9.51 0.87
N GLY A 7 -13.46 9.22 0.84
CA GLY A 7 -12.56 9.75 1.85
C GLY A 7 -11.66 10.84 1.26
N MET A 8 -10.36 10.64 1.42
CA MET A 8 -9.38 11.59 0.91
C MET A 8 -8.79 11.11 -0.41
N LEU A 9 -8.53 12.07 -1.29
CA LEU A 9 -7.97 11.77 -2.59
C LEU A 9 -6.50 11.39 -2.43
N ILE A 10 -6.18 10.18 -2.85
CA ILE A 10 -4.82 9.67 -2.76
C ILE A 10 -4.30 9.36 -4.17
N THR A 11 -3.40 10.19 -4.63
CA THR A 11 -2.81 10.01 -5.96
C THR A 11 -1.59 9.10 -5.88
N VAL A 12 -1.67 7.98 -6.56
CA VAL A 12 -0.57 7.02 -6.58
C VAL A 12 0.21 7.18 -7.88
N TYR A 13 1.46 6.75 -7.83
CA TYR A 13 2.34 6.83 -8.99
C TYR A 13 3.30 5.64 -9.05
N CYS A 14 2.98 4.71 -9.93
CA CYS A 14 3.80 3.53 -10.10
C CYS A 14 4.97 3.88 -11.02
N VAL A 15 6.07 3.14 -10.85
CA VAL A 15 7.25 3.36 -11.66
C VAL A 15 7.76 2.02 -12.17
N ARG A 16 8.09 1.14 -11.24
CA ARG A 16 8.60 -0.18 -11.59
C ARG A 16 7.56 -0.93 -12.41
N ARG A 17 6.74 -1.71 -11.72
CA ARG A 17 5.71 -2.50 -12.37
C ARG A 17 6.32 -3.37 -13.46
N ASP A 18 7.63 -3.55 -13.37
CA ASP A 18 8.33 -4.37 -14.34
C ASP A 18 8.23 -3.71 -15.72
N LEU A 19 8.56 -2.42 -15.75
CA LEU A 19 8.50 -1.67 -16.99
C LEU A 19 7.05 -1.44 -17.38
N THR A 20 6.51 -0.33 -16.90
CA THR A 20 5.13 0.02 -17.19
C THR A 20 4.85 1.47 -16.78
N GLU A 21 4.90 1.70 -15.48
CA GLU A 21 4.65 3.03 -14.94
C GLU A 21 3.20 3.43 -15.19
N VAL A 22 2.51 3.76 -14.11
CA VAL A 22 1.12 4.17 -14.19
C VAL A 22 0.85 5.26 -13.17
N THR A 23 -0.23 6.00 -13.40
CA THR A 23 -0.60 7.08 -12.51
C THR A 23 -2.13 7.12 -12.32
N PHE A 24 -2.55 6.77 -11.12
CA PHE A 24 -3.97 6.76 -10.81
C PHE A 24 -4.22 7.29 -9.39
N SER A 25 -5.48 7.61 -9.13
CA SER A 25 -5.86 8.13 -7.82
C SER A 25 -6.79 7.12 -7.13
N LEU A 26 -6.92 7.32 -5.82
CA LEU A 26 -7.77 6.44 -5.03
C LEU A 26 -8.39 7.24 -3.87
N GLN A 27 -9.58 6.82 -3.47
CA GLN A 27 -10.28 7.48 -2.38
C GLN A 27 -10.34 6.57 -1.15
N VAL A 28 -9.61 6.97 -0.13
CA VAL A 28 -9.57 6.20 1.11
C VAL A 28 -9.80 7.14 2.30
N ASN A 29 -10.14 6.54 3.42
CA ASN A 29 -10.38 7.32 4.64
C ASN A 29 -9.05 7.57 5.35
N PRO A 30 -9.06 8.60 6.24
CA PRO A 30 -7.88 8.95 6.99
C PRO A 30 -7.61 7.95 8.11
N ASP A 31 -8.64 7.16 8.42
CA ASP A 31 -8.53 6.16 9.46
C ASP A 31 -8.39 4.77 8.82
N PHE A 32 -7.74 4.76 7.66
CA PHE A 32 -7.52 3.52 6.93
C PHE A 32 -6.06 3.09 7.01
N GLU A 33 -5.85 1.88 7.50
CA GLU A 33 -4.51 1.34 7.63
C GLU A 33 -3.78 1.42 6.29
N LEU A 34 -2.47 1.65 6.37
CA LEU A 34 -1.65 1.76 5.18
C LEU A 34 -1.83 0.49 4.33
N SER A 35 -1.74 -0.65 5.00
CA SER A 35 -1.89 -1.93 4.32
C SER A 35 -3.17 -1.93 3.49
N ASN A 36 -4.19 -1.26 4.02
CA ASN A 36 -5.47 -1.18 3.35
C ASN A 36 -5.30 -0.41 2.04
N PHE A 37 -4.57 0.69 2.13
CA PHE A 37 -4.34 1.54 0.96
C PHE A 37 -3.54 0.77 -0.09
N ARG A 38 -2.70 -0.15 0.37
CA ARG A 38 -1.88 -0.94 -0.53
C ARG A 38 -2.75 -1.94 -1.30
N VAL A 39 -3.65 -2.57 -0.56
CA VAL A 39 -4.54 -3.55 -1.16
C VAL A 39 -5.36 -2.88 -2.27
N LEU A 40 -5.61 -1.59 -2.07
CA LEU A 40 -6.37 -0.81 -3.04
C LEU A 40 -5.50 -0.54 -4.26
N CYS A 41 -4.27 -0.13 -4.00
CA CYS A 41 -3.34 0.16 -5.08
C CYS A 41 -2.91 -1.16 -5.72
N GLU A 42 -3.13 -2.23 -4.98
CA GLU A 42 -2.77 -3.56 -5.46
C GLU A 42 -3.88 -4.12 -6.35
N LEU A 43 -5.03 -3.48 -6.27
CA LEU A 43 -6.18 -3.90 -7.05
C LEU A 43 -6.22 -3.11 -8.37
N GLU A 44 -5.90 -1.83 -8.25
CA GLU A 44 -5.90 -0.96 -9.42
C GLU A 44 -4.68 -1.25 -10.30
N SER A 45 -3.51 -0.94 -9.75
CA SER A 45 -2.27 -1.17 -10.47
C SER A 45 -2.00 -2.67 -10.59
N GLY A 46 -2.16 -3.36 -9.47
CA GLY A 46 -1.95 -4.80 -9.44
C GLY A 46 -0.75 -5.15 -8.55
N VAL A 47 0.16 -4.18 -8.42
CA VAL A 47 1.34 -4.37 -7.61
C VAL A 47 0.96 -5.04 -6.29
N PRO A 48 1.84 -5.96 -5.83
CA PRO A 48 1.60 -6.67 -4.58
C PRO A 48 1.87 -5.76 -3.37
N ALA A 49 0.80 -5.48 -2.63
CA ALA A 49 0.90 -4.63 -1.45
C ALA A 49 2.22 -4.94 -0.73
N GLU A 50 2.63 -6.20 -0.84
CA GLU A 50 3.87 -6.64 -0.20
C GLU A 50 5.07 -5.88 -0.79
N GLU A 51 5.17 -5.93 -2.10
CA GLU A 51 6.26 -5.26 -2.79
C GLU A 51 5.91 -3.79 -3.03
N ALA A 52 4.61 -3.52 -3.04
CA ALA A 52 4.14 -2.16 -3.25
C ALA A 52 4.67 -1.26 -2.13
N GLN A 53 5.23 -0.13 -2.53
CA GLN A 53 5.77 0.82 -1.58
C GLN A 53 4.98 2.13 -1.63
N ILE A 54 5.09 2.90 -0.55
CA ILE A 54 4.40 4.18 -0.46
C ILE A 54 5.35 5.22 0.09
N VAL A 55 5.65 6.20 -0.74
CA VAL A 55 6.55 7.29 -0.35
C VAL A 55 5.75 8.58 -0.21
N TYR A 56 6.06 9.32 0.84
CA TYR A 56 5.39 10.58 1.11
C TYR A 56 6.40 11.69 1.39
N MET A 57 6.18 12.83 0.74
CA MET A 57 7.06 13.97 0.91
C MET A 57 8.48 13.66 0.42
N GLU A 58 9.16 12.81 1.18
CA GLU A 58 10.51 12.43 0.84
C GLU A 58 10.99 11.29 1.74
N GLN A 59 10.06 10.43 2.10
CA GLN A 59 10.36 9.30 2.96
C GLN A 59 9.81 8.00 2.37
N LEU A 60 10.17 6.90 3.00
CA LEU A 60 9.73 5.59 2.55
C LEU A 60 8.95 4.90 3.67
N LEU A 61 7.64 5.12 3.67
CA LEU A 61 6.79 4.53 4.68
C LEU A 61 6.90 3.00 4.60
N THR A 62 7.33 2.41 5.71
CA THR A 62 7.48 0.96 5.77
C THR A 62 6.54 0.37 6.83
N ASP A 63 5.94 1.26 7.60
CA ASP A 63 5.02 0.86 8.64
C ASP A 63 3.61 0.73 8.06
N ASP A 64 3.20 -0.52 7.85
CA ASP A 64 1.89 -0.79 7.29
C ASP A 64 0.82 -0.58 8.37
N HIS A 65 1.13 -1.08 9.56
CA HIS A 65 0.21 -0.96 10.68
C HIS A 65 -0.24 0.50 10.81
N CYS A 66 0.64 1.40 10.39
CA CYS A 66 0.34 2.82 10.44
C CYS A 66 -0.79 3.12 9.46
N SER A 67 -1.57 4.13 9.79
CA SER A 67 -2.68 4.53 8.95
C SER A 67 -2.26 5.68 8.04
N LEU A 68 -3.25 6.25 7.35
CA LEU A 68 -2.99 7.36 6.45
C LEU A 68 -3.15 8.67 7.20
N GLY A 69 -4.21 8.75 7.98
CA GLY A 69 -4.49 9.95 8.76
C GLY A 69 -3.42 10.15 9.84
N SER A 70 -2.62 9.12 10.04
CA SER A 70 -1.57 9.18 11.04
C SER A 70 -0.31 9.79 10.43
N TYR A 71 0.01 9.34 9.22
CA TYR A 71 1.18 9.85 8.52
C TYR A 71 1.03 11.33 8.20
N GLY A 72 -0.21 11.74 7.96
CA GLY A 72 -0.49 13.12 7.63
C GLY A 72 -1.00 13.27 6.20
N LEU A 73 -1.77 12.27 5.77
CA LEU A 73 -2.31 12.28 4.43
C LEU A 73 -3.67 12.96 4.44
N LYS A 74 -3.85 13.87 3.49
CA LYS A 74 -5.10 14.61 3.38
C LYS A 74 -5.62 14.51 1.95
N ASP A 75 -6.88 14.91 1.77
CA ASP A 75 -7.50 14.87 0.46
C ASP A 75 -6.76 15.83 -0.48
N GLY A 76 -6.19 15.27 -1.52
CA GLY A 76 -5.46 16.06 -2.49
C GLY A 76 -3.95 15.83 -2.36
N ASP A 77 -3.59 14.67 -1.83
CA ASP A 77 -2.20 14.32 -1.64
C ASP A 77 -1.74 13.41 -2.79
N MET A 78 -0.44 13.17 -2.82
CA MET A 78 0.13 12.31 -3.85
C MET A 78 1.24 11.43 -3.28
N VAL A 79 1.17 10.15 -3.61
CA VAL A 79 2.16 9.20 -3.14
C VAL A 79 2.75 8.45 -4.34
N VAL A 80 3.97 7.96 -4.13
CA VAL A 80 4.66 7.23 -5.19
C VAL A 80 4.63 5.74 -4.87
N LEU A 81 4.39 4.94 -5.90
CA LEU A 81 4.32 3.50 -5.74
C LEU A 81 5.59 2.88 -6.32
N LEU A 82 6.02 1.78 -5.70
CA LEU A 82 7.21 1.09 -6.14
C LEU A 82 7.05 -0.41 -5.87
N GLN A 83 7.13 -1.19 -6.94
CA GLN A 83 7.00 -2.63 -6.83
C GLN A 83 8.38 -3.28 -6.63
N LYS A 84 8.62 -3.70 -5.40
CA LYS A 84 9.88 -4.33 -5.06
C LYS A 84 9.98 -5.68 -5.78
N ASP A 85 11.15 -6.30 -5.65
CA ASP A 85 11.38 -7.58 -6.28
C ASP A 85 11.70 -8.62 -5.20
N ASN A 86 11.04 -9.76 -5.30
CA ASN A 86 11.25 -10.84 -4.35
C ASN A 86 12.00 -11.98 -5.02
N VAL A 87 12.08 -11.89 -6.35
CA VAL A 87 12.77 -12.92 -7.12
C VAL A 87 12.43 -14.29 -6.55
N GLY A 88 11.15 -14.61 -6.59
CA GLY A 88 10.69 -15.90 -6.09
C GLY A 88 9.43 -15.73 -5.23
N LEU A 89 8.35 -16.34 -5.68
CA LEU A 89 7.09 -16.26 -4.96
C LEU A 89 6.82 -17.60 -4.26
N ARG A 90 7.54 -18.61 -4.72
CA ARG A 90 7.39 -19.95 -4.15
C ARG A 90 5.92 -20.23 -3.83
N THR A 91 5.08 -20.04 -4.84
CA THR A 91 3.66 -20.26 -4.67
C THR A 91 3.08 -19.31 -3.62
N PRO A 92 1.80 -18.91 -3.85
CA PRO A 92 1.13 -18.01 -2.91
C PRO A 92 0.71 -18.75 -1.65
N GLY A 93 -0.11 -19.77 -1.84
CA GLY A 93 -0.61 -20.56 -0.72
C GLY A 93 -1.95 -20.03 -0.22
N ARG A 94 -2.78 -20.96 0.24
CA ARG A 94 -4.09 -20.61 0.75
C ARG A 94 -4.73 -21.80 1.46
N THR A 95 -5.71 -21.50 2.29
CA THR A 95 -6.41 -22.53 3.03
C THR A 95 -5.42 -23.36 3.86
N PRO A 96 -4.95 -22.73 4.97
CA PRO A 96 -4.00 -23.39 5.85
C PRO A 96 -4.69 -24.46 6.70
N SER A 97 -5.80 -24.06 7.30
CA SER A 97 -6.57 -24.97 8.14
C SER A 97 -8.05 -24.85 7.82
N GLY A 98 -8.80 -25.89 8.19
CA GLY A 98 -10.24 -25.92 7.95
C GLY A 98 -11.01 -26.09 9.26
N PRO A 99 -12.33 -25.80 9.18
CA PRO A 99 -13.19 -25.93 10.35
C PRO A 99 -13.49 -27.40 10.66
N SER A 100 -14.11 -27.61 11.80
CA SER A 100 -14.47 -28.96 12.22
C SER A 100 -15.80 -28.94 12.97
N SER A 101 -15.90 -28.01 13.90
CA SER A 101 -17.12 -27.87 14.71
C SER A 101 -16.90 -26.84 15.80
N GLY A 102 -18.00 -26.47 16.46
CA GLY A 102 -17.95 -25.50 17.53
C GLY A 102 -19.32 -24.84 17.74
N GLY A 1 -21.28 2.73 0.32
CA GLY A 1 -21.25 3.44 1.58
C GLY A 1 -21.29 4.96 1.35
N SER A 2 -20.11 5.51 1.07
CA SER A 2 -20.00 6.94 0.83
C SER A 2 -20.12 7.71 2.15
N SER A 3 -21.26 7.52 2.81
CA SER A 3 -21.51 8.18 4.07
C SER A 3 -21.22 9.68 3.94
N GLY A 4 -22.17 10.38 3.34
CA GLY A 4 -22.04 11.81 3.14
C GLY A 4 -20.63 12.17 2.67
N SER A 5 -20.28 11.63 1.50
CA SER A 5 -18.97 11.89 0.94
C SER A 5 -17.90 11.90 2.03
N SER A 6 -17.37 10.71 2.31
CA SER A 6 -16.35 10.57 3.33
C SER A 6 -15.13 9.83 2.76
N GLY A 7 -14.04 10.57 2.63
CA GLY A 7 -12.82 9.99 2.10
C GLY A 7 -11.93 11.08 1.48
N MET A 8 -10.63 10.81 1.47
CA MET A 8 -9.68 11.75 0.91
C MET A 8 -9.05 11.20 -0.38
N LEU A 9 -8.79 12.11 -1.30
CA LEU A 9 -8.20 11.73 -2.57
C LEU A 9 -6.73 11.38 -2.36
N ILE A 10 -6.36 10.21 -2.89
CA ILE A 10 -4.99 9.75 -2.77
C ILE A 10 -4.48 9.31 -4.14
N THR A 11 -3.55 10.08 -4.67
CA THR A 11 -2.97 9.79 -5.97
C THR A 11 -1.75 8.89 -5.82
N VAL A 12 -1.70 7.87 -6.65
CA VAL A 12 -0.60 6.93 -6.63
C VAL A 12 0.18 7.02 -7.95
N TYR A 13 1.46 7.35 -7.83
CA TYR A 13 2.31 7.46 -9.00
C TYR A 13 3.31 6.31 -9.07
N CYS A 14 2.92 5.29 -9.83
CA CYS A 14 3.77 4.11 -9.99
C CYS A 14 4.94 4.50 -10.88
N VAL A 15 6.06 3.81 -10.67
CA VAL A 15 7.26 4.07 -11.45
C VAL A 15 7.52 2.88 -12.37
N ARG A 16 8.72 2.32 -12.25
CA ARG A 16 9.11 1.18 -13.06
C ARG A 16 7.91 0.25 -13.28
N ARG A 17 7.57 -0.46 -12.22
CA ARG A 17 6.45 -1.40 -12.27
C ARG A 17 6.63 -2.37 -13.44
N ASP A 18 7.87 -2.48 -13.89
CA ASP A 18 8.18 -3.37 -14.99
C ASP A 18 7.85 -2.68 -16.32
N LEU A 19 8.09 -1.37 -16.35
CA LEU A 19 7.82 -0.60 -17.54
C LEU A 19 6.31 -0.33 -17.64
N THR A 20 5.87 0.68 -16.91
CA THR A 20 4.46 1.03 -16.91
C THR A 20 4.27 2.44 -16.34
N GLU A 21 4.74 2.62 -15.11
CA GLU A 21 4.64 3.92 -14.45
C GLU A 21 3.21 4.46 -14.59
N VAL A 22 2.27 3.71 -14.06
CA VAL A 22 0.87 4.11 -14.12
C VAL A 22 0.57 5.09 -12.98
N THR A 23 -0.47 5.88 -13.18
CA THR A 23 -0.88 6.85 -12.18
C THR A 23 -2.40 6.90 -12.07
N PHE A 24 -2.88 6.49 -10.90
CA PHE A 24 -4.31 6.48 -10.65
C PHE A 24 -4.63 7.09 -9.29
N SER A 25 -5.85 7.58 -9.15
CA SER A 25 -6.29 8.18 -7.91
C SER A 25 -7.09 7.16 -7.09
N LEU A 26 -7.11 7.40 -5.79
CA LEU A 26 -7.82 6.51 -4.88
C LEU A 26 -8.49 7.34 -3.78
N GLN A 27 -9.72 6.97 -3.48
CA GLN A 27 -10.48 7.67 -2.45
C GLN A 27 -10.71 6.76 -1.25
N VAL A 28 -9.98 7.04 -0.18
CA VAL A 28 -10.09 6.25 1.04
C VAL A 28 -10.12 7.19 2.25
N ASN A 29 -10.71 6.69 3.33
CA ASN A 29 -10.81 7.48 4.55
C ASN A 29 -9.41 7.61 5.17
N PRO A 30 -9.26 8.66 6.03
CA PRO A 30 -8.00 8.90 6.70
C PRO A 30 -7.76 7.90 7.83
N ASP A 31 -8.80 7.13 8.12
CA ASP A 31 -8.72 6.13 9.16
C ASP A 31 -8.34 4.78 8.56
N PHE A 32 -7.75 4.85 7.38
CA PHE A 32 -7.33 3.65 6.68
C PHE A 32 -5.89 3.28 7.03
N GLU A 33 -5.59 1.99 6.92
CA GLU A 33 -4.27 1.49 7.23
C GLU A 33 -3.42 1.43 5.95
N LEU A 34 -2.16 1.80 6.10
CA LEU A 34 -1.24 1.77 4.97
C LEU A 34 -1.45 0.49 4.17
N SER A 35 -1.49 -0.62 4.90
CA SER A 35 -1.69 -1.91 4.27
C SER A 35 -2.99 -1.92 3.47
N ASN A 36 -4.01 -1.31 4.05
CA ASN A 36 -5.31 -1.24 3.39
C ASN A 36 -5.17 -0.43 2.09
N PHE A 37 -4.38 0.64 2.18
CA PHE A 37 -4.16 1.48 1.02
C PHE A 37 -3.38 0.75 -0.07
N ARG A 38 -2.56 -0.19 0.37
CA ARG A 38 -1.75 -0.97 -0.55
C ARG A 38 -2.64 -1.92 -1.36
N VAL A 39 -3.46 -2.67 -0.63
CA VAL A 39 -4.37 -3.61 -1.28
C VAL A 39 -5.14 -2.92 -2.39
N LEU A 40 -5.38 -1.63 -2.18
CA LEU A 40 -6.10 -0.83 -3.16
C LEU A 40 -5.20 -0.58 -4.36
N CYS A 41 -3.99 -0.14 -4.08
CA CYS A 41 -3.03 0.14 -5.13
C CYS A 41 -2.62 -1.19 -5.78
N GLU A 42 -2.99 -2.27 -5.11
CA GLU A 42 -2.67 -3.60 -5.61
C GLU A 42 -3.82 -4.14 -6.46
N LEU A 43 -4.98 -3.53 -6.28
CA LEU A 43 -6.15 -3.94 -7.04
C LEU A 43 -6.27 -3.08 -8.30
N GLU A 44 -5.87 -1.82 -8.16
CA GLU A 44 -5.92 -0.89 -9.27
C GLU A 44 -4.73 -1.13 -10.22
N SER A 45 -3.55 -0.98 -9.67
CA SER A 45 -2.33 -1.18 -10.43
C SER A 45 -2.08 -2.67 -10.65
N GLY A 46 -2.16 -3.42 -9.56
CA GLY A 46 -1.95 -4.85 -9.63
C GLY A 46 -0.75 -5.27 -8.77
N VAL A 47 0.18 -4.34 -8.62
CA VAL A 47 1.37 -4.59 -7.83
C VAL A 47 0.96 -5.20 -6.48
N PRO A 48 1.82 -6.13 -5.99
CA PRO A 48 1.56 -6.79 -4.72
C PRO A 48 1.85 -5.85 -3.55
N ALA A 49 0.80 -5.52 -2.83
CA ALA A 49 0.94 -4.64 -1.67
C ALA A 49 2.23 -4.98 -0.93
N GLU A 50 2.58 -6.26 -0.95
CA GLU A 50 3.78 -6.71 -0.28
C GLU A 50 5.01 -6.02 -0.88
N GLU A 51 5.13 -6.11 -2.19
CA GLU A 51 6.25 -5.50 -2.89
C GLU A 51 5.98 -4.01 -3.13
N ALA A 52 4.71 -3.70 -3.29
CA ALA A 52 4.30 -2.33 -3.53
C ALA A 52 4.63 -1.48 -2.30
N GLN A 53 5.37 -0.41 -2.54
CA GLN A 53 5.76 0.49 -1.46
C GLN A 53 5.10 1.85 -1.64
N ILE A 54 5.13 2.62 -0.56
CA ILE A 54 4.53 3.96 -0.59
C ILE A 54 5.49 4.95 0.08
N VAL A 55 5.68 6.08 -0.58
CA VAL A 55 6.56 7.11 -0.07
C VAL A 55 5.75 8.38 0.18
N TYR A 56 6.12 9.08 1.25
CA TYR A 56 5.44 10.31 1.62
C TYR A 56 6.38 11.24 2.37
N MET A 57 6.21 12.54 2.10
CA MET A 57 7.04 13.55 2.74
C MET A 57 8.45 13.55 2.15
N GLU A 58 9.07 12.39 2.20
CA GLU A 58 10.43 12.24 1.68
C GLU A 58 10.98 10.86 2.03
N GLN A 59 10.55 10.34 3.18
CA GLN A 59 10.99 9.04 3.64
C GLN A 59 10.09 7.94 3.06
N LEU A 60 10.56 6.71 3.20
CA LEU A 60 9.82 5.57 2.69
C LEU A 60 9.03 4.93 3.84
N LEU A 61 7.72 4.91 3.67
CA LEU A 61 6.84 4.33 4.68
C LEU A 61 7.04 2.82 4.71
N THR A 62 7.35 2.31 5.90
CA THR A 62 7.55 0.88 6.07
C THR A 62 6.44 0.28 6.93
N ASP A 63 6.11 0.99 7.99
CA ASP A 63 5.06 0.54 8.91
C ASP A 63 3.73 0.47 8.15
N ASP A 64 3.23 -0.75 8.01
CA ASP A 64 1.98 -0.97 7.32
C ASP A 64 0.82 -0.64 8.27
N HIS A 65 0.86 -1.26 9.44
CA HIS A 65 -0.18 -1.06 10.43
C HIS A 65 -0.45 0.44 10.59
N CYS A 66 0.56 1.23 10.24
CA CYS A 66 0.44 2.68 10.34
C CYS A 66 -0.77 3.12 9.53
N SER A 67 -1.39 4.20 9.98
CA SER A 67 -2.57 4.72 9.31
C SER A 67 -2.14 5.75 8.24
N LEU A 68 -3.11 6.13 7.42
CA LEU A 68 -2.85 7.10 6.36
C LEU A 68 -2.93 8.51 6.94
N GLY A 69 -4.15 8.89 7.32
CA GLY A 69 -4.37 10.20 7.89
C GLY A 69 -3.33 10.54 8.95
N SER A 70 -2.92 9.52 9.68
CA SER A 70 -1.92 9.68 10.73
C SER A 70 -0.62 10.19 10.12
N TYR A 71 -0.08 9.39 9.20
CA TYR A 71 1.16 9.75 8.55
C TYR A 71 1.17 11.23 8.13
N GLY A 72 -0.02 11.72 7.81
CA GLY A 72 -0.16 13.11 7.41
C GLY A 72 -0.87 13.21 6.05
N LEU A 73 -1.21 12.05 5.50
CA LEU A 73 -1.88 12.00 4.23
C LEU A 73 -3.19 12.80 4.31
N LYS A 74 -3.45 13.57 3.26
CA LYS A 74 -4.66 14.38 3.22
C LYS A 74 -5.29 14.26 1.82
N ASP A 75 -6.46 14.85 1.68
CA ASP A 75 -7.16 14.83 0.42
C ASP A 75 -6.47 15.78 -0.57
N GLY A 76 -6.19 15.24 -1.75
CA GLY A 76 -5.53 16.02 -2.78
C GLY A 76 -4.01 15.86 -2.70
N ASP A 77 -3.59 14.73 -2.16
CA ASP A 77 -2.17 14.44 -2.02
C ASP A 77 -1.74 13.48 -3.14
N MET A 78 -0.45 13.16 -3.14
CA MET A 78 0.09 12.27 -4.14
C MET A 78 1.24 11.43 -3.57
N VAL A 79 1.11 10.12 -3.71
CA VAL A 79 2.13 9.22 -3.20
C VAL A 79 2.79 8.51 -4.38
N VAL A 80 3.97 7.96 -4.11
CA VAL A 80 4.73 7.26 -5.13
C VAL A 80 4.75 5.77 -4.81
N LEU A 81 4.74 4.97 -5.86
CA LEU A 81 4.75 3.52 -5.72
C LEU A 81 6.14 2.99 -6.08
N LEU A 82 6.43 1.79 -5.59
CA LEU A 82 7.71 1.16 -5.85
C LEU A 82 7.53 -0.36 -5.88
N GLN A 83 7.51 -0.89 -7.09
CA GLN A 83 7.34 -2.32 -7.27
C GLN A 83 8.68 -3.05 -7.07
N LYS A 84 8.79 -3.72 -5.93
CA LYS A 84 9.99 -4.44 -5.60
C LYS A 84 10.01 -5.76 -6.38
N ASP A 85 11.18 -6.41 -6.35
CA ASP A 85 11.34 -7.67 -7.05
C ASP A 85 10.16 -8.58 -6.73
N ASN A 86 9.94 -9.56 -7.61
CA ASN A 86 8.85 -10.49 -7.43
C ASN A 86 9.41 -11.85 -6.99
N VAL A 87 10.58 -11.80 -6.38
CA VAL A 87 11.24 -13.00 -5.90
C VAL A 87 12.43 -12.63 -5.03
N GLY A 88 12.48 -13.21 -3.85
CA GLY A 88 13.56 -12.95 -2.91
C GLY A 88 13.23 -13.48 -1.52
N LEU A 89 13.48 -14.76 -1.34
CA LEU A 89 13.22 -15.41 -0.07
C LEU A 89 14.31 -16.43 0.22
N ARG A 90 15.15 -16.11 1.20
CA ARG A 90 16.24 -16.99 1.57
C ARG A 90 16.00 -17.55 2.97
N THR A 91 15.93 -18.87 3.05
CA THR A 91 15.71 -19.54 4.32
C THR A 91 16.53 -20.83 4.38
N PRO A 92 16.78 -21.28 5.64
CA PRO A 92 17.55 -22.49 5.86
C PRO A 92 16.72 -23.74 5.55
N GLY A 93 16.26 -23.80 4.31
CA GLY A 93 15.45 -24.93 3.86
C GLY A 93 14.26 -25.14 4.80
N ARG A 94 13.32 -24.20 4.74
CA ARG A 94 12.14 -24.27 5.57
C ARG A 94 12.51 -24.11 7.04
N THR A 95 11.48 -23.84 7.85
CA THR A 95 11.70 -23.66 9.28
C THR A 95 10.76 -24.58 10.07
N PRO A 96 11.18 -25.88 10.17
CA PRO A 96 10.40 -26.86 10.89
C PRO A 96 10.54 -26.67 12.41
N SER A 97 9.39 -26.70 13.08
CA SER A 97 9.36 -26.53 14.52
C SER A 97 9.59 -27.87 15.21
N GLY A 98 10.45 -27.85 16.22
CA GLY A 98 10.77 -29.06 16.96
C GLY A 98 10.47 -28.86 18.45
N PRO A 99 10.25 -30.01 19.14
CA PRO A 99 9.96 -29.99 20.56
C PRO A 99 11.22 -29.71 21.38
N SER A 100 11.00 -29.37 22.64
CA SER A 100 12.12 -29.07 23.54
C SER A 100 11.80 -29.57 24.95
N SER A 101 12.85 -29.69 25.74
CA SER A 101 12.70 -30.16 27.10
C SER A 101 12.12 -31.58 27.12
N GLY A 102 12.19 -32.20 28.29
CA GLY A 102 11.67 -33.54 28.45
C GLY A 102 12.79 -34.51 28.83
N GLY A 1 -19.46 4.66 2.58
CA GLY A 1 -19.76 5.82 3.40
C GLY A 1 -21.12 5.68 4.08
N SER A 2 -21.12 4.97 5.19
CA SER A 2 -22.35 4.75 5.94
C SER A 2 -23.03 6.09 6.25
N SER A 3 -22.28 6.95 6.92
CA SER A 3 -22.79 8.26 7.28
C SER A 3 -21.72 9.06 8.02
N GLY A 4 -21.31 10.15 7.39
CA GLY A 4 -20.29 11.01 7.98
C GLY A 4 -18.92 10.31 7.98
N SER A 5 -18.23 10.45 6.87
CA SER A 5 -16.91 9.85 6.73
C SER A 5 -15.95 10.82 6.06
N SER A 6 -16.29 11.19 4.83
CA SER A 6 -15.48 12.12 4.07
C SER A 6 -14.11 11.49 3.77
N GLY A 7 -14.01 10.93 2.56
CA GLY A 7 -12.77 10.29 2.14
C GLY A 7 -11.77 11.33 1.62
N MET A 8 -10.59 10.84 1.27
CA MET A 8 -9.55 11.71 0.76
C MET A 8 -8.97 11.15 -0.55
N LEU A 9 -8.61 12.07 -1.44
CA LEU A 9 -8.05 11.69 -2.72
C LEU A 9 -6.55 11.40 -2.55
N ILE A 10 -6.18 10.18 -2.88
CA ILE A 10 -4.79 9.76 -2.78
C ILE A 10 -4.26 9.42 -4.17
N THR A 11 -3.36 10.26 -4.65
CA THR A 11 -2.76 10.05 -5.96
C THR A 11 -1.58 9.10 -5.85
N VAL A 12 -1.61 8.07 -6.69
CA VAL A 12 -0.55 7.08 -6.70
C VAL A 12 0.29 7.26 -7.96
N TYR A 13 1.54 6.80 -7.88
CA TYR A 13 2.45 6.91 -9.01
C TYR A 13 3.39 5.70 -9.06
N CYS A 14 3.03 4.75 -9.90
CA CYS A 14 3.84 3.55 -10.06
C CYS A 14 5.13 3.93 -10.79
N VAL A 15 6.17 3.15 -10.51
CA VAL A 15 7.46 3.39 -11.13
C VAL A 15 7.98 2.09 -11.75
N ARG A 16 8.84 1.42 -11.02
CA ARG A 16 9.42 0.17 -11.49
C ARG A 16 8.37 -0.64 -12.24
N ARG A 17 7.61 -1.43 -11.48
CA ARG A 17 6.57 -2.25 -12.08
C ARG A 17 7.11 -2.99 -13.31
N ASP A 18 8.42 -3.21 -13.30
CA ASP A 18 9.07 -3.91 -14.40
C ASP A 18 9.30 -2.92 -15.54
N LEU A 19 8.19 -2.48 -16.14
CA LEU A 19 8.26 -1.54 -17.24
C LEU A 19 6.85 -1.18 -17.69
N THR A 20 6.36 -0.07 -17.17
CA THR A 20 5.02 0.40 -17.52
C THR A 20 4.75 1.77 -16.90
N GLU A 21 4.87 1.83 -15.59
CA GLU A 21 4.64 3.07 -14.87
C GLU A 21 3.25 3.61 -15.16
N VAL A 22 2.38 3.47 -14.17
CA VAL A 22 1.01 3.94 -14.31
C VAL A 22 0.69 4.93 -13.18
N THR A 23 -0.09 5.94 -13.52
CA THR A 23 -0.47 6.95 -12.56
C THR A 23 -1.98 6.96 -12.36
N PHE A 24 -2.39 6.74 -11.12
CA PHE A 24 -3.80 6.72 -10.78
C PHE A 24 -4.04 7.25 -9.37
N SER A 25 -5.30 7.50 -9.07
CA SER A 25 -5.68 8.01 -7.76
C SER A 25 -6.57 6.99 -7.04
N LEU A 26 -6.77 7.23 -5.74
CA LEU A 26 -7.59 6.35 -4.94
C LEU A 26 -8.28 7.16 -3.84
N GLN A 27 -9.48 6.73 -3.50
CA GLN A 27 -10.25 7.41 -2.47
C GLN A 27 -10.34 6.55 -1.21
N VAL A 28 -9.59 6.96 -0.21
CA VAL A 28 -9.56 6.23 1.06
C VAL A 28 -9.88 7.20 2.20
N ASN A 29 -9.77 6.68 3.42
CA ASN A 29 -10.04 7.49 4.60
C ASN A 29 -8.74 7.68 5.38
N PRO A 30 -8.76 8.68 6.30
CA PRO A 30 -7.60 8.98 7.12
C PRO A 30 -7.43 7.93 8.22
N ASP A 31 -8.51 7.21 8.48
CA ASP A 31 -8.49 6.19 9.51
C ASP A 31 -8.31 4.82 8.86
N PHE A 32 -7.85 4.85 7.61
CA PHE A 32 -7.62 3.63 6.86
C PHE A 32 -6.16 3.20 6.93
N GLU A 33 -5.95 2.00 7.45
CA GLU A 33 -4.61 1.47 7.58
C GLU A 33 -3.86 1.59 6.24
N LEU A 34 -2.54 1.59 6.34
CA LEU A 34 -1.69 1.70 5.16
C LEU A 34 -1.87 0.45 4.30
N SER A 35 -1.93 -0.69 4.97
CA SER A 35 -2.10 -1.96 4.28
C SER A 35 -3.38 -1.94 3.45
N ASN A 36 -4.37 -1.23 3.97
CA ASN A 36 -5.65 -1.12 3.29
C ASN A 36 -5.48 -0.33 2.00
N PHE A 37 -4.64 0.69 2.08
CA PHE A 37 -4.38 1.53 0.92
C PHE A 37 -3.58 0.77 -0.14
N ARG A 38 -2.78 -0.17 0.33
CA ARG A 38 -1.97 -0.97 -0.56
C ARG A 38 -2.84 -1.96 -1.34
N VAL A 39 -3.52 -2.81 -0.58
CA VAL A 39 -4.40 -3.80 -1.17
C VAL A 39 -5.23 -3.15 -2.28
N LEU A 40 -5.51 -1.88 -2.09
CA LEU A 40 -6.30 -1.13 -3.05
C LEU A 40 -5.44 -0.84 -4.29
N CYS A 41 -4.28 -0.23 -4.03
CA CYS A 41 -3.36 0.11 -5.11
C CYS A 41 -2.89 -1.20 -5.75
N GLU A 42 -3.13 -2.29 -5.06
CA GLU A 42 -2.74 -3.60 -5.56
C GLU A 42 -3.81 -4.15 -6.51
N LEU A 43 -5.00 -3.59 -6.39
CA LEU A 43 -6.10 -4.02 -7.23
C LEU A 43 -6.19 -3.11 -8.46
N GLU A 44 -5.58 -1.94 -8.33
CA GLU A 44 -5.58 -0.97 -9.41
C GLU A 44 -4.42 -1.25 -10.37
N SER A 45 -3.21 -1.05 -9.85
CA SER A 45 -2.01 -1.28 -10.64
C SER A 45 -1.72 -2.78 -10.74
N GLY A 46 -1.89 -3.46 -9.61
CA GLY A 46 -1.65 -4.89 -9.56
C GLY A 46 -0.48 -5.22 -8.63
N VAL A 47 0.35 -4.22 -8.40
CA VAL A 47 1.51 -4.38 -7.54
C VAL A 47 1.08 -5.07 -6.24
N PRO A 48 1.96 -5.98 -5.75
CA PRO A 48 1.67 -6.71 -4.52
C PRO A 48 1.87 -5.82 -3.30
N ALA A 49 0.76 -5.58 -2.61
CA ALA A 49 0.79 -4.75 -1.42
C ALA A 49 2.07 -5.04 -0.63
N GLU A 50 2.52 -6.28 -0.73
CA GLU A 50 3.72 -6.70 -0.03
C GLU A 50 4.93 -5.91 -0.55
N GLU A 51 5.10 -5.95 -1.86
CA GLU A 51 6.21 -5.24 -2.49
C GLU A 51 5.85 -3.77 -2.69
N ALA A 52 4.57 -3.53 -2.90
CA ALA A 52 4.08 -2.17 -3.11
C ALA A 52 4.50 -1.29 -1.93
N GLN A 53 5.10 -0.17 -2.26
CA GLN A 53 5.56 0.77 -1.23
C GLN A 53 4.82 2.11 -1.39
N ILE A 54 4.86 2.88 -0.31
CA ILE A 54 4.21 4.18 -0.31
C ILE A 54 5.22 5.25 0.11
N VAL A 55 5.39 6.24 -0.77
CA VAL A 55 6.31 7.32 -0.49
C VAL A 55 5.52 8.60 -0.21
N TYR A 56 5.96 9.31 0.83
CA TYR A 56 5.31 10.55 1.22
C TYR A 56 6.30 11.51 1.87
N MET A 57 6.13 12.78 1.56
CA MET A 57 7.00 13.80 2.10
C MET A 57 8.46 13.55 1.70
N GLU A 58 8.63 12.73 0.69
CA GLU A 58 9.96 12.39 0.20
C GLU A 58 10.60 11.34 1.10
N GLN A 59 9.76 10.72 1.92
CA GLN A 59 10.24 9.69 2.83
C GLN A 59 9.63 8.33 2.48
N LEU A 60 10.48 7.33 2.39
CA LEU A 60 10.04 5.99 2.06
C LEU A 60 9.34 5.38 3.28
N LEU A 61 8.01 5.39 3.22
CA LEU A 61 7.22 4.84 4.30
C LEU A 61 7.37 3.31 4.32
N THR A 62 7.83 2.82 5.46
CA THR A 62 8.03 1.38 5.62
C THR A 62 7.20 0.87 6.80
N ASP A 63 5.89 1.03 6.68
CA ASP A 63 4.98 0.59 7.72
C ASP A 63 3.60 0.35 7.11
N ASP A 64 3.04 -0.82 7.43
CA ASP A 64 1.73 -1.17 6.92
C ASP A 64 0.70 -1.08 8.07
N HIS A 65 1.19 -1.27 9.27
CA HIS A 65 0.33 -1.21 10.44
C HIS A 65 -0.09 0.23 10.70
N CYS A 66 0.69 1.15 10.14
CA CYS A 66 0.41 2.56 10.29
C CYS A 66 -0.79 2.92 9.39
N SER A 67 -1.43 4.03 9.74
CA SER A 67 -2.58 4.48 8.98
C SER A 67 -2.22 5.71 8.15
N LEU A 68 -3.11 6.07 7.24
CA LEU A 68 -2.90 7.22 6.39
C LEU A 68 -2.99 8.50 7.22
N GLY A 69 -4.12 8.65 7.90
CA GLY A 69 -4.35 9.81 8.73
C GLY A 69 -3.24 9.98 9.76
N SER A 70 -2.71 8.84 10.19
CA SER A 70 -1.62 8.85 11.17
C SER A 70 -0.39 9.53 10.58
N TYR A 71 -0.13 9.21 9.31
CA TYR A 71 1.02 9.79 8.62
C TYR A 71 0.80 11.27 8.33
N GLY A 72 -0.46 11.64 8.24
CA GLY A 72 -0.82 13.03 7.97
C GLY A 72 -1.35 13.18 6.54
N LEU A 73 -1.93 12.10 6.04
CA LEU A 73 -2.48 12.10 4.69
C LEU A 73 -3.83 12.82 4.69
N LYS A 74 -4.01 13.68 3.70
CA LYS A 74 -5.24 14.44 3.59
C LYS A 74 -5.63 14.54 2.11
N ASP A 75 -6.92 14.78 1.88
CA ASP A 75 -7.41 14.91 0.52
C ASP A 75 -6.56 15.91 -0.24
N GLY A 76 -6.11 15.48 -1.41
CA GLY A 76 -5.28 16.34 -2.25
C GLY A 76 -3.80 16.03 -2.04
N ASP A 77 -3.52 14.79 -1.68
CA ASP A 77 -2.16 14.36 -1.44
C ASP A 77 -1.65 13.59 -2.67
N MET A 78 -0.40 13.18 -2.60
CA MET A 78 0.22 12.44 -3.69
C MET A 78 1.28 11.48 -3.16
N VAL A 79 1.19 10.23 -3.62
CA VAL A 79 2.13 9.21 -3.19
C VAL A 79 2.61 8.44 -4.42
N VAL A 80 3.74 7.75 -4.25
CA VAL A 80 4.31 6.97 -5.33
C VAL A 80 4.27 5.49 -4.96
N LEU A 81 4.11 4.65 -5.97
CA LEU A 81 4.06 3.22 -5.77
C LEU A 81 5.37 2.59 -6.24
N LEU A 82 5.96 1.79 -5.36
CA LEU A 82 7.21 1.13 -5.67
C LEU A 82 7.06 -0.38 -5.48
N GLN A 83 7.24 -1.11 -6.56
CA GLN A 83 7.13 -2.56 -6.52
C GLN A 83 8.50 -3.20 -6.31
N LYS A 84 8.74 -3.63 -5.08
CA LYS A 84 10.00 -4.26 -4.74
C LYS A 84 10.08 -5.63 -5.40
N ASP A 85 11.19 -6.32 -5.15
CA ASP A 85 11.39 -7.64 -5.71
C ASP A 85 10.28 -8.57 -5.24
N ASN A 86 9.89 -9.48 -6.12
CA ASN A 86 8.83 -10.43 -5.80
C ASN A 86 9.46 -11.81 -5.55
N VAL A 87 10.77 -11.87 -5.76
CA VAL A 87 11.49 -13.12 -5.56
C VAL A 87 12.04 -13.16 -4.13
N GLY A 88 11.12 -13.28 -3.18
CA GLY A 88 11.50 -13.33 -1.77
C GLY A 88 10.28 -13.57 -0.89
N LEU A 89 9.97 -14.85 -0.71
CA LEU A 89 8.82 -15.23 0.11
C LEU A 89 9.15 -16.53 0.85
N ARG A 90 9.15 -16.45 2.16
CA ARG A 90 9.43 -17.60 3.00
C ARG A 90 8.51 -17.63 4.21
N THR A 91 8.44 -18.80 4.84
CA THR A 91 7.60 -18.97 6.01
C THR A 91 8.36 -19.71 7.11
N PRO A 92 8.01 -19.38 8.38
CA PRO A 92 8.64 -20.01 9.52
C PRO A 92 8.14 -21.45 9.71
N GLY A 93 9.04 -22.30 10.18
CA GLY A 93 8.71 -23.69 10.41
C GLY A 93 7.59 -23.83 11.44
N ARG A 94 6.86 -24.92 11.33
CA ARG A 94 5.76 -25.19 12.24
C ARG A 94 5.74 -26.67 12.65
N THR A 95 6.04 -26.89 13.91
CA THR A 95 6.07 -28.24 14.44
C THR A 95 5.18 -28.36 15.69
N PRO A 96 4.57 -29.55 15.85
CA PRO A 96 3.69 -29.80 16.99
C PRO A 96 4.50 -29.99 18.28
N SER A 97 3.82 -29.85 19.40
CA SER A 97 4.46 -30.00 20.69
C SER A 97 3.43 -30.40 21.74
N GLY A 98 3.91 -31.05 22.79
CA GLY A 98 3.05 -31.50 23.87
C GLY A 98 3.76 -32.52 24.76
N PRO A 99 4.31 -32.02 25.89
CA PRO A 99 5.02 -32.87 26.83
C PRO A 99 4.04 -33.71 27.64
N SER A 100 4.57 -34.76 28.24
CA SER A 100 3.75 -35.66 29.05
C SER A 100 4.60 -36.24 30.19
N SER A 101 3.89 -36.73 31.21
CA SER A 101 4.56 -37.32 32.36
C SER A 101 3.67 -38.40 32.98
N GLY A 102 4.31 -39.33 33.67
CA GLY A 102 3.60 -40.41 34.31
C GLY A 102 4.27 -40.81 35.62
N GLY A 1 -25.98 12.38 -8.41
CA GLY A 1 -24.56 12.09 -8.38
C GLY A 1 -24.09 11.80 -6.95
N SER A 2 -22.85 11.33 -6.84
CA SER A 2 -22.28 11.01 -5.55
C SER A 2 -21.30 12.11 -5.12
N SER A 3 -21.53 12.63 -3.92
CA SER A 3 -20.69 13.68 -3.39
C SER A 3 -19.60 13.08 -2.50
N GLY A 4 -20.04 12.36 -1.49
CA GLY A 4 -19.13 11.71 -0.56
C GLY A 4 -19.64 11.83 0.87
N SER A 5 -18.76 11.47 1.81
CA SER A 5 -19.11 11.52 3.22
C SER A 5 -17.86 11.77 4.06
N SER A 6 -16.96 10.80 4.03
CA SER A 6 -15.72 10.89 4.78
C SER A 6 -14.61 10.11 4.06
N GLY A 7 -14.06 10.74 3.02
CA GLY A 7 -13.01 10.12 2.25
C GLY A 7 -12.04 11.18 1.71
N MET A 8 -10.89 10.71 1.23
CA MET A 8 -9.89 11.59 0.68
C MET A 8 -9.28 11.01 -0.61
N LEU A 9 -8.80 11.91 -1.44
CA LEU A 9 -8.19 11.50 -2.71
C LEU A 9 -6.71 11.22 -2.49
N ILE A 10 -6.27 10.06 -2.96
CA ILE A 10 -4.88 9.67 -2.83
C ILE A 10 -4.33 9.27 -4.20
N THR A 11 -3.45 10.11 -4.72
CA THR A 11 -2.86 9.85 -6.01
C THR A 11 -1.60 8.98 -5.87
N VAL A 12 -1.52 7.98 -6.72
CA VAL A 12 -0.39 7.05 -6.69
C VAL A 12 0.46 7.26 -7.95
N TYR A 13 1.71 6.86 -7.84
CA TYR A 13 2.64 6.99 -8.96
C TYR A 13 3.57 5.78 -9.05
N CYS A 14 3.20 4.85 -9.92
CA CYS A 14 3.99 3.65 -10.11
C CYS A 14 5.20 4.00 -10.99
N VAL A 15 6.31 3.32 -10.72
CA VAL A 15 7.53 3.55 -11.47
C VAL A 15 8.04 2.21 -11.99
N ARG A 16 8.26 1.29 -11.08
CA ARG A 16 8.75 -0.03 -11.43
C ARG A 16 7.60 -0.95 -11.83
N ARG A 17 6.90 -1.44 -10.82
CA ARG A 17 5.76 -2.31 -11.04
C ARG A 17 5.94 -3.08 -12.36
N ASP A 18 7.06 -3.79 -12.44
CA ASP A 18 7.35 -4.56 -13.64
C ASP A 18 7.54 -3.62 -14.82
N LEU A 19 8.46 -2.67 -14.64
CA LEU A 19 8.73 -1.70 -15.69
C LEU A 19 7.44 -1.38 -16.45
N THR A 20 6.73 -0.39 -15.94
CA THR A 20 5.48 0.02 -16.56
C THR A 20 5.11 1.45 -16.14
N GLU A 21 5.01 1.64 -14.84
CA GLU A 21 4.68 2.95 -14.29
C GLU A 21 3.26 3.35 -14.72
N VAL A 22 2.43 3.60 -13.72
CA VAL A 22 1.05 3.98 -13.97
C VAL A 22 0.65 5.09 -12.99
N THR A 23 -0.18 5.99 -13.47
CA THR A 23 -0.66 7.10 -12.64
C THR A 23 -2.18 7.03 -12.48
N PHE A 24 -2.60 6.71 -11.27
CA PHE A 24 -4.03 6.61 -10.98
C PHE A 24 -4.33 7.14 -9.57
N SER A 25 -5.60 7.46 -9.36
CA SER A 25 -6.03 7.97 -8.07
C SER A 25 -6.81 6.89 -7.31
N LEU A 26 -6.97 7.13 -6.02
CA LEU A 26 -7.69 6.18 -5.18
C LEU A 26 -8.46 6.95 -4.09
N GLN A 27 -9.63 6.43 -3.77
CA GLN A 27 -10.46 7.06 -2.76
C GLN A 27 -10.56 6.17 -1.51
N VAL A 28 -9.85 6.58 -0.47
CA VAL A 28 -9.84 5.84 0.77
C VAL A 28 -10.08 6.80 1.94
N ASN A 29 -9.94 6.26 3.14
CA ASN A 29 -10.13 7.05 4.34
C ASN A 29 -8.77 7.38 4.96
N PRO A 30 -8.79 8.38 5.88
CA PRO A 30 -7.57 8.80 6.54
C PRO A 30 -7.14 7.78 7.60
N ASP A 31 -8.13 7.26 8.30
CA ASP A 31 -7.87 6.28 9.34
C ASP A 31 -7.48 4.95 8.71
N PHE A 32 -7.98 4.74 7.49
CA PHE A 32 -7.69 3.52 6.76
C PHE A 32 -6.21 3.16 6.87
N GLU A 33 -5.96 2.02 7.51
CA GLU A 33 -4.59 1.55 7.69
C GLU A 33 -3.81 1.71 6.40
N LEU A 34 -2.49 1.60 6.52
CA LEU A 34 -1.61 1.72 5.37
C LEU A 34 -1.75 0.47 4.50
N SER A 35 -1.60 -0.68 5.14
CA SER A 35 -1.70 -1.94 4.44
C SER A 35 -2.99 -1.98 3.61
N ASN A 36 -4.01 -1.30 4.11
CA ASN A 36 -5.28 -1.25 3.43
C ASN A 36 -5.13 -0.47 2.12
N PHE A 37 -4.47 0.67 2.23
CA PHE A 37 -4.24 1.50 1.06
C PHE A 37 -3.49 0.74 -0.03
N ARG A 38 -2.65 -0.17 0.41
CA ARG A 38 -1.85 -0.97 -0.51
C ARG A 38 -2.77 -1.92 -1.30
N VAL A 39 -3.43 -2.80 -0.56
CA VAL A 39 -4.33 -3.76 -1.17
C VAL A 39 -5.17 -3.06 -2.24
N LEU A 40 -5.46 -1.80 -1.99
CA LEU A 40 -6.25 -1.00 -2.91
C LEU A 40 -5.41 -0.71 -4.16
N CYS A 41 -4.25 -0.11 -3.93
CA CYS A 41 -3.36 0.24 -5.02
C CYS A 41 -2.99 -1.05 -5.76
N GLU A 42 -3.16 -2.17 -5.06
CA GLU A 42 -2.84 -3.46 -5.63
C GLU A 42 -4.02 -3.98 -6.47
N LEU A 43 -5.19 -3.43 -6.18
CA LEU A 43 -6.39 -3.82 -6.90
C LEU A 43 -6.52 -2.96 -8.16
N GLU A 44 -6.21 -1.68 -8.01
CA GLU A 44 -6.30 -0.76 -9.13
C GLU A 44 -5.12 -0.96 -10.07
N SER A 45 -3.93 -0.65 -9.57
CA SER A 45 -2.73 -0.80 -10.36
C SER A 45 -2.47 -2.28 -10.67
N GLY A 46 -2.52 -3.09 -9.61
CA GLY A 46 -2.30 -4.52 -9.76
C GLY A 46 -1.08 -4.97 -8.97
N VAL A 47 -0.13 -4.06 -8.82
CA VAL A 47 1.09 -4.35 -8.09
C VAL A 47 0.73 -5.00 -6.76
N PRO A 48 1.60 -5.96 -6.33
CA PRO A 48 1.39 -6.66 -5.07
C PRO A 48 1.72 -5.77 -3.88
N ALA A 49 0.71 -5.49 -3.09
CA ALA A 49 0.88 -4.66 -1.90
C ALA A 49 2.21 -5.01 -1.23
N GLU A 50 2.52 -6.30 -1.24
CA GLU A 50 3.75 -6.77 -0.64
C GLU A 50 4.96 -6.05 -1.24
N GLU A 51 4.98 -6.03 -2.57
CA GLU A 51 6.06 -5.38 -3.28
C GLU A 51 5.79 -3.88 -3.43
N ALA A 52 4.51 -3.55 -3.51
CA ALA A 52 4.10 -2.16 -3.65
C ALA A 52 4.55 -1.38 -2.41
N GLN A 53 5.25 -0.29 -2.67
CA GLN A 53 5.74 0.55 -1.59
C GLN A 53 5.06 1.92 -1.64
N ILE A 54 5.15 2.64 -0.53
CA ILE A 54 4.56 3.95 -0.42
C ILE A 54 5.55 4.91 0.24
N VAL A 55 5.61 6.12 -0.30
CA VAL A 55 6.50 7.14 0.22
C VAL A 55 5.74 8.46 0.39
N TYR A 56 6.14 9.21 1.40
CA TYR A 56 5.51 10.49 1.68
C TYR A 56 6.50 11.46 2.33
N MET A 57 6.24 12.74 2.14
CA MET A 57 7.09 13.77 2.70
C MET A 57 8.49 13.72 2.10
N GLU A 58 9.14 12.58 2.27
CA GLU A 58 10.48 12.39 1.74
C GLU A 58 11.00 11.01 2.12
N GLN A 59 10.60 10.55 3.29
CA GLN A 59 11.03 9.25 3.79
C GLN A 59 10.09 8.16 3.27
N LEU A 60 10.60 6.94 3.25
CA LEU A 60 9.82 5.81 2.79
C LEU A 60 9.04 5.21 3.97
N LEU A 61 7.73 5.11 3.78
CA LEU A 61 6.88 4.57 4.82
C LEU A 61 7.00 3.04 4.83
N THR A 62 7.43 2.52 5.95
CA THR A 62 7.59 1.07 6.10
C THR A 62 6.49 0.51 6.99
N ASP A 63 6.04 1.33 7.93
CA ASP A 63 5.00 0.91 8.85
C ASP A 63 3.69 0.74 8.08
N ASP A 64 3.10 -0.45 8.21
CA ASP A 64 1.86 -0.74 7.53
C ASP A 64 0.69 -0.56 8.51
N HIS A 65 0.93 -0.96 9.75
CA HIS A 65 -0.08 -0.85 10.79
C HIS A 65 -0.54 0.61 10.89
N CYS A 66 0.39 1.51 10.60
CA CYS A 66 0.10 2.94 10.66
C CYS A 66 -0.96 3.26 9.61
N SER A 67 -1.71 4.32 9.88
CA SER A 67 -2.76 4.74 8.97
C SER A 67 -2.24 5.82 8.03
N LEU A 68 -3.14 6.33 7.21
CA LEU A 68 -2.78 7.37 6.25
C LEU A 68 -2.85 8.73 6.95
N GLY A 69 -3.89 8.92 7.72
CA GLY A 69 -4.07 10.17 8.45
C GLY A 69 -2.86 10.49 9.32
N SER A 70 -2.51 9.53 10.16
CA SER A 70 -1.37 9.70 11.05
C SER A 70 -0.19 10.26 10.28
N TYR A 71 0.21 9.53 9.24
CA TYR A 71 1.33 9.94 8.42
C TYR A 71 1.15 11.38 7.93
N GLY A 72 -0.10 11.74 7.67
CA GLY A 72 -0.42 13.09 7.21
C GLY A 72 -0.95 13.05 5.78
N LEU A 73 -1.88 12.13 5.53
CA LEU A 73 -2.47 11.99 4.22
C LEU A 73 -3.86 12.61 4.22
N LYS A 74 -4.04 13.59 3.34
CA LYS A 74 -5.32 14.27 3.24
C LYS A 74 -5.86 14.12 1.81
N ASP A 75 -6.92 14.87 1.53
CA ASP A 75 -7.53 14.82 0.21
C ASP A 75 -6.76 15.74 -0.73
N GLY A 76 -6.42 15.19 -1.90
CA GLY A 76 -5.69 15.95 -2.90
C GLY A 76 -4.18 15.83 -2.67
N ASP A 77 -3.77 14.64 -2.26
CA ASP A 77 -2.36 14.38 -2.01
C ASP A 77 -1.81 13.48 -3.13
N MET A 78 -0.53 13.14 -2.98
CA MET A 78 0.12 12.30 -3.97
C MET A 78 1.22 11.45 -3.33
N VAL A 79 1.26 10.19 -3.72
CA VAL A 79 2.25 9.26 -3.19
C VAL A 79 2.92 8.52 -4.35
N VAL A 80 4.13 8.05 -4.09
CA VAL A 80 4.88 7.32 -5.09
C VAL A 80 4.85 5.83 -4.75
N LEU A 81 4.69 5.02 -5.80
CA LEU A 81 4.64 3.58 -5.63
C LEU A 81 5.95 2.97 -6.14
N LEU A 82 6.36 1.91 -5.46
CA LEU A 82 7.60 1.23 -5.83
C LEU A 82 7.44 -0.27 -5.58
N GLN A 83 7.72 -1.04 -6.62
CA GLN A 83 7.61 -2.50 -6.52
C GLN A 83 9.00 -3.13 -6.52
N LYS A 84 9.25 -3.96 -5.52
CA LYS A 84 10.53 -4.63 -5.40
C LYS A 84 10.44 -6.00 -6.09
N ASP A 85 11.57 -6.41 -6.65
CA ASP A 85 11.64 -7.68 -7.34
C ASP A 85 10.62 -7.70 -8.48
N ASN A 86 10.82 -8.62 -9.41
CA ASN A 86 9.93 -8.74 -10.55
C ASN A 86 9.93 -10.19 -11.02
N VAL A 87 10.31 -11.09 -10.12
CA VAL A 87 10.35 -12.51 -10.44
C VAL A 87 9.17 -13.21 -9.78
N GLY A 88 9.41 -14.43 -9.36
CA GLY A 88 8.37 -15.23 -8.72
C GLY A 88 8.96 -16.45 -8.01
N LEU A 89 8.21 -17.54 -8.07
CA LEU A 89 8.64 -18.78 -7.45
C LEU A 89 9.03 -18.51 -5.99
N ARG A 90 8.04 -18.10 -5.21
CA ARG A 90 8.26 -17.80 -3.81
C ARG A 90 7.99 -19.04 -2.96
N THR A 91 8.71 -19.14 -1.86
CA THR A 91 8.55 -20.28 -0.96
C THR A 91 8.46 -19.79 0.49
N PRO A 92 7.80 -20.62 1.33
CA PRO A 92 7.63 -20.29 2.74
C PRO A 92 8.94 -20.48 3.50
N GLY A 93 9.76 -21.41 3.02
CA GLY A 93 11.03 -21.70 3.65
C GLY A 93 11.05 -23.11 4.22
N ARG A 94 12.25 -23.55 4.58
CA ARG A 94 12.42 -24.88 5.14
C ARG A 94 13.35 -24.83 6.36
N THR A 95 13.31 -25.90 7.13
CA THR A 95 14.14 -26.00 8.33
C THR A 95 14.66 -27.42 8.51
N PRO A 96 15.91 -27.52 9.05
CA PRO A 96 16.53 -28.81 9.27
C PRO A 96 15.92 -29.51 10.48
N SER A 97 16.18 -30.80 10.58
CA SER A 97 15.66 -31.60 11.68
C SER A 97 16.78 -32.41 12.32
N GLY A 98 16.51 -32.92 13.51
CA GLY A 98 17.49 -33.70 14.23
C GLY A 98 16.83 -34.44 15.41
N PRO A 99 16.97 -35.79 15.39
CA PRO A 99 16.41 -36.62 16.43
C PRO A 99 17.23 -36.52 17.72
N SER A 100 18.54 -36.70 17.55
CA SER A 100 19.46 -36.64 18.68
C SER A 100 19.12 -37.74 19.68
N SER A 101 19.99 -37.87 20.67
CA SER A 101 19.80 -38.88 21.70
C SER A 101 20.36 -38.38 23.03
N GLY A 102 19.91 -39.03 24.10
CA GLY A 102 20.36 -38.66 25.44
C GLY A 102 19.21 -38.71 26.44
N GLY A 1 -20.00 6.12 -4.07
CA GLY A 1 -18.67 5.91 -3.52
C GLY A 1 -18.51 6.61 -2.18
N SER A 2 -18.99 5.97 -1.14
CA SER A 2 -18.90 6.51 0.20
C SER A 2 -19.50 5.55 1.21
N SER A 3 -18.90 5.53 2.40
CA SER A 3 -19.35 4.65 3.47
C SER A 3 -18.98 5.23 4.83
N GLY A 4 -17.68 5.46 4.99
CA GLY A 4 -17.18 6.00 6.24
C GLY A 4 -17.69 7.43 6.47
N SER A 5 -16.99 8.15 7.31
CA SER A 5 -17.36 9.52 7.63
C SER A 5 -16.99 10.44 6.46
N SER A 6 -15.70 10.49 6.17
CA SER A 6 -15.21 11.33 5.09
C SER A 6 -13.99 10.67 4.44
N GLY A 7 -13.92 10.78 3.12
CA GLY A 7 -12.83 10.20 2.37
C GLY A 7 -11.86 11.28 1.89
N MET A 8 -10.75 10.83 1.35
CA MET A 8 -9.73 11.75 0.85
C MET A 8 -9.10 11.22 -0.44
N LEU A 9 -8.71 12.17 -1.29
CA LEU A 9 -8.09 11.80 -2.56
C LEU A 9 -6.63 11.43 -2.33
N ILE A 10 -6.27 10.25 -2.79
CA ILE A 10 -4.91 9.76 -2.63
C ILE A 10 -4.39 9.29 -3.99
N THR A 11 -3.45 10.07 -4.54
CA THR A 11 -2.87 9.75 -5.82
C THR A 11 -1.66 8.83 -5.65
N VAL A 12 -1.48 7.94 -6.61
CA VAL A 12 -0.37 7.01 -6.57
C VAL A 12 0.46 7.14 -7.86
N TYR A 13 1.75 6.96 -7.71
CA TYR A 13 2.66 7.06 -8.84
C TYR A 13 3.56 5.82 -8.94
N CYS A 14 3.18 4.93 -9.84
CA CYS A 14 3.93 3.70 -10.04
C CYS A 14 5.23 4.05 -10.77
N VAL A 15 6.24 3.22 -10.55
CA VAL A 15 7.53 3.43 -11.17
C VAL A 15 8.01 2.11 -11.79
N ARG A 16 8.89 1.45 -11.06
CA ARG A 16 9.44 0.18 -11.51
C ARG A 16 8.35 -0.63 -12.23
N ARG A 17 7.60 -1.40 -11.44
CA ARG A 17 6.55 -2.22 -11.97
C ARG A 17 7.02 -2.94 -13.24
N ASP A 18 8.33 -3.14 -13.32
CA ASP A 18 8.92 -3.81 -14.46
C ASP A 18 8.57 -3.03 -15.73
N LEU A 19 8.63 -1.71 -15.61
CA LEU A 19 8.33 -0.84 -16.74
C LEU A 19 6.82 -0.75 -16.92
N THR A 20 6.26 0.38 -16.51
CA THR A 20 4.83 0.60 -16.62
C THR A 20 4.50 2.05 -16.30
N GLU A 21 4.89 2.47 -15.10
CA GLU A 21 4.64 3.84 -14.67
C GLU A 21 3.18 4.23 -14.95
N VAL A 22 2.35 4.06 -13.93
CA VAL A 22 0.94 4.39 -14.06
C VAL A 22 0.54 5.31 -12.91
N THR A 23 -0.28 6.30 -13.24
CA THR A 23 -0.76 7.25 -12.25
C THR A 23 -2.28 7.19 -12.13
N PHE A 24 -2.73 6.67 -11.01
CA PHE A 24 -4.17 6.56 -10.76
C PHE A 24 -4.54 7.13 -9.39
N SER A 25 -5.74 7.67 -9.32
CA SER A 25 -6.24 8.25 -8.08
C SER A 25 -7.02 7.21 -7.29
N LEU A 26 -7.11 7.44 -5.98
CA LEU A 26 -7.83 6.53 -5.11
C LEU A 26 -8.48 7.33 -3.97
N GLN A 27 -9.66 6.88 -3.58
CA GLN A 27 -10.40 7.54 -2.52
C GLN A 27 -10.52 6.62 -1.31
N VAL A 28 -9.78 6.95 -0.26
CA VAL A 28 -9.80 6.17 0.96
C VAL A 28 -10.10 7.08 2.15
N ASN A 29 -10.00 6.51 3.34
CA ASN A 29 -10.26 7.26 4.56
C ASN A 29 -8.94 7.54 5.28
N PRO A 30 -8.96 8.60 6.13
CA PRO A 30 -7.78 8.97 6.89
C PRO A 30 -7.51 7.99 8.03
N ASP A 31 -8.54 7.21 8.35
CA ASP A 31 -8.43 6.23 9.41
C ASP A 31 -8.30 4.84 8.80
N PHE A 32 -7.69 4.79 7.63
CA PHE A 32 -7.50 3.53 6.93
C PHE A 32 -6.04 3.09 6.99
N GLU A 33 -5.83 1.88 7.52
CA GLU A 33 -4.50 1.34 7.64
C GLU A 33 -3.78 1.37 6.28
N LEU A 34 -2.48 1.61 6.34
CA LEU A 34 -1.67 1.67 5.13
C LEU A 34 -1.91 0.40 4.31
N SER A 35 -1.71 -0.73 4.97
CA SER A 35 -1.89 -2.02 4.32
C SER A 35 -3.18 -2.00 3.49
N ASN A 36 -4.20 -1.37 4.05
CA ASN A 36 -5.49 -1.28 3.36
C ASN A 36 -5.32 -0.50 2.07
N PHE A 37 -4.66 0.64 2.18
CA PHE A 37 -4.42 1.50 1.03
C PHE A 37 -3.63 0.75 -0.05
N ARG A 38 -2.79 -0.16 0.40
CA ARG A 38 -1.98 -0.95 -0.50
C ARG A 38 -2.85 -1.88 -1.35
N VAL A 39 -3.58 -2.74 -0.64
CA VAL A 39 -4.47 -3.68 -1.31
C VAL A 39 -5.21 -2.96 -2.43
N LEU A 40 -5.54 -1.70 -2.19
CA LEU A 40 -6.24 -0.91 -3.18
C LEU A 40 -5.32 -0.65 -4.38
N CYS A 41 -4.15 -0.11 -4.07
CA CYS A 41 -3.18 0.19 -5.11
C CYS A 41 -2.76 -1.13 -5.77
N GLU A 42 -3.01 -2.21 -5.05
CA GLU A 42 -2.67 -3.54 -5.55
C GLU A 42 -3.75 -4.04 -6.52
N LEU A 43 -4.90 -3.38 -6.46
CA LEU A 43 -6.02 -3.74 -7.32
C LEU A 43 -5.97 -2.92 -8.60
N GLU A 44 -5.57 -1.66 -8.43
CA GLU A 44 -5.48 -0.75 -9.57
C GLU A 44 -4.19 -1.02 -10.35
N SER A 45 -3.07 -0.74 -9.70
CA SER A 45 -1.78 -0.94 -10.32
C SER A 45 -1.53 -2.43 -10.55
N GLY A 46 -1.80 -3.22 -9.51
CA GLY A 46 -1.61 -4.65 -9.57
C GLY A 46 -0.47 -5.11 -8.65
N VAL A 47 0.43 -4.18 -8.39
CA VAL A 47 1.57 -4.46 -7.53
C VAL A 47 1.07 -5.10 -6.23
N PRO A 48 1.83 -6.12 -5.75
CA PRO A 48 1.48 -6.82 -4.53
C PRO A 48 1.80 -5.96 -3.30
N ALA A 49 0.82 -5.88 -2.41
CA ALA A 49 0.96 -5.10 -1.19
C ALA A 49 2.37 -5.32 -0.63
N GLU A 50 2.69 -6.59 -0.39
CA GLU A 50 3.99 -6.95 0.15
C GLU A 50 5.10 -6.22 -0.61
N GLU A 51 4.95 -6.21 -1.93
CA GLU A 51 5.93 -5.56 -2.79
C GLU A 51 5.42 -4.20 -3.25
N ALA A 52 4.53 -3.64 -2.43
CA ALA A 52 3.95 -2.34 -2.74
C ALA A 52 4.47 -1.30 -1.75
N GLN A 53 5.24 -0.36 -2.27
CA GLN A 53 5.81 0.69 -1.44
C GLN A 53 4.99 1.97 -1.57
N ILE A 54 5.05 2.80 -0.53
CA ILE A 54 4.31 4.05 -0.52
C ILE A 54 5.22 5.15 0.03
N VAL A 55 5.55 6.10 -0.85
CA VAL A 55 6.40 7.21 -0.47
C VAL A 55 5.54 8.44 -0.22
N TYR A 56 5.92 9.19 0.80
CA TYR A 56 5.21 10.40 1.16
C TYR A 56 6.16 11.49 1.67
N MET A 57 5.90 12.71 1.23
CA MET A 57 6.72 13.84 1.63
C MET A 57 8.10 13.79 0.95
N GLU A 58 8.78 12.67 1.13
CA GLU A 58 10.09 12.49 0.55
C GLU A 58 10.69 11.15 0.99
N GLN A 59 10.39 10.79 2.23
CA GLN A 59 10.89 9.55 2.80
C GLN A 59 9.92 8.40 2.50
N LEU A 60 10.48 7.20 2.44
CA LEU A 60 9.68 6.03 2.17
C LEU A 60 8.98 5.57 3.45
N LEU A 61 7.69 5.32 3.34
CA LEU A 61 6.90 4.88 4.48
C LEU A 61 7.18 3.40 4.74
N THR A 62 7.89 3.16 5.84
CA THR A 62 8.22 1.79 6.21
C THR A 62 7.33 1.33 7.38
N ASP A 63 6.03 1.34 7.13
CA ASP A 63 5.07 0.93 8.14
C ASP A 63 3.72 0.69 7.47
N ASP A 64 3.24 -0.54 7.59
CA ASP A 64 1.96 -0.91 7.01
C ASP A 64 0.87 -0.78 8.08
N HIS A 65 1.22 -1.16 9.29
CA HIS A 65 0.29 -1.09 10.40
C HIS A 65 -0.19 0.36 10.57
N CYS A 66 0.67 1.28 10.19
CA CYS A 66 0.36 2.70 10.29
C CYS A 66 -0.80 3.00 9.34
N SER A 67 -1.48 4.10 9.63
CA SER A 67 -2.61 4.53 8.81
C SER A 67 -2.18 5.67 7.89
N LEU A 68 -3.18 6.25 7.22
CA LEU A 68 -2.93 7.35 6.31
C LEU A 68 -3.04 8.67 7.08
N GLY A 69 -4.16 8.81 7.78
CA GLY A 69 -4.41 10.02 8.55
C GLY A 69 -3.34 10.21 9.63
N SER A 70 -2.72 9.10 10.01
CA SER A 70 -1.68 9.13 11.03
C SER A 70 -0.42 9.76 10.46
N TYR A 71 -0.08 9.35 9.24
CA TYR A 71 1.10 9.87 8.58
C TYR A 71 0.93 11.35 8.23
N GLY A 72 -0.33 11.76 8.08
CA GLY A 72 -0.64 13.14 7.75
C GLY A 72 -1.15 13.25 6.31
N LEU A 73 -1.76 12.18 5.84
CA LEU A 73 -2.29 12.15 4.48
C LEU A 73 -3.63 12.89 4.45
N LYS A 74 -3.75 13.78 3.48
CA LYS A 74 -4.98 14.55 3.34
C LYS A 74 -5.51 14.38 1.91
N ASP A 75 -6.69 14.95 1.69
CA ASP A 75 -7.33 14.86 0.38
C ASP A 75 -6.58 15.77 -0.60
N GLY A 76 -6.07 15.15 -1.65
CA GLY A 76 -5.34 15.90 -2.66
C GLY A 76 -3.83 15.64 -2.56
N ASP A 77 -3.50 14.57 -1.86
CA ASP A 77 -2.10 14.20 -1.66
C ASP A 77 -1.63 13.39 -2.88
N MET A 78 -0.38 12.96 -2.79
CA MET A 78 0.22 12.17 -3.87
C MET A 78 1.35 11.29 -3.35
N VAL A 79 1.20 10.00 -3.56
CA VAL A 79 2.20 9.04 -3.12
C VAL A 79 2.77 8.32 -4.34
N VAL A 80 3.93 7.71 -4.13
CA VAL A 80 4.60 6.98 -5.19
C VAL A 80 4.58 5.48 -4.87
N LEU A 81 4.45 4.68 -5.92
CA LEU A 81 4.41 3.23 -5.76
C LEU A 81 5.71 2.64 -6.31
N LEU A 82 6.44 1.97 -5.43
CA LEU A 82 7.69 1.34 -5.81
C LEU A 82 7.57 -0.17 -5.64
N GLN A 83 7.67 -0.87 -6.77
CA GLN A 83 7.58 -2.33 -6.76
C GLN A 83 8.95 -2.94 -6.48
N LYS A 84 8.95 -3.91 -5.57
CA LYS A 84 10.18 -4.58 -5.20
C LYS A 84 10.29 -5.89 -5.98
N ASP A 85 11.39 -6.60 -5.75
CA ASP A 85 11.62 -7.86 -6.42
C ASP A 85 10.52 -8.85 -6.04
N ASN A 86 10.29 -9.81 -6.93
CA ASN A 86 9.27 -10.81 -6.69
C ASN A 86 9.93 -12.13 -6.30
N VAL A 87 11.15 -12.01 -5.76
CA VAL A 87 11.90 -13.18 -5.34
C VAL A 87 12.00 -13.18 -3.82
N GLY A 88 11.31 -12.24 -3.20
CA GLY A 88 11.32 -12.12 -1.75
C GLY A 88 10.00 -12.63 -1.16
N LEU A 89 9.75 -13.91 -1.35
CA LEU A 89 8.54 -14.53 -0.85
C LEU A 89 8.64 -16.05 -1.00
N ARG A 90 8.51 -16.74 0.12
CA ARG A 90 8.58 -18.19 0.12
C ARG A 90 7.84 -18.76 1.33
N THR A 91 6.52 -18.83 1.19
CA THR A 91 5.68 -19.35 2.26
C THR A 91 6.04 -18.69 3.59
N PRO A 92 5.18 -17.71 4.00
CA PRO A 92 5.40 -16.99 5.24
C PRO A 92 5.03 -17.86 6.45
N GLY A 93 3.79 -18.31 6.46
CA GLY A 93 3.30 -19.15 7.54
C GLY A 93 3.79 -18.63 8.89
N ARG A 94 3.14 -17.57 9.35
CA ARG A 94 3.49 -16.97 10.62
C ARG A 94 2.31 -16.18 11.19
N THR A 95 1.73 -16.72 12.26
CA THR A 95 0.60 -16.08 12.89
C THR A 95 0.80 -16.02 14.41
N PRO A 96 1.05 -14.78 14.90
CA PRO A 96 1.27 -14.57 16.33
C PRO A 96 -0.06 -14.65 17.10
N SER A 97 -0.03 -15.42 18.18
CA SER A 97 -1.21 -15.60 19.00
C SER A 97 -0.98 -14.96 20.38
N GLY A 98 -2.05 -14.38 20.91
CA GLY A 98 -1.98 -13.73 22.20
C GLY A 98 -1.38 -14.66 23.26
N PRO A 99 -0.14 -14.33 23.68
CA PRO A 99 0.56 -15.13 24.67
C PRO A 99 -0.02 -14.88 26.07
N SER A 100 0.49 -15.65 27.02
CA SER A 100 0.03 -15.53 28.40
C SER A 100 1.23 -15.29 29.32
N SER A 101 0.95 -14.60 30.43
CA SER A 101 1.99 -14.29 31.39
C SER A 101 2.15 -15.45 32.38
N GLY A 102 3.27 -15.43 33.10
CA GLY A 102 3.55 -16.46 34.07
C GLY A 102 4.85 -16.18 34.82
#